data_9KAH
#
_entry.id   9KAH
#
_cell.length_a   79.900
_cell.length_b   88.870
_cell.length_c   117.970
_cell.angle_alpha   74.438
_cell.angle_beta   74.318
_cell.angle_gamma   68.803
#
_symmetry.space_group_name_H-M   'P 1'
#
loop_
_entity.id
_entity.type
_entity.pdbx_description
1 polymer 'Chalcone synthase'
2 polymer 'Chalcone-flavonone isomerase family protein'
3 non-polymer DI(HYDROXYETHYL)ETHER
4 non-polymer 1,2-ETHANEDIOL
5 water water
#
loop_
_entity_poly.entity_id
_entity_poly.type
_entity_poly.pdbx_seq_one_letter_code
_entity_poly.pdbx_strand_id
1 'polypeptide(L)'
;MNHKVHHHHHHIEGRHMASAGDVTRAALPRAQPRAEGPACVLGIGTAVPPAEFLQSEYPDFFFNITNCGEKEALKAKFKR
ICDKSGIRKRHMFLTEEVLKANPGICTYMEPSLNVRHDIVVVQVPKLAAEAAQKAIKEWGGRKSDITHIVFATTSGVNMP
GADHALAKLLGLKPTVKRVMMYQTG(CSD)FGGASVLRVAKDLAENNKGARVLAVASEVTAVTYRAPSENHLDGLVGSAL
FGDGAGVYVVGSDPKPEVEKPLFEVHWAGETILPESDGAIDGHLTEAGLIFHLMKDVPGLISKNIEKFLNEARKPVGSPA
WNEMFWAVHPGGPAILDQVEAKLKLTKDKMQGSRDILSEFGNMSSASVLFVLDQIRHRSVKMGASTLGEGSEFGFFIGFG
PGLTLEVLVLRAAPNSA
;
A,B,E,F
2 'polypeptide(L)'
;MNHKVHHHHHHIEGRHMGLQVVNVEGIDFATKFAPPTSSTELDLIGHGNTGMEIETVEIRFTAMGFYAEPSISEHLQKWK
GKAVSELVEDDSGFHKELIQVPVEKAVRISIIKGIKGLPYGSALQSSLRDRLVNDDKFEEEEEEALEKLVEFFQPHNLPK
GANIIYHWATPDTVKISLSEEGKIPDEVSYTIEDANVAEALLDLYLGENTITPSTLSSVAEAIAAQVA
;
C,D,G,H
#
# COMPACT_ATOMS: atom_id res chain seq x y z
N ARG A 25 -11.24 -30.24 61.02
CA ARG A 25 -11.46 -28.83 61.27
C ARG A 25 -12.92 -28.42 61.05
N ALA A 26 -13.46 -27.67 62.01
CA ALA A 26 -14.87 -27.30 61.98
C ALA A 26 -15.13 -26.14 61.04
N ALA A 27 -16.37 -26.06 60.56
CA ALA A 27 -16.80 -24.92 59.78
C ALA A 27 -16.82 -23.66 60.64
N LEU A 28 -16.65 -22.53 59.99
CA LEU A 28 -16.73 -21.23 60.62
C LEU A 28 -18.00 -20.51 60.14
N PRO A 29 -18.58 -19.64 60.97
CA PRO A 29 -19.69 -18.81 60.49
C PRO A 29 -19.21 -17.86 59.40
N ARG A 30 -20.13 -17.48 58.52
CA ARG A 30 -19.80 -16.58 57.43
C ARG A 30 -19.12 -15.31 57.96
N ALA A 31 -17.86 -15.12 57.56
CA ALA A 31 -17.02 -14.09 58.16
C ALA A 31 -17.48 -12.69 57.77
N GLN A 32 -17.96 -12.51 56.54
CA GLN A 32 -18.62 -11.29 56.10
C GLN A 32 -20.10 -11.62 55.99
N PRO A 33 -20.94 -11.20 56.94
CA PRO A 33 -22.31 -11.72 56.97
C PRO A 33 -23.09 -11.33 55.71
N ARG A 34 -24.00 -12.20 55.33
CA ARG A 34 -24.85 -11.99 54.17
C ARG A 34 -26.12 -11.26 54.58
N ALA A 35 -26.83 -10.73 53.57
CA ALA A 35 -28.12 -10.09 53.79
C ALA A 35 -29.24 -11.13 53.60
N GLU A 36 -30.47 -10.74 53.92
CA GLU A 36 -31.57 -11.70 53.88
C GLU A 36 -32.51 -11.49 52.70
N GLY A 37 -33.03 -10.29 52.51
CA GLY A 37 -34.07 -10.06 51.54
C GLY A 37 -33.53 -9.90 50.13
N PRO A 38 -34.44 -9.80 49.17
CA PRO A 38 -34.02 -9.59 47.78
C PRO A 38 -33.41 -8.21 47.60
N ALA A 39 -32.49 -8.12 46.65
CA ALA A 39 -31.91 -6.82 46.30
C ALA A 39 -33.00 -5.90 45.78
N CYS A 40 -33.02 -4.67 46.27
CA CYS A 40 -34.04 -3.69 45.92
C CYS A 40 -33.40 -2.48 45.27
N VAL A 41 -34.12 -1.92 44.30
CA VAL A 41 -33.80 -0.60 43.75
C VAL A 41 -34.32 0.44 44.72
N LEU A 42 -33.41 1.18 45.36
CA LEU A 42 -33.76 2.14 46.40
C LEU A 42 -33.79 3.57 45.92
N GLY A 43 -33.25 3.85 44.74
CA GLY A 43 -33.16 5.20 44.23
C GLY A 43 -32.63 5.17 42.81
N ILE A 44 -33.04 6.12 41.97
CA ILE A 44 -32.72 6.13 40.55
C ILE A 44 -32.32 7.55 40.15
N GLY A 45 -31.29 7.67 39.31
CA GLY A 45 -30.90 8.97 38.80
C GLY A 45 -30.37 8.82 37.40
N THR A 46 -30.60 9.84 36.57
CA THR A 46 -30.21 9.81 35.18
C THR A 46 -29.60 11.16 34.83
N ALA A 47 -28.82 11.17 33.75
CA ALA A 47 -28.13 12.39 33.33
C ALA A 47 -27.75 12.27 31.87
N VAL A 48 -27.85 13.39 31.15
CA VAL A 48 -27.50 13.45 29.74
C VAL A 48 -26.66 14.71 29.53
N PRO A 49 -25.84 14.76 28.49
CA PRO A 49 -25.19 16.02 28.14
C PRO A 49 -26.23 17.04 27.69
N PRO A 50 -25.94 18.34 27.84
CA PRO A 50 -27.00 19.34 27.65
C PRO A 50 -27.43 19.55 26.20
N ALA A 51 -26.52 19.44 25.22
CA ALA A 51 -26.86 19.73 23.84
C ALA A 51 -27.86 18.72 23.28
N GLU A 52 -28.94 19.22 22.68
CA GLU A 52 -29.98 18.39 22.11
C GLU A 52 -29.89 18.43 20.59
N PHE A 53 -29.97 17.26 19.95
CA PHE A 53 -29.92 17.15 18.50
C PHE A 53 -31.26 16.60 18.01
N LEU A 54 -32.08 17.46 17.39
CA LEU A 54 -33.35 17.01 16.84
C LEU A 54 -33.09 16.09 15.67
N GLN A 55 -33.74 14.92 15.68
CA GLN A 55 -33.51 13.96 14.62
C GLN A 55 -33.95 14.49 13.27
N SER A 56 -34.94 15.38 13.23
CA SER A 56 -35.36 15.94 11.94
C SER A 56 -34.26 16.82 11.33
N GLU A 57 -33.31 17.30 12.12
CA GLU A 57 -32.25 18.16 11.61
C GLU A 57 -30.90 17.46 11.58
N TYR A 58 -30.82 16.19 12.02
CA TYR A 58 -29.52 15.54 12.17
C TYR A 58 -28.87 15.20 10.83
N PRO A 59 -29.58 14.66 9.83
CA PRO A 59 -28.91 14.36 8.55
C PRO A 59 -28.14 15.55 7.98
N ASP A 60 -28.73 16.75 7.99
CA ASP A 60 -28.02 17.93 7.50
C ASP A 60 -26.78 18.22 8.35
N PHE A 61 -26.93 18.22 9.68
CA PHE A 61 -25.79 18.56 10.54
C PHE A 61 -24.67 17.54 10.41
N PHE A 62 -25.02 16.26 10.51
CA PHE A 62 -24.04 15.19 10.49
C PHE A 62 -23.27 15.16 9.17
N PHE A 63 -23.98 15.21 8.05
CA PHE A 63 -23.32 15.13 6.74
C PHE A 63 -22.51 16.39 6.44
N ASN A 64 -22.91 17.53 6.99
CA ASN A 64 -22.12 18.75 6.78
C ASN A 64 -20.85 18.73 7.62
N ILE A 65 -20.96 18.46 8.92
CA ILE A 65 -19.79 18.51 9.79
C ILE A 65 -18.78 17.40 9.47
N THR A 66 -19.20 16.34 8.78
CA THR A 66 -18.25 15.32 8.31
C THR A 66 -17.80 15.56 6.88
N ASN A 67 -18.23 16.64 6.24
CA ASN A 67 -17.84 16.97 4.86
C ASN A 67 -18.30 15.90 3.87
N CYS A 68 -19.50 15.37 4.07
CA CYS A 68 -20.06 14.40 3.14
C CYS A 68 -21.32 14.91 2.46
N GLY A 69 -21.46 16.22 2.31
CA GLY A 69 -22.69 16.79 1.75
C GLY A 69 -22.90 16.44 0.28
N GLU A 70 -21.84 16.09 -0.43
CA GLU A 70 -21.97 15.70 -1.83
C GLU A 70 -22.54 14.30 -2.00
N LYS A 71 -22.58 13.49 -0.95
CA LYS A 71 -23.01 12.09 -1.07
C LYS A 71 -24.53 12.00 -0.95
N GLU A 72 -25.21 12.36 -2.05
CA GLU A 72 -26.66 12.58 -1.98
C GLU A 72 -27.42 11.28 -1.80
N ALA A 73 -27.02 10.23 -2.51
CA ALA A 73 -27.72 8.96 -2.35
C ALA A 73 -27.48 8.37 -0.96
N LEU A 74 -26.24 8.45 -0.48
CA LEU A 74 -25.92 8.01 0.88
C LEU A 74 -26.73 8.80 1.92
N LYS A 75 -26.78 10.13 1.77
CA LYS A 75 -27.57 10.94 2.68
C LYS A 75 -29.04 10.55 2.64
N ALA A 76 -29.58 10.23 1.44
CA ALA A 76 -30.97 9.80 1.37
C ALA A 76 -31.21 8.52 2.16
N LYS A 77 -30.28 7.57 2.10
CA LYS A 77 -30.44 6.35 2.90
C LYS A 77 -30.43 6.68 4.38
N PHE A 78 -29.59 7.64 4.79
CA PHE A 78 -29.54 8.04 6.19
C PHE A 78 -30.84 8.73 6.62
N LYS A 79 -31.39 9.60 5.75
CA LYS A 79 -32.67 10.24 6.07
C LYS A 79 -33.76 9.19 6.29
N ARG A 80 -33.76 8.16 5.47
CA ARG A 80 -34.74 7.08 5.60
C ARG A 80 -34.61 6.38 6.95
N ILE A 81 -33.39 6.04 7.36
CA ILE A 81 -33.19 5.45 8.69
C ILE A 81 -33.71 6.40 9.77
N CYS A 82 -33.28 7.67 9.72
CA CYS A 82 -33.71 8.63 10.73
C CYS A 82 -35.24 8.76 10.78
N ASP A 83 -35.89 8.85 9.62
CA ASP A 83 -37.35 9.00 9.61
C ASP A 83 -38.07 7.79 10.21
N LYS A 84 -37.51 6.59 10.04
CA LYS A 84 -38.07 5.38 10.61
C LYS A 84 -37.60 5.11 12.04
N SER A 85 -36.64 5.89 12.56
CA SER A 85 -35.96 5.52 13.80
C SER A 85 -36.85 5.61 15.04
N GLY A 86 -37.92 6.39 15.01
CA GLY A 86 -38.70 6.60 16.21
C GLY A 86 -38.02 7.49 17.23
N ILE A 87 -37.01 8.23 16.82
CA ILE A 87 -36.25 9.12 17.70
C ILE A 87 -36.63 10.55 17.35
N ARG A 88 -37.09 11.31 18.36
CA ARG A 88 -37.32 12.75 18.18
C ARG A 88 -36.05 13.56 18.41
N LYS A 89 -35.28 13.23 19.45
CA LYS A 89 -34.03 13.94 19.70
C LYS A 89 -33.06 13.03 20.45
N ARG A 90 -31.78 13.40 20.42
CA ARG A 90 -30.73 12.77 21.21
C ARG A 90 -29.86 13.83 21.86
N HIS A 91 -29.23 13.47 22.98
CA HIS A 91 -28.29 14.34 23.69
C HIS A 91 -26.87 13.89 23.37
N MET A 92 -25.99 14.85 23.10
CA MET A 92 -24.64 14.51 22.69
C MET A 92 -23.64 15.52 23.25
N PHE A 93 -22.55 15.00 23.79
CA PHE A 93 -21.42 15.86 24.14
C PHE A 93 -20.70 16.38 22.91
N LEU A 94 -20.80 15.68 21.78
CA LEU A 94 -20.12 16.07 20.54
C LEU A 94 -20.88 17.20 19.82
N THR A 95 -20.76 18.39 20.37
CA THR A 95 -21.29 19.58 19.70
C THR A 95 -20.42 19.95 18.50
N GLU A 96 -20.91 20.93 17.73
CA GLU A 96 -20.15 21.52 16.63
C GLU A 96 -18.76 21.94 17.10
N GLU A 97 -18.69 22.62 18.24
N GLU A 97 -18.69 22.64 18.24
CA GLU A 97 -17.43 23.12 18.75
CA GLU A 97 -17.42 23.13 18.75
C GLU A 97 -16.46 21.98 19.06
C GLU A 97 -16.46 21.97 19.04
N VAL A 98 -16.96 20.91 19.68
CA VAL A 98 -16.07 19.79 20.02
C VAL A 98 -15.63 19.06 18.76
N LEU A 99 -16.54 18.87 17.81
CA LEU A 99 -16.16 18.22 16.57
C LEU A 99 -15.15 19.05 15.79
N LYS A 100 -15.35 20.37 15.72
CA LYS A 100 -14.37 21.20 15.04
C LYS A 100 -13.01 21.14 15.73
N ALA A 101 -13.01 21.02 17.05
CA ALA A 101 -11.75 20.91 17.79
C ALA A 101 -11.09 19.54 17.65
N ASN A 102 -11.80 18.55 17.09
CA ASN A 102 -11.28 17.18 16.96
C ASN A 102 -11.58 16.67 15.55
N PRO A 103 -10.90 17.22 14.53
CA PRO A 103 -11.21 16.84 13.15
C PRO A 103 -11.00 15.38 12.85
N GLY A 104 -10.08 14.70 13.54
CA GLY A 104 -9.90 13.28 13.30
C GLY A 104 -11.17 12.49 13.53
N ILE A 105 -11.98 12.89 14.51
CA ILE A 105 -13.25 12.22 14.78
C ILE A 105 -14.24 12.40 13.65
N CYS A 106 -14.12 13.47 12.86
CA CYS A 106 -15.03 13.76 11.77
C CYS A 106 -14.63 13.08 10.46
N THR A 107 -13.64 12.22 10.48
CA THR A 107 -13.21 11.49 9.31
C THR A 107 -13.83 10.09 9.35
N TYR A 108 -13.55 9.31 8.32
CA TYR A 108 -14.06 7.95 8.30
C TYR A 108 -13.12 6.99 9.03
N MET A 109 -11.81 7.03 8.72
CA MET A 109 -10.90 6.04 9.29
C MET A 109 -9.51 6.59 9.58
N GLU A 110 -9.37 7.90 9.79
CA GLU A 110 -8.06 8.42 10.18
C GLU A 110 -7.76 8.08 11.65
N PRO A 111 -6.49 8.03 12.03
CA PRO A 111 -6.15 7.75 13.43
C PRO A 111 -6.77 8.78 14.36
N SER A 112 -7.44 8.30 15.41
CA SER A 112 -8.23 9.23 16.21
C SER A 112 -8.52 8.73 17.62
N LEU A 113 -8.05 7.54 17.98
CA LEU A 113 -8.42 6.97 19.27
C LEU A 113 -7.90 7.82 20.43
N ASN A 114 -6.73 8.45 20.25
CA ASN A 114 -6.16 9.22 21.34
C ASN A 114 -7.03 10.42 21.70
N VAL A 115 -7.48 11.18 20.69
CA VAL A 115 -8.33 12.32 21.01
C VAL A 115 -9.72 11.85 21.43
N ARG A 116 -10.13 10.66 21.00
CA ARG A 116 -11.42 10.16 21.47
C ARG A 116 -11.34 9.81 22.95
N HIS A 117 -10.27 9.10 23.35
CA HIS A 117 -10.11 8.78 24.76
C HIS A 117 -10.00 10.05 25.60
N ASP A 118 -9.29 11.07 25.11
CA ASP A 118 -9.21 12.34 25.86
C ASP A 118 -10.59 12.89 26.20
N ILE A 119 -11.58 12.63 25.35
CA ILE A 119 -12.95 13.07 25.67
C ILE A 119 -13.56 12.15 26.71
N VAL A 120 -13.60 10.84 26.43
CA VAL A 120 -14.50 10.00 27.22
C VAL A 120 -13.94 9.70 28.61
N VAL A 121 -12.60 9.73 28.78
N VAL A 121 -12.60 9.73 28.79
CA VAL A 121 -11.99 9.46 30.07
CA VAL A 121 -12.05 9.42 30.11
C VAL A 121 -12.53 10.42 31.12
C VAL A 121 -12.52 10.43 31.15
N VAL A 122 -12.82 11.66 30.72
CA VAL A 122 -13.40 12.66 31.61
C VAL A 122 -14.92 12.55 31.60
N GLN A 123 -15.53 12.51 30.41
CA GLN A 123 -16.98 12.72 30.34
C GLN A 123 -17.77 11.52 30.87
N VAL A 124 -17.27 10.30 30.70
CA VAL A 124 -18.03 9.11 31.12
C VAL A 124 -18.18 9.09 32.65
N PRO A 125 -17.13 9.24 33.46
CA PRO A 125 -17.36 9.29 34.92
C PRO A 125 -18.06 10.56 35.39
N LYS A 126 -17.84 11.69 34.70
CA LYS A 126 -18.52 12.92 35.09
C LYS A 126 -20.03 12.79 34.94
N LEU A 127 -20.49 12.29 33.79
CA LEU A 127 -21.91 12.08 33.58
C LEU A 127 -22.48 11.10 34.59
N ALA A 128 -21.73 10.02 34.89
CA ALA A 128 -22.18 9.05 35.88
C ALA A 128 -22.30 9.68 37.26
N ALA A 129 -21.37 10.57 37.60
CA ALA A 129 -21.42 11.24 38.90
C ALA A 129 -22.64 12.14 39.01
N GLU A 130 -23.02 12.77 37.91
CA GLU A 130 -24.24 13.58 37.91
C GLU A 130 -25.48 12.72 38.12
N ALA A 131 -25.55 11.57 37.45
CA ALA A 131 -26.67 10.65 37.67
C ALA A 131 -26.66 10.09 39.08
N ALA A 132 -25.48 9.74 39.61
CA ALA A 132 -25.37 9.13 40.95
C ALA A 132 -25.82 10.08 42.05
N GLN A 133 -25.47 11.37 41.94
CA GLN A 133 -25.95 12.33 42.93
C GLN A 133 -27.46 12.30 43.05
N LYS A 134 -28.15 12.19 41.91
CA LYS A 134 -29.60 12.15 41.94
C LYS A 134 -30.11 10.84 42.54
N ALA A 135 -29.52 9.70 42.13
CA ALA A 135 -29.94 8.42 42.70
C ALA A 135 -29.76 8.43 44.20
N ILE A 136 -28.64 8.98 44.67
CA ILE A 136 -28.33 9.03 46.09
C ILE A 136 -29.33 9.91 46.82
N LYS A 137 -29.73 11.02 46.19
CA LYS A 137 -30.75 11.88 46.78
C LYS A 137 -32.10 11.18 46.91
N GLU A 138 -32.56 10.48 45.85
CA GLU A 138 -33.82 9.77 46.00
C GLU A 138 -33.73 8.67 47.06
N TRP A 139 -32.63 7.90 47.05
CA TRP A 139 -32.40 6.86 48.05
C TRP A 139 -32.53 7.40 49.46
N GLY A 140 -31.89 8.54 49.73
CA GLY A 140 -32.01 9.17 51.01
C GLY A 140 -30.91 8.83 51.99
N GLY A 141 -30.01 7.91 51.66
CA GLY A 141 -28.89 7.59 52.52
C GLY A 141 -27.72 8.55 52.33
N ARG A 142 -26.61 8.23 52.99
CA ARG A 142 -25.42 9.04 52.88
C ARG A 142 -24.35 8.30 52.11
N LYS A 143 -23.53 9.06 51.37
CA LYS A 143 -22.60 8.44 50.44
C LYS A 143 -21.52 7.61 51.14
N SER A 144 -21.24 7.88 52.41
CA SER A 144 -20.25 7.06 53.10
C SER A 144 -20.73 5.65 53.33
N ASP A 145 -22.04 5.39 53.17
CA ASP A 145 -22.61 4.05 53.30
C ASP A 145 -22.63 3.28 51.98
N ILE A 146 -22.21 3.89 50.86
CA ILE A 146 -22.04 3.15 49.61
C ILE A 146 -20.85 2.20 49.79
N THR A 147 -21.09 0.90 49.59
CA THR A 147 -20.05 -0.11 49.77
C THR A 147 -19.49 -0.67 48.48
N HIS A 148 -20.20 -0.49 47.35
CA HIS A 148 -19.81 -1.13 46.09
C HIS A 148 -20.16 -0.22 44.91
N ILE A 149 -19.32 -0.28 43.87
CA ILE A 149 -19.63 0.29 42.56
C ILE A 149 -19.58 -0.83 41.53
N VAL A 150 -20.64 -0.97 40.74
CA VAL A 150 -20.67 -1.81 39.55
C VAL A 150 -20.94 -0.88 38.37
N PHE A 151 -20.02 -0.85 37.40
CA PHE A 151 -19.98 0.18 36.37
C PHE A 151 -19.86 -0.49 35.00
N ALA A 152 -20.81 -0.21 34.10
CA ALA A 152 -20.72 -0.65 32.71
C ALA A 152 -20.58 0.55 31.79
N THR A 153 -19.79 0.37 30.73
CA THR A 153 -19.75 1.36 29.67
C THR A 153 -19.23 0.67 28.43
N THR A 154 -19.49 1.30 27.29
CA THR A 154 -18.95 0.91 26.02
C THR A 154 -18.10 2.03 25.44
N SER A 155 -17.84 3.07 26.23
CA SER A 155 -17.30 4.32 25.72
C SER A 155 -15.86 4.48 26.17
N GLY A 156 -14.97 3.68 25.61
CA GLY A 156 -13.55 3.82 25.90
C GLY A 156 -13.16 3.08 27.17
N VAL A 157 -11.83 3.04 27.41
CA VAL A 157 -11.28 2.40 28.60
C VAL A 157 -10.11 3.25 29.08
N ASN A 158 -9.78 3.11 30.37
CA ASN A 158 -8.69 3.86 30.99
C ASN A 158 -8.17 3.11 32.20
N MET A 159 -6.94 3.47 32.62
CA MET A 159 -6.33 2.96 33.85
C MET A 159 -5.73 4.12 34.63
N PRO A 160 -6.18 4.39 35.88
CA PRO A 160 -7.30 3.77 36.62
C PRO A 160 -8.62 3.80 35.83
N GLY A 161 -9.59 2.94 36.17
CA GLY A 161 -10.83 2.88 35.41
C GLY A 161 -11.84 3.95 35.82
N ALA A 162 -12.93 4.02 35.04
CA ALA A 162 -13.97 5.03 35.27
C ALA A 162 -14.62 4.83 36.62
N ASP A 163 -14.62 3.60 37.13
CA ASP A 163 -15.13 3.33 38.47
C ASP A 163 -14.31 4.06 39.51
N HIS A 164 -12.98 3.97 39.42
CA HIS A 164 -12.11 4.72 40.31
C HIS A 164 -12.34 6.21 40.18
N ALA A 165 -12.43 6.71 38.94
CA ALA A 165 -12.69 8.13 38.71
C ALA A 165 -14.02 8.56 39.33
N LEU A 166 -15.05 7.72 39.19
CA LEU A 166 -16.34 8.01 39.78
C LEU A 166 -16.24 8.06 41.30
N ALA A 167 -15.57 7.08 41.90
CA ALA A 167 -15.40 7.09 43.35
C ALA A 167 -14.81 8.41 43.83
N LYS A 168 -13.84 8.96 43.10
CA LYS A 168 -13.22 10.21 43.54
C LYS A 168 -14.18 11.38 43.36
N LEU A 169 -14.89 11.42 42.23
CA LEU A 169 -15.82 12.52 41.98
C LEU A 169 -16.87 12.59 43.07
N LEU A 170 -17.36 11.44 43.53
CA LEU A 170 -18.38 11.41 44.57
C LEU A 170 -17.79 11.51 45.96
N GLY A 171 -16.48 11.36 46.11
CA GLY A 171 -15.86 11.35 47.42
C GLY A 171 -16.25 10.16 48.26
N LEU A 172 -16.28 8.96 47.67
CA LEU A 172 -16.63 7.76 48.43
C LEU A 172 -15.46 7.30 49.30
N LYS A 173 -15.75 6.39 50.23
CA LYS A 173 -14.72 5.81 51.07
C LYS A 173 -13.67 5.11 50.21
N PRO A 174 -12.40 5.13 50.63
CA PRO A 174 -11.35 4.46 49.85
C PRO A 174 -11.53 2.96 49.77
N THR A 175 -12.35 2.38 50.65
CA THR A 175 -12.57 0.95 50.69
C THR A 175 -13.77 0.48 49.85
N VAL A 176 -14.34 1.32 48.98
CA VAL A 176 -15.46 0.87 48.14
C VAL A 176 -14.99 -0.25 47.23
N LYS A 177 -15.75 -1.34 47.17
CA LYS A 177 -15.42 -2.48 46.32
C LYS A 177 -15.97 -2.24 44.92
N ARG A 178 -15.19 -2.56 43.90
CA ARG A 178 -15.53 -2.11 42.55
C ARG A 178 -15.53 -3.25 41.55
N VAL A 179 -16.47 -3.19 40.59
CA VAL A 179 -16.56 -4.12 39.47
C VAL A 179 -16.70 -3.25 38.22
N MET A 180 -15.62 -3.15 37.45
CA MET A 180 -15.59 -2.32 36.25
C MET A 180 -15.80 -3.23 35.03
N MET A 181 -16.92 -3.06 34.35
CA MET A 181 -17.21 -3.84 33.15
C MET A 181 -17.12 -2.92 31.93
N TYR A 182 -15.93 -2.82 31.36
CA TYR A 182 -15.68 -2.08 30.13
C TYR A 182 -16.14 -2.87 28.90
N GLN A 183 -16.53 -2.13 27.86
CA GLN A 183 -16.83 -2.69 26.54
C GLN A 183 -18.01 -3.66 26.57
N THR A 184 -19.06 -3.37 27.35
CA THR A 184 -20.19 -4.31 27.41
C THR A 184 -21.01 -4.30 26.13
N GLY A 185 -21.35 -3.12 25.62
CA GLY A 185 -22.37 -3.05 24.59
C GLY A 185 -23.73 -2.93 25.26
N PHE A 187 -26.10 -4.72 26.37
CA PHE A 187 -26.68 -5.52 27.44
C PHE A 187 -26.13 -5.08 28.81
N GLY A 188 -25.24 -4.07 28.82
CA GLY A 188 -24.51 -3.76 30.04
C GLY A 188 -25.36 -3.24 31.18
N GLY A 189 -26.49 -2.61 30.88
CA GLY A 189 -27.35 -2.09 31.94
C GLY A 189 -28.02 -3.21 32.73
N ALA A 190 -28.40 -4.28 32.04
CA ALA A 190 -28.84 -5.50 32.72
C ALA A 190 -27.69 -6.15 33.49
N SER A 191 -26.47 -6.09 32.95
CA SER A 191 -25.34 -6.76 33.60
C SER A 191 -25.06 -6.14 34.96
N VAL A 192 -25.13 -4.80 35.08
CA VAL A 192 -24.81 -4.17 36.35
C VAL A 192 -25.88 -4.48 37.38
N LEU A 193 -27.15 -4.58 36.95
CA LEU A 193 -28.18 -4.96 37.92
C LEU A 193 -27.99 -6.41 38.37
N ARG A 194 -27.60 -7.30 37.45
CA ARG A 194 -27.33 -8.69 37.81
C ARG A 194 -26.17 -8.81 38.80
N VAL A 195 -25.06 -8.10 38.53
CA VAL A 195 -23.95 -8.14 39.48
C VAL A 195 -24.34 -7.50 40.80
N ALA A 196 -25.08 -6.37 40.75
CA ALA A 196 -25.50 -5.72 41.99
C ALA A 196 -26.39 -6.63 42.83
N LYS A 197 -27.24 -7.43 42.18
CA LYS A 197 -28.08 -8.38 42.92
C LYS A 197 -27.25 -9.25 43.86
N ASP A 198 -26.19 -9.89 43.34
CA ASP A 198 -25.44 -10.83 44.16
C ASP A 198 -24.58 -10.11 45.20
N LEU A 199 -24.01 -8.95 44.82
CA LEU A 199 -23.21 -8.18 45.78
C LEU A 199 -24.05 -7.71 46.95
N ALA A 200 -25.28 -7.25 46.68
CA ALA A 200 -26.13 -6.72 47.75
C ALA A 200 -26.70 -7.85 48.61
N GLU A 201 -27.15 -8.95 47.98
CA GLU A 201 -27.74 -10.05 48.73
C GLU A 201 -26.70 -10.79 49.57
N ASN A 202 -25.44 -10.85 49.12
CA ASN A 202 -24.45 -11.62 49.85
C ASN A 202 -23.68 -10.81 50.89
N ASN A 203 -24.04 -9.54 51.10
CA ASN A 203 -23.28 -8.69 52.01
C ASN A 203 -24.24 -7.84 52.83
N LYS A 204 -24.35 -8.17 54.12
CA LYS A 204 -25.24 -7.46 55.03
C LYS A 204 -24.92 -5.97 55.06
N GLY A 205 -25.94 -5.14 54.81
CA GLY A 205 -25.79 -3.70 54.81
C GLY A 205 -25.19 -3.11 53.55
N ALA A 206 -24.80 -3.93 52.57
CA ALA A 206 -24.20 -3.39 51.36
C ALA A 206 -25.19 -2.50 50.60
N ARG A 207 -24.68 -1.37 50.11
CA ARG A 207 -25.43 -0.43 49.28
C ARG A 207 -24.60 -0.18 48.02
N VAL A 208 -25.15 -0.57 46.87
CA VAL A 208 -24.40 -0.68 45.63
C VAL A 208 -24.83 0.42 44.67
N LEU A 209 -23.85 1.12 44.09
CA LEU A 209 -24.09 1.98 42.94
C LEU A 209 -23.95 1.15 41.66
N ALA A 210 -25.08 0.89 41.00
CA ALA A 210 -25.11 0.20 39.71
C ALA A 210 -25.17 1.27 38.63
N VAL A 211 -24.13 1.33 37.81
CA VAL A 211 -23.83 2.50 36.98
C VAL A 211 -23.70 2.07 35.53
N ALA A 212 -24.33 2.82 34.64
CA ALA A 212 -24.12 2.67 33.20
C ALA A 212 -24.01 4.08 32.64
N SER A 213 -22.92 4.37 31.92
CA SER A 213 -22.68 5.71 31.41
C SER A 213 -22.09 5.55 30.03
N GLU A 214 -22.61 6.32 29.06
CA GLU A 214 -22.22 6.18 27.66
C GLU A 214 -22.06 7.57 27.04
N VAL A 215 -20.97 7.75 26.29
CA VAL A 215 -20.68 8.96 25.53
C VAL A 215 -20.16 8.52 24.17
N THR A 216 -20.84 8.93 23.08
CA THR A 216 -20.62 8.40 21.73
C THR A 216 -19.32 8.83 21.11
N ALA A 217 -18.35 9.42 21.81
CA ALA A 217 -17.17 9.94 21.12
C ALA A 217 -16.24 8.82 20.64
N VAL A 218 -16.41 7.58 21.10
CA VAL A 218 -15.53 6.52 20.62
C VAL A 218 -16.11 5.83 19.38
N THR A 219 -17.42 5.93 19.14
CA THR A 219 -18.02 5.31 17.96
C THR A 219 -18.35 6.29 16.84
N TYR A 220 -18.45 7.59 17.14
CA TYR A 220 -18.82 8.57 16.12
C TYR A 220 -17.90 8.46 14.93
N ARG A 221 -18.48 8.52 13.73
CA ARG A 221 -17.73 8.29 12.51
C ARG A 221 -18.46 8.90 11.33
N ALA A 222 -17.69 9.42 10.37
CA ALA A 222 -18.27 9.92 9.14
C ALA A 222 -19.02 8.81 8.40
N PRO A 223 -20.11 9.15 7.73
CA PRO A 223 -20.86 8.13 6.97
C PRO A 223 -20.09 7.67 5.74
N SER A 224 -20.33 6.42 5.34
CA SER A 224 -19.61 5.83 4.22
C SER A 224 -20.47 4.79 3.53
N GLU A 225 -20.45 4.79 2.19
CA GLU A 225 -21.15 3.77 1.44
C GLU A 225 -20.52 2.39 1.66
N ASN A 226 -19.28 2.35 2.15
CA ASN A 226 -18.63 1.10 2.47
C ASN A 226 -18.95 0.62 3.87
N HIS A 227 -19.79 1.34 4.61
CA HIS A 227 -20.13 0.98 5.98
C HIS A 227 -21.62 1.27 6.21
N LEU A 228 -22.47 0.67 5.38
CA LEU A 228 -23.89 1.04 5.39
C LEU A 228 -24.54 0.71 6.72
N ASP A 229 -24.18 -0.42 7.34
CA ASP A 229 -24.73 -0.73 8.66
C ASP A 229 -24.27 0.28 9.71
N GLY A 230 -23.11 0.92 9.50
CA GLY A 230 -22.68 1.97 10.40
C GLY A 230 -23.61 3.18 10.40
N LEU A 231 -24.32 3.41 9.28
CA LEU A 231 -25.35 4.44 9.27
C LEU A 231 -26.40 4.23 10.33
N VAL A 232 -26.65 2.97 10.73
CA VAL A 232 -27.69 2.69 11.72
C VAL A 232 -27.25 3.18 13.09
N GLY A 233 -26.02 2.85 13.50
CA GLY A 233 -25.49 3.39 14.75
C GLY A 233 -25.47 4.90 14.74
N SER A 234 -25.11 5.50 13.60
CA SER A 234 -25.04 6.97 13.55
C SER A 234 -26.41 7.60 13.72
N ALA A 235 -27.47 6.88 13.34
CA ALA A 235 -28.83 7.38 13.49
C ALA A 235 -29.41 7.12 14.89
N LEU A 236 -28.91 6.10 15.60
CA LEU A 236 -29.56 5.65 16.83
C LEU A 236 -28.81 6.05 18.10
N PHE A 237 -27.48 6.02 18.10
CA PHE A 237 -26.72 6.13 19.34
C PHE A 237 -26.74 7.55 19.88
N GLY A 238 -27.15 7.69 21.16
CA GLY A 238 -27.04 8.94 21.90
C GLY A 238 -26.24 8.73 23.20
N ASP A 239 -26.15 9.80 23.99
CA ASP A 239 -25.38 9.83 25.23
C ASP A 239 -26.31 9.83 26.45
N GLY A 240 -25.84 9.26 27.56
CA GLY A 240 -26.56 9.29 28.82
C GLY A 240 -26.00 8.36 29.89
N ALA A 241 -26.42 8.56 31.13
CA ALA A 241 -25.98 7.71 32.22
C ALA A 241 -27.17 7.49 33.14
N GLY A 242 -27.31 6.26 33.63
CA GLY A 242 -28.25 5.96 34.68
C GLY A 242 -27.51 5.33 35.85
N VAL A 243 -28.03 5.56 37.05
CA VAL A 243 -27.44 4.98 38.25
C VAL A 243 -28.57 4.55 39.18
N TYR A 244 -28.51 3.33 39.68
CA TYR A 244 -29.40 2.85 40.73
C TYR A 244 -28.61 2.65 42.02
N VAL A 245 -29.24 2.96 43.15
CA VAL A 245 -28.79 2.47 44.45
C VAL A 245 -29.52 1.15 44.71
N VAL A 246 -28.75 0.08 44.94
CA VAL A 246 -29.28 -1.27 45.10
C VAL A 246 -28.86 -1.80 46.46
N GLY A 247 -29.83 -2.31 47.22
CA GLY A 247 -29.52 -2.91 48.51
C GLY A 247 -30.65 -3.80 48.97
N SER A 248 -30.31 -4.83 49.73
CA SER A 248 -31.26 -5.70 50.38
C SER A 248 -31.58 -5.18 51.77
N ASP A 249 -32.71 -5.62 52.30
CA ASP A 249 -33.16 -5.30 53.65
C ASP A 249 -33.27 -3.79 53.85
N PRO A 250 -34.21 -3.12 53.16
CA PRO A 250 -34.35 -1.67 53.34
C PRO A 250 -34.79 -1.33 54.75
N LYS A 251 -34.20 -0.29 55.31
CA LYS A 251 -34.57 0.17 56.65
C LYS A 251 -36.02 0.65 56.65
N PRO A 252 -36.89 0.05 57.46
CA PRO A 252 -38.31 0.43 57.43
C PRO A 252 -38.49 1.91 57.77
N GLU A 253 -39.32 2.57 56.98
CA GLU A 253 -39.69 3.98 57.09
C GLU A 253 -38.51 4.93 56.84
N VAL A 254 -37.35 4.42 56.44
CA VAL A 254 -36.19 5.24 56.14
C VAL A 254 -35.77 5.11 54.67
N GLU A 255 -35.70 3.87 54.19
CA GLU A 255 -35.47 3.59 52.78
C GLU A 255 -36.76 3.04 52.19
N LYS A 256 -36.99 3.34 50.92
CA LYS A 256 -38.22 2.93 50.24
C LYS A 256 -37.85 2.18 48.97
N PRO A 257 -38.10 0.87 48.90
CA PRO A 257 -37.81 0.15 47.66
C PRO A 257 -38.81 0.52 46.57
N LEU A 258 -38.28 0.73 45.36
CA LEU A 258 -39.07 0.96 44.15
C LEU A 258 -39.35 -0.35 43.42
N PHE A 259 -38.34 -1.22 43.33
CA PHE A 259 -38.46 -2.53 42.69
C PHE A 259 -37.58 -3.51 43.45
N GLU A 260 -38.06 -4.75 43.57
CA GLU A 260 -37.27 -5.87 44.07
C GLU A 260 -36.76 -6.70 42.90
N VAL A 261 -35.53 -7.15 42.98
CA VAL A 261 -34.94 -8.03 41.96
C VAL A 261 -35.11 -9.46 42.44
N HIS A 262 -35.80 -10.29 41.66
CA HIS A 262 -36.02 -11.67 42.07
C HIS A 262 -35.31 -12.71 41.21
N TRP A 263 -34.86 -12.34 40.01
CA TRP A 263 -34.24 -13.33 39.14
C TRP A 263 -33.34 -12.58 38.18
N ALA A 264 -32.16 -13.14 37.90
CA ALA A 264 -31.24 -12.57 36.92
C ALA A 264 -30.60 -13.71 36.15
N GLY A 265 -30.65 -13.64 34.82
CA GLY A 265 -30.07 -14.68 34.00
C GLY A 265 -29.76 -14.15 32.62
N GLU A 266 -29.11 -15.01 31.83
CA GLU A 266 -28.77 -14.59 30.47
C GLU A 266 -28.58 -15.82 29.60
N THR A 267 -28.62 -15.61 28.29
CA THR A 267 -28.37 -16.69 27.34
C THR A 267 -27.87 -16.13 26.01
N ILE A 268 -27.02 -16.90 25.36
CA ILE A 268 -26.72 -16.68 23.95
C ILE A 268 -27.87 -17.23 23.11
N LEU A 269 -28.23 -16.52 22.04
CA LEU A 269 -29.36 -17.00 21.24
C LEU A 269 -28.89 -18.01 20.20
N PRO A 270 -29.72 -19.03 19.94
CA PRO A 270 -29.40 -19.99 18.87
C PRO A 270 -29.20 -19.32 17.53
N GLU A 271 -28.22 -19.83 16.76
CA GLU A 271 -27.90 -19.38 15.41
C GLU A 271 -27.63 -17.87 15.33
N SER A 272 -27.27 -17.24 16.44
CA SER A 272 -26.98 -15.81 16.46
C SER A 272 -25.50 -15.50 16.47
N ASP A 273 -24.63 -16.51 16.49
CA ASP A 273 -23.20 -16.26 16.62
C ASP A 273 -22.71 -15.40 15.46
N GLY A 274 -21.83 -14.44 15.79
CA GLY A 274 -21.30 -13.52 14.80
C GLY A 274 -22.21 -12.38 14.38
N ALA A 275 -23.35 -12.19 15.03
CA ALA A 275 -24.31 -11.18 14.58
C ALA A 275 -23.79 -9.76 14.73
N ILE A 276 -22.94 -9.50 15.73
CA ILE A 276 -22.42 -8.16 16.00
C ILE A 276 -20.94 -8.27 16.34
N ASP A 277 -20.10 -7.55 15.59
CA ASP A 277 -18.70 -7.39 15.92
C ASP A 277 -18.43 -5.94 16.32
N GLY A 278 -17.59 -5.76 17.35
CA GLY A 278 -17.12 -4.44 17.74
C GLY A 278 -15.63 -4.43 17.92
N HIS A 279 -14.92 -3.78 16.99
CA HIS A 279 -13.45 -3.76 17.01
C HIS A 279 -13.00 -2.39 17.51
N LEU A 280 -12.20 -2.39 18.58
CA LEU A 280 -11.60 -1.14 19.03
C LEU A 280 -10.29 -0.97 18.27
N THR A 281 -10.20 0.07 17.45
CA THR A 281 -9.12 0.23 16.49
C THR A 281 -8.44 1.57 16.71
N GLU A 282 -7.35 1.81 15.96
CA GLU A 282 -6.68 3.11 15.98
C GLU A 282 -7.60 4.25 15.58
N ALA A 283 -8.71 3.93 14.92
CA ALA A 283 -9.73 4.88 14.49
C ALA A 283 -10.96 4.86 15.40
N GLY A 284 -10.85 4.29 16.59
CA GLY A 284 -12.00 4.18 17.49
C GLY A 284 -12.74 2.87 17.34
N LEU A 285 -13.96 2.84 17.88
CA LEU A 285 -14.77 1.62 17.91
C LEU A 285 -15.64 1.52 16.66
N ILE A 286 -15.54 0.39 15.95
CA ILE A 286 -16.30 0.10 14.73
C ILE A 286 -17.22 -1.07 14.99
N PHE A 287 -18.51 -0.91 14.69
CA PHE A 287 -19.47 -2.00 14.76
C PHE A 287 -19.74 -2.56 13.38
N HIS A 288 -19.76 -3.90 13.27
CA HIS A 288 -20.22 -4.60 12.08
C HIS A 288 -21.46 -5.41 12.42
N LEU A 289 -22.54 -5.18 11.67
CA LEU A 289 -23.80 -5.91 11.84
C LEU A 289 -23.89 -6.92 10.70
N MET A 290 -23.85 -8.20 11.06
CA MET A 290 -23.74 -9.27 10.09
C MET A 290 -24.99 -10.13 10.01
N LYS A 291 -25.95 -9.95 10.91
CA LYS A 291 -27.19 -10.73 10.91
C LYS A 291 -28.34 -9.85 11.38
N ASP A 292 -29.55 -10.35 11.16
CA ASP A 292 -30.80 -9.67 11.49
C ASP A 292 -31.03 -9.78 12.99
N VAL A 293 -30.64 -8.76 13.74
CA VAL A 293 -30.72 -8.76 15.20
C VAL A 293 -32.18 -8.70 15.68
N PRO A 294 -33.03 -7.78 15.19
CA PRO A 294 -34.45 -7.87 15.57
C PRO A 294 -35.06 -9.25 15.31
N GLY A 295 -34.74 -9.88 14.18
CA GLY A 295 -35.28 -11.20 13.89
C GLY A 295 -34.82 -12.26 14.87
N LEU A 296 -33.51 -12.25 15.20
CA LEU A 296 -32.97 -13.26 16.11
C LEU A 296 -33.57 -13.12 17.51
N ILE A 297 -33.70 -11.89 18.00
CA ILE A 297 -34.27 -11.69 19.33
C ILE A 297 -35.73 -12.11 19.37
N SER A 298 -36.54 -11.60 18.44
CA SER A 298 -37.97 -11.91 18.50
C SER A 298 -38.23 -13.41 18.32
N LYS A 299 -37.47 -14.08 17.45
CA LYS A 299 -37.68 -15.52 17.25
C LYS A 299 -37.40 -16.32 18.51
N ASN A 300 -36.44 -15.91 19.32
CA ASN A 300 -35.96 -16.73 20.43
C ASN A 300 -36.31 -16.20 21.81
N ILE A 301 -36.93 -15.03 21.92
CA ILE A 301 -37.02 -14.41 23.25
C ILE A 301 -38.04 -15.14 24.12
N GLU A 302 -39.14 -15.61 23.53
CA GLU A 302 -40.23 -16.13 24.36
C GLU A 302 -39.79 -17.40 25.11
N LYS A 303 -39.04 -18.28 24.46
CA LYS A 303 -38.62 -19.50 25.12
C LYS A 303 -37.79 -19.20 26.37
N PHE A 304 -36.95 -18.15 26.31
CA PHE A 304 -36.15 -17.79 27.49
C PHE A 304 -37.00 -17.09 28.55
N LEU A 305 -37.85 -16.14 28.13
CA LEU A 305 -38.72 -15.46 29.10
C LEU A 305 -39.63 -16.45 29.81
N ASN A 306 -40.05 -17.52 29.12
CA ASN A 306 -40.92 -18.51 29.75
C ASN A 306 -40.23 -19.22 30.92
N GLU A 307 -38.90 -19.42 30.84
CA GLU A 307 -38.19 -19.94 32.00
C GLU A 307 -38.06 -18.89 33.08
N ALA A 308 -37.74 -17.65 32.70
CA ALA A 308 -37.49 -16.61 33.70
C ALA A 308 -38.70 -16.34 34.57
N ARG A 309 -39.92 -16.43 34.02
CA ARG A 309 -41.09 -16.04 34.79
C ARG A 309 -41.56 -17.13 35.75
N LYS A 310 -41.10 -18.36 35.59
CA LYS A 310 -41.58 -19.45 36.45
C LYS A 310 -41.39 -19.18 37.93
N PRO A 311 -40.27 -18.64 38.40
CA PRO A 311 -40.13 -18.41 39.84
C PRO A 311 -41.08 -17.38 40.42
N VAL A 312 -41.74 -16.56 39.59
CA VAL A 312 -42.71 -15.60 40.12
C VAL A 312 -44.13 -16.01 39.77
N GLY A 313 -44.36 -17.28 39.47
CA GLY A 313 -45.71 -17.79 39.23
C GLY A 313 -46.15 -17.77 37.79
N SER A 314 -45.24 -17.52 36.86
CA SER A 314 -45.53 -17.49 35.43
C SER A 314 -46.77 -16.65 35.07
N PRO A 315 -46.76 -15.36 35.42
CA PRO A 315 -47.84 -14.48 34.95
C PRO A 315 -47.88 -14.41 33.44
N ALA A 316 -49.07 -14.11 32.89
CA ALA A 316 -49.21 -13.91 31.46
C ALA A 316 -48.42 -12.69 31.02
N TRP A 317 -47.98 -12.69 29.76
CA TRP A 317 -47.17 -11.58 29.24
C TRP A 317 -47.84 -10.23 29.45
N ASN A 318 -49.16 -10.15 29.19
CA ASN A 318 -49.87 -8.88 29.33
C ASN A 318 -50.27 -8.59 30.76
N GLU A 319 -49.92 -9.45 31.71
CA GLU A 319 -49.97 -9.13 33.13
C GLU A 319 -48.63 -8.64 33.68
N MET A 320 -47.63 -8.37 32.84
CA MET A 320 -46.31 -7.95 33.32
C MET A 320 -45.92 -6.60 32.69
N PHE A 321 -44.96 -5.92 33.31
CA PHE A 321 -44.40 -4.70 32.69
C PHE A 321 -43.10 -5.04 31.98
N TRP A 322 -42.67 -4.13 31.08
CA TRP A 322 -41.66 -4.48 30.07
C TRP A 322 -40.63 -3.35 29.96
N ALA A 323 -39.61 -3.39 30.82
CA ALA A 323 -38.47 -2.48 30.71
C ALA A 323 -37.47 -3.07 29.72
N VAL A 324 -37.73 -2.85 28.43
CA VAL A 324 -36.94 -3.43 27.35
C VAL A 324 -35.97 -2.39 26.81
N HIS A 325 -34.71 -2.77 26.64
CA HIS A 325 -33.70 -1.92 26.03
C HIS A 325 -34.18 -1.45 24.65
N PRO A 326 -34.31 -0.13 24.41
CA PRO A 326 -34.75 0.34 23.08
C PRO A 326 -33.60 0.40 22.08
N GLY A 327 -33.15 -0.78 21.65
CA GLY A 327 -32.05 -0.82 20.70
C GLY A 327 -32.39 -0.18 19.37
N GLY A 328 -33.63 -0.33 18.92
CA GLY A 328 -34.14 0.35 17.76
C GLY A 328 -35.61 0.02 17.61
N PRO A 329 -36.34 0.72 16.71
CA PRO A 329 -37.78 0.46 16.60
C PRO A 329 -38.12 -0.96 16.20
N ALA A 330 -37.33 -1.58 15.31
CA ALA A 330 -37.68 -2.91 14.82
C ALA A 330 -37.69 -3.94 15.93
N ILE A 331 -36.73 -3.85 16.87
CA ILE A 331 -36.70 -4.83 17.96
C ILE A 331 -37.96 -4.72 18.80
N LEU A 332 -38.35 -3.50 19.16
CA LEU A 332 -39.54 -3.33 19.97
C LEU A 332 -40.80 -3.76 19.22
N ASP A 333 -40.89 -3.44 17.92
CA ASP A 333 -42.05 -3.84 17.13
C ASP A 333 -42.15 -5.36 17.02
N GLN A 334 -41.03 -6.01 16.68
CA GLN A 334 -41.10 -7.44 16.43
C GLN A 334 -41.30 -8.24 17.71
N VAL A 335 -40.78 -7.74 18.84
CA VAL A 335 -41.00 -8.43 20.11
C VAL A 335 -42.45 -8.27 20.55
N GLU A 336 -42.95 -7.04 20.52
CA GLU A 336 -44.36 -6.76 20.79
C GLU A 336 -45.29 -7.66 19.98
N ALA A 337 -44.98 -7.86 18.70
CA ALA A 337 -45.85 -8.67 17.84
C ALA A 337 -45.72 -10.15 18.17
N LYS A 338 -44.50 -10.63 18.43
CA LYS A 338 -44.33 -12.04 18.77
C LYS A 338 -45.07 -12.39 20.04
N LEU A 339 -44.97 -11.54 21.06
CA LEU A 339 -45.57 -11.86 22.35
C LEU A 339 -47.00 -11.37 22.45
N LYS A 340 -47.53 -10.77 21.39
CA LYS A 340 -48.90 -10.24 21.35
C LYS A 340 -49.17 -9.33 22.53
N LEU A 341 -48.23 -8.43 22.79
CA LEU A 341 -48.42 -7.47 23.86
C LEU A 341 -49.43 -6.41 23.43
N THR A 342 -50.26 -5.98 24.38
CA THR A 342 -51.00 -4.74 24.17
C THR A 342 -50.03 -3.58 24.06
N LYS A 343 -50.43 -2.55 23.31
CA LYS A 343 -49.52 -1.50 22.85
C LYS A 343 -48.98 -0.62 23.98
N ASP A 344 -49.57 -0.66 25.17
CA ASP A 344 -49.04 0.08 26.31
C ASP A 344 -47.75 -0.53 26.89
N LYS A 345 -47.52 -1.83 26.68
CA LYS A 345 -46.41 -2.50 27.35
C LYS A 345 -45.06 -1.89 26.96
N MET A 346 -44.86 -1.62 25.67
CA MET A 346 -43.62 -1.09 25.12
C MET A 346 -43.57 0.43 25.15
N GLN A 347 -44.53 1.10 25.77
CA GLN A 347 -44.57 2.55 25.67
C GLN A 347 -43.39 3.18 26.41
N GLY A 348 -43.05 2.66 27.60
CA GLY A 348 -41.90 3.20 28.31
C GLY A 348 -40.64 3.16 27.48
N SER A 349 -40.41 2.03 26.81
CA SER A 349 -39.24 1.89 25.93
C SER A 349 -39.30 2.88 24.78
N ARG A 350 -40.46 3.01 24.13
CA ARG A 350 -40.59 3.92 23.02
C ARG A 350 -40.44 5.37 23.46
N ASP A 351 -40.84 5.68 24.71
CA ASP A 351 -40.65 7.04 25.22
C ASP A 351 -39.17 7.38 25.31
N ILE A 352 -38.37 6.43 25.81
CA ILE A 352 -36.93 6.65 25.91
C ILE A 352 -36.30 6.72 24.53
N LEU A 353 -36.68 5.81 23.63
CA LEU A 353 -36.18 5.89 22.26
C LEU A 353 -36.48 7.26 21.66
N SER A 354 -37.69 7.76 21.88
CA SER A 354 -38.09 9.06 21.32
C SER A 354 -37.22 10.20 21.86
N GLU A 355 -37.05 10.27 23.18
CA GLU A 355 -36.42 11.44 23.78
C GLU A 355 -34.91 11.31 23.92
N PHE A 356 -34.36 10.11 23.82
CA PHE A 356 -32.93 9.96 24.02
C PHE A 356 -32.23 9.08 22.99
N GLY A 357 -32.96 8.39 22.11
CA GLY A 357 -32.30 7.39 21.27
C GLY A 357 -31.76 6.19 22.06
N ASN A 358 -30.84 5.47 21.41
CA ASN A 358 -30.20 4.30 22.00
C ASN A 358 -28.95 4.76 22.75
N MET A 359 -29.02 4.81 24.10
CA MET A 359 -27.88 5.16 24.94
C MET A 359 -27.08 3.95 25.40
N SER A 360 -27.05 2.88 24.60
N SER A 360 -27.07 2.88 24.61
CA SER A 360 -26.26 1.67 24.85
CA SER A 360 -26.28 1.66 24.84
C SER A 360 -26.60 1.13 26.23
C SER A 360 -26.61 1.13 26.24
N SER A 361 -25.60 0.84 27.09
CA SER A 361 -25.89 0.16 28.35
C SER A 361 -26.78 0.98 29.28
N ALA A 362 -26.82 2.31 29.13
CA ALA A 362 -27.62 3.14 30.02
C ALA A 362 -29.12 3.12 29.72
N SER A 363 -29.54 2.78 28.49
CA SER A 363 -30.92 3.04 28.08
C SER A 363 -31.94 2.31 28.96
N VAL A 364 -31.71 1.04 29.26
CA VAL A 364 -32.74 0.27 29.97
C VAL A 364 -32.94 0.79 31.39
N LEU A 365 -31.89 1.37 31.99
CA LEU A 365 -32.06 2.02 33.28
C LEU A 365 -33.00 3.21 33.18
N PHE A 366 -32.90 3.95 32.06
CA PHE A 366 -33.85 5.04 31.78
C PHE A 366 -35.28 4.49 31.60
N VAL A 367 -35.42 3.33 30.96
CA VAL A 367 -36.76 2.80 30.64
C VAL A 367 -37.52 2.46 31.92
N LEU A 368 -36.88 1.74 32.84
CA LEU A 368 -37.54 1.38 34.09
C LEU A 368 -37.98 2.63 34.86
N ASP A 369 -37.13 3.66 34.88
CA ASP A 369 -37.49 4.91 35.54
C ASP A 369 -38.72 5.52 34.88
N GLN A 370 -38.80 5.46 33.54
CA GLN A 370 -39.94 6.01 32.83
C GLN A 370 -41.20 5.19 33.07
N ILE A 371 -41.08 3.88 33.25
CA ILE A 371 -42.26 3.10 33.61
C ILE A 371 -42.78 3.54 34.97
N ARG A 372 -41.86 3.77 35.92
CA ARG A 372 -42.27 4.26 37.23
C ARG A 372 -42.93 5.64 37.11
N HIS A 373 -42.38 6.52 36.26
CA HIS A 373 -42.98 7.84 36.08
C HIS A 373 -44.37 7.74 35.44
N ARG A 374 -44.52 6.91 34.40
CA ARG A 374 -45.82 6.69 33.80
C ARG A 374 -46.83 6.17 34.83
N SER A 375 -46.38 5.28 35.72
CA SER A 375 -47.28 4.71 36.73
C SER A 375 -47.82 5.79 37.65
N VAL A 376 -46.95 6.68 38.10
CA VAL A 376 -47.35 7.76 38.98
C VAL A 376 -48.30 8.71 38.26
N LYS A 377 -47.98 9.06 37.02
CA LYS A 377 -48.80 10.01 36.28
C LYS A 377 -50.19 9.47 36.01
N MET A 378 -50.34 8.16 35.81
CA MET A 378 -51.63 7.56 35.49
C MET A 378 -52.35 7.02 36.72
N GLY A 379 -51.75 7.14 37.90
CA GLY A 379 -52.37 6.59 39.11
C GLY A 379 -52.50 5.09 39.11
N ALA A 380 -51.51 4.38 38.56
CA ALA A 380 -51.56 2.92 38.61
C ALA A 380 -51.34 2.42 40.03
N SER A 381 -51.72 1.17 40.27
CA SER A 381 -51.62 0.58 41.60
C SER A 381 -50.20 0.17 41.96
N THR A 382 -49.31 0.00 40.98
CA THR A 382 -47.91 -0.33 41.24
C THR A 382 -47.04 0.59 40.40
N LEU A 383 -45.74 0.63 40.72
CA LEU A 383 -44.77 1.35 39.88
C LEU A 383 -44.44 0.61 38.58
N GLY A 384 -45.10 -0.50 38.31
CA GLY A 384 -45.01 -1.19 37.04
C GLY A 384 -46.32 -1.07 36.28
N GLU A 385 -46.90 0.13 36.31
CA GLU A 385 -48.15 0.44 35.60
C GLU A 385 -49.26 -0.53 35.99
N GLY A 386 -49.27 -0.99 37.24
CA GLY A 386 -50.28 -1.89 37.73
C GLY A 386 -49.89 -3.35 37.70
N SER A 387 -48.89 -3.72 36.91
CA SER A 387 -48.42 -5.10 36.94
C SER A 387 -47.59 -5.33 38.20
N GLU A 388 -47.70 -6.55 38.75
CA GLU A 388 -46.87 -6.86 39.91
C GLU A 388 -45.44 -7.18 39.50
N PHE A 389 -45.28 -8.01 38.47
CA PHE A 389 -43.96 -8.45 38.05
C PHE A 389 -43.66 -7.92 36.65
N GLY A 390 -42.37 -7.79 36.34
CA GLY A 390 -41.97 -7.31 35.04
C GLY A 390 -40.57 -7.79 34.68
N PHE A 391 -40.20 -7.56 33.43
CA PHE A 391 -38.87 -7.91 32.93
C PHE A 391 -38.03 -6.64 32.77
N PHE A 392 -36.71 -6.82 32.89
CA PHE A 392 -35.69 -5.78 32.71
C PHE A 392 -34.73 -6.40 31.72
N ILE A 393 -34.74 -5.98 30.46
CA ILE A 393 -34.14 -6.76 29.39
C ILE A 393 -33.08 -5.94 28.67
N GLY A 394 -31.90 -6.54 28.51
CA GLY A 394 -30.86 -5.95 27.70
C GLY A 394 -30.41 -7.00 26.71
N PHE A 395 -29.79 -6.55 25.62
CA PHE A 395 -29.22 -7.49 24.66
C PHE A 395 -28.08 -6.82 23.93
N GLY A 396 -27.21 -7.64 23.35
CA GLY A 396 -26.01 -7.16 22.70
C GLY A 396 -25.19 -8.27 22.09
N PRO A 397 -23.91 -7.98 21.80
CA PRO A 397 -23.07 -8.95 21.07
C PRO A 397 -23.11 -10.33 21.70
N GLY A 398 -23.03 -11.35 20.84
CA GLY A 398 -23.18 -12.73 21.29
C GLY A 398 -23.89 -13.63 20.31
N LEU A 399 -25.17 -13.36 20.00
CA LEU A 399 -26.00 -12.37 20.66
C LEU A 399 -26.34 -12.81 22.07
N THR A 400 -26.18 -11.89 23.02
CA THR A 400 -26.46 -12.14 24.43
C THR A 400 -27.79 -11.51 24.79
N LEU A 401 -28.66 -12.28 25.41
CA LEU A 401 -29.92 -11.77 25.92
C LEU A 401 -29.86 -11.85 27.44
N GLU A 402 -29.90 -10.70 28.11
CA GLU A 402 -29.88 -10.59 29.57
C GLU A 402 -31.26 -10.17 30.08
N VAL A 403 -31.77 -10.91 31.07
CA VAL A 403 -33.12 -10.74 31.58
C VAL A 403 -33.06 -10.76 33.10
N LEU A 404 -33.65 -9.75 33.74
CA LEU A 404 -34.00 -9.82 35.15
C LEU A 404 -35.51 -9.75 35.31
N VAL A 405 -36.02 -10.42 36.35
CA VAL A 405 -37.43 -10.37 36.71
C VAL A 405 -37.57 -9.53 37.97
N LEU A 406 -38.40 -8.50 37.88
CA LEU A 406 -38.56 -7.52 38.94
C LEU A 406 -39.99 -7.57 39.49
N ARG A 407 -40.12 -7.20 40.76
CA ARG A 407 -41.41 -6.93 41.38
C ARG A 407 -41.53 -5.42 41.61
N ALA A 408 -42.57 -4.81 41.04
CA ALA A 408 -42.84 -3.39 41.25
C ALA A 408 -43.46 -3.15 42.61
N ALA A 409 -43.04 -2.08 43.29
CA ALA A 409 -43.62 -1.71 44.58
C ALA A 409 -44.99 -1.08 44.38
N PRO A 410 -45.84 -1.11 45.42
CA PRO A 410 -47.13 -0.43 45.31
C PRO A 410 -46.91 1.06 45.13
N ASN A 411 -47.83 1.69 44.40
CA ASN A 411 -47.75 3.14 44.18
C ASN A 411 -48.39 3.82 45.38
N SER A 412 -47.56 4.33 46.29
CA SER A 412 -48.05 4.97 47.51
C SER A 412 -46.96 5.87 48.05
N ALA A 413 -47.21 7.19 48.08
CA ALA A 413 -46.21 8.19 48.48
C ALA A 413 -45.53 7.87 49.82
N ALA B 26 -46.78 -10.23 51.73
CA ALA B 26 -45.86 -9.37 50.98
C ALA B 26 -44.55 -10.11 50.63
N ALA B 27 -43.75 -10.41 51.64
CA ALA B 27 -42.42 -10.98 51.41
C ALA B 27 -42.51 -12.33 50.69
N LEU B 28 -41.49 -12.61 49.88
CA LEU B 28 -41.39 -13.83 49.08
C LEU B 28 -40.11 -14.58 49.43
N PRO B 29 -40.10 -15.90 49.25
CA PRO B 29 -38.84 -16.64 49.40
C PRO B 29 -37.87 -16.31 48.28
N ARG B 30 -36.58 -16.41 48.59
CA ARG B 30 -35.55 -16.10 47.60
C ARG B 30 -35.76 -16.93 46.33
N ALA B 31 -36.09 -16.27 45.22
CA ALA B 31 -36.50 -16.97 44.01
C ALA B 31 -35.36 -17.79 43.40
N GLN B 32 -34.12 -17.30 43.49
CA GLN B 32 -32.94 -18.07 43.10
C GLN B 32 -32.21 -18.48 44.36
N PRO B 33 -32.29 -19.73 44.80
CA PRO B 33 -31.80 -20.08 46.15
C PRO B 33 -30.32 -19.76 46.30
N ARG B 34 -29.97 -19.27 47.48
CA ARG B 34 -28.58 -19.01 47.82
C ARG B 34 -27.93 -20.27 48.37
N ALA B 35 -26.60 -20.26 48.37
CA ALA B 35 -25.80 -21.31 48.97
C ALA B 35 -25.56 -21.00 50.45
N GLU B 36 -24.86 -21.91 51.14
CA GLU B 36 -24.66 -21.82 52.59
C GLU B 36 -23.22 -21.59 52.99
N GLY B 37 -22.30 -22.48 52.59
CA GLY B 37 -20.93 -22.43 53.06
C GLY B 37 -20.11 -21.39 52.33
N PRO B 38 -18.85 -21.24 52.75
CA PRO B 38 -17.98 -20.25 52.10
C PRO B 38 -17.56 -20.72 50.72
N ALA B 39 -17.34 -19.75 49.84
CA ALA B 39 -16.82 -20.08 48.52
C ALA B 39 -15.46 -20.77 48.64
N CYS B 40 -15.28 -21.88 47.92
CA CYS B 40 -14.06 -22.67 47.98
C CYS B 40 -13.40 -22.72 46.62
N VAL B 41 -12.07 -22.79 46.63
CA VAL B 41 -11.30 -23.10 45.43
C VAL B 41 -11.32 -24.61 45.27
N LEU B 42 -11.97 -25.09 44.20
CA LEU B 42 -12.17 -26.52 44.00
C LEU B 42 -11.18 -27.13 43.03
N GLY B 43 -10.50 -26.29 42.24
CA GLY B 43 -9.49 -26.78 41.32
C GLY B 43 -8.75 -25.60 40.71
N ILE B 44 -7.54 -25.88 40.24
CA ILE B 44 -6.62 -24.82 39.81
C ILE B 44 -5.93 -25.27 38.53
N GLY B 45 -5.84 -24.38 37.55
CA GLY B 45 -5.09 -24.67 36.34
C GLY B 45 -4.37 -23.42 35.87
N THR B 46 -3.20 -23.62 35.26
CA THR B 46 -2.40 -22.51 34.74
C THR B 46 -1.86 -22.90 33.37
N ALA B 47 -1.57 -21.89 32.55
CA ALA B 47 -1.02 -22.14 31.24
C ALA B 47 -0.16 -20.94 30.84
N VAL B 48 0.85 -21.22 30.03
CA VAL B 48 1.75 -20.20 29.50
C VAL B 48 2.06 -20.54 28.05
N PRO B 49 2.45 -19.54 27.26
CA PRO B 49 2.90 -19.82 25.89
C PRO B 49 4.16 -20.65 25.90
N PRO B 50 4.42 -21.43 24.84
CA PRO B 50 5.55 -22.37 24.89
C PRO B 50 6.91 -21.71 24.91
N ALA B 51 7.10 -20.56 24.26
CA ALA B 51 8.46 -20.04 24.08
C ALA B 51 8.98 -19.37 25.35
N GLU B 52 10.16 -19.80 25.78
CA GLU B 52 10.83 -19.30 26.99
C GLU B 52 11.93 -18.32 26.63
N PHE B 53 11.96 -17.17 27.30
CA PHE B 53 12.98 -16.15 27.10
C PHE B 53 13.80 -16.02 28.37
N LEU B 54 15.03 -16.54 28.34
CA LEU B 54 15.93 -16.42 29.50
C LEU B 54 16.26 -14.95 29.70
N GLN B 55 16.06 -14.48 30.93
CA GLN B 55 16.32 -13.09 31.24
C GLN B 55 17.77 -12.70 30.98
N SER B 56 18.71 -13.64 31.17
CA SER B 56 20.12 -13.34 30.91
C SER B 56 20.40 -13.08 29.45
N GLU B 57 19.54 -13.53 28.53
CA GLU B 57 19.72 -13.27 27.11
C GLU B 57 18.77 -12.20 26.56
N TYR B 58 17.89 -11.65 27.39
CA TYR B 58 16.82 -10.80 26.86
C TYR B 58 17.30 -9.42 26.41
N PRO B 59 18.15 -8.70 27.16
CA PRO B 59 18.63 -7.40 26.66
C PRO B 59 19.10 -7.42 25.20
N ASP B 60 19.96 -8.38 24.84
CA ASP B 60 20.48 -8.45 23.47
C ASP B 60 19.34 -8.71 22.47
N PHE B 61 18.50 -9.70 22.76
CA PHE B 61 17.40 -10.04 21.87
C PHE B 61 16.47 -8.85 21.68
N PHE B 62 15.99 -8.29 22.80
CA PHE B 62 15.00 -7.22 22.77
C PHE B 62 15.54 -5.97 22.08
N PHE B 63 16.76 -5.57 22.42
CA PHE B 63 17.29 -4.35 21.81
C PHE B 63 17.60 -4.55 20.34
N ASN B 64 17.95 -5.78 19.93
CA ASN B 64 18.20 -6.03 18.51
C ASN B 64 16.89 -6.06 17.72
N ILE B 65 15.89 -6.77 18.23
CA ILE B 65 14.65 -6.94 17.48
C ILE B 65 13.88 -5.63 17.33
N THR B 66 14.10 -4.66 18.21
CA THR B 66 13.45 -3.36 18.13
C THR B 66 14.31 -2.31 17.42
N ASN B 67 15.45 -2.73 16.84
CA ASN B 67 16.35 -1.83 16.10
C ASN B 67 16.96 -0.76 17.00
N CYS B 68 17.32 -1.15 18.22
CA CYS B 68 17.98 -0.27 19.18
C CYS B 68 19.31 -0.84 19.65
N GLY B 69 19.94 -1.72 18.86
CA GLY B 69 21.20 -2.33 19.27
C GLY B 69 22.34 -1.35 19.45
N GLU B 70 22.24 -0.16 18.86
CA GLU B 70 23.27 0.87 18.95
C GLU B 70 23.14 1.73 20.19
N LYS B 71 22.06 1.61 20.96
CA LYS B 71 21.87 2.45 22.14
C LYS B 71 22.56 1.77 23.32
N GLU B 72 23.88 1.94 23.38
CA GLU B 72 24.68 1.21 24.35
C GLU B 72 24.35 1.62 25.78
N ALA B 73 24.21 2.92 26.03
CA ALA B 73 23.95 3.38 27.39
C ALA B 73 22.55 2.98 27.84
N LEU B 74 21.55 3.11 26.96
CA LEU B 74 20.20 2.66 27.31
C LEU B 74 20.17 1.17 27.60
N LYS B 75 20.84 0.38 26.76
CA LYS B 75 20.86 -1.07 26.93
C LYS B 75 21.51 -1.45 28.26
N ALA B 76 22.56 -0.73 28.67
CA ALA B 76 23.19 -1.05 29.95
C ALA B 76 22.26 -0.78 31.12
N LYS B 77 21.46 0.30 31.03
CA LYS B 77 20.42 0.50 32.03
C LYS B 77 19.44 -0.67 32.05
N PHE B 78 19.01 -1.13 30.87
CA PHE B 78 18.06 -2.23 30.81
C PHE B 78 18.67 -3.50 31.37
N LYS B 79 19.93 -3.80 31.02
CA LYS B 79 20.58 -4.99 31.55
C LYS B 79 20.68 -4.94 33.07
N ARG B 80 20.84 -3.75 33.65
CA ARG B 80 20.90 -3.67 35.10
C ARG B 80 19.53 -3.96 35.73
N ILE B 81 18.45 -3.54 35.07
CA ILE B 81 17.11 -3.90 35.55
C ILE B 81 16.94 -5.42 35.49
N CYS B 82 17.32 -6.04 34.37
CA CYS B 82 17.13 -7.48 34.24
C CYS B 82 17.97 -8.23 35.26
N ASP B 83 19.21 -7.80 35.49
CA ASP B 83 20.08 -8.49 36.43
C ASP B 83 19.51 -8.49 37.84
N LYS B 84 18.80 -7.43 38.22
CA LYS B 84 18.21 -7.31 39.54
C LYS B 84 16.73 -7.67 39.58
N SER B 85 16.14 -8.07 38.45
CA SER B 85 14.69 -8.28 38.37
C SER B 85 14.19 -9.48 39.17
N GLY B 86 15.08 -10.40 39.58
CA GLY B 86 14.66 -11.64 40.20
C GLY B 86 13.96 -12.61 39.26
N ILE B 87 14.03 -12.37 37.95
CA ILE B 87 13.39 -13.21 36.95
C ILE B 87 14.46 -14.04 36.27
N ARG B 88 14.25 -15.35 36.19
CA ARG B 88 15.15 -16.21 35.41
C ARG B 88 14.65 -16.39 33.98
N LYS B 89 13.34 -16.59 33.79
CA LYS B 89 12.78 -16.66 32.44
C LYS B 89 11.35 -16.13 32.46
N ARG B 90 10.85 -15.84 31.25
CA ARG B 90 9.47 -15.47 31.00
C ARG B 90 8.96 -16.23 29.77
N HIS B 91 7.65 -16.46 29.72
CA HIS B 91 7.00 -17.08 28.56
C HIS B 91 6.30 -16.01 27.76
N MET B 92 6.51 -16.02 26.43
CA MET B 92 5.90 -15.01 25.59
C MET B 92 5.41 -15.60 24.28
N PHE B 93 4.21 -15.19 23.88
CA PHE B 93 3.72 -15.48 22.55
C PHE B 93 4.47 -14.70 21.47
N LEU B 94 5.06 -13.55 21.82
CA LEU B 94 5.78 -12.71 20.86
C LEU B 94 7.18 -13.29 20.59
N THR B 95 7.22 -14.36 19.81
CA THR B 95 8.48 -14.89 19.31
C THR B 95 9.08 -13.95 18.28
N GLU B 96 10.34 -14.22 17.90
CA GLU B 96 10.96 -13.45 16.83
C GLU B 96 10.11 -13.52 15.56
N GLU B 97 9.51 -14.67 15.29
CA GLU B 97 8.68 -14.82 14.11
C GLU B 97 7.46 -13.92 14.17
N VAL B 98 6.81 -13.83 15.32
CA VAL B 98 5.62 -12.99 15.44
C VAL B 98 5.99 -11.52 15.34
N LEU B 99 7.14 -11.15 15.92
CA LEU B 99 7.53 -9.74 15.92
C LEU B 99 7.91 -9.27 14.53
N LYS B 100 8.62 -10.11 13.77
CA LYS B 100 8.92 -9.76 12.38
C LYS B 100 7.66 -9.67 11.55
N ALA B 101 6.69 -10.55 11.82
CA ALA B 101 5.42 -10.46 11.10
C ALA B 101 4.65 -9.19 11.46
N ASN B 102 5.00 -8.51 12.56
CA ASN B 102 4.29 -7.33 13.05
C ASN B 102 5.27 -6.22 13.39
N PRO B 103 5.86 -5.59 12.36
CA PRO B 103 6.90 -4.56 12.63
C PRO B 103 6.41 -3.34 13.41
N GLY B 104 5.12 -2.98 13.30
CA GLY B 104 4.62 -1.85 14.07
C GLY B 104 4.76 -2.04 15.58
N ILE B 105 4.74 -3.29 16.04
CA ILE B 105 4.88 -3.57 17.47
C ILE B 105 6.32 -3.36 17.93
N CYS B 106 7.29 -3.50 17.01
CA CYS B 106 8.70 -3.33 17.34
C CYS B 106 9.15 -1.89 17.26
N THR B 107 8.24 -0.94 17.12
CA THR B 107 8.58 0.48 17.13
C THR B 107 8.28 1.08 18.50
N TYR B 108 8.62 2.35 18.65
CA TYR B 108 8.35 3.04 19.90
C TYR B 108 6.93 3.59 19.95
N MET B 109 6.49 4.26 18.87
CA MET B 109 5.20 4.97 18.94
C MET B 109 4.45 5.00 17.61
N GLU B 110 4.76 4.13 16.66
CA GLU B 110 3.98 4.07 15.44
C GLU B 110 2.63 3.40 15.69
N PRO B 111 1.59 3.78 14.94
CA PRO B 111 0.27 3.17 15.15
C PRO B 111 0.31 1.66 14.99
N SER B 112 -0.27 0.96 15.96
CA SER B 112 -0.10 -0.49 15.98
C SER B 112 -1.18 -1.22 16.76
N LEU B 113 -2.21 -0.51 17.25
CA LEU B 113 -3.20 -1.18 18.10
C LEU B 113 -3.96 -2.25 17.33
N ASN B 114 -4.21 -2.06 16.04
CA ASN B 114 -5.01 -3.02 15.30
C ASN B 114 -4.30 -4.37 15.22
N VAL B 115 -3.01 -4.38 14.89
CA VAL B 115 -2.30 -5.66 14.82
C VAL B 115 -2.06 -6.23 16.21
N ARG B 116 -1.93 -5.37 17.23
CA ARG B 116 -1.84 -5.89 18.60
C ARG B 116 -3.14 -6.58 19.00
N HIS B 117 -4.28 -5.95 18.73
CA HIS B 117 -5.55 -6.60 19.03
C HIS B 117 -5.74 -7.89 18.25
N ASP B 118 -5.29 -7.94 17.00
CA ASP B 118 -5.41 -9.19 16.24
C ASP B 118 -4.71 -10.35 16.94
N ILE B 119 -3.62 -10.07 17.67
CA ILE B 119 -2.94 -11.12 18.43
C ILE B 119 -3.77 -11.50 19.66
N VAL B 120 -4.11 -10.51 20.49
CA VAL B 120 -4.59 -10.83 21.83
C VAL B 120 -6.05 -11.30 21.84
N VAL B 121 -6.87 -10.92 20.84
CA VAL B 121 -8.26 -11.37 20.91
C VAL B 121 -8.35 -12.88 20.68
N VAL B 122 -7.37 -13.47 20.00
CA VAL B 122 -7.31 -14.94 19.90
C VAL B 122 -6.56 -15.53 21.08
N GLN B 123 -5.40 -14.96 21.44
CA GLN B 123 -4.50 -15.67 22.36
C GLN B 123 -4.97 -15.60 23.81
N VAL B 124 -5.64 -14.52 24.20
CA VAL B 124 -6.04 -14.35 25.60
C VAL B 124 -7.10 -15.38 25.97
N PRO B 125 -8.19 -15.57 25.21
CA PRO B 125 -9.12 -16.64 25.59
C PRO B 125 -8.58 -18.03 25.32
N LYS B 126 -7.70 -18.19 24.33
CA LYS B 126 -7.13 -19.49 24.07
C LYS B 126 -6.27 -19.97 25.23
N LEU B 127 -5.45 -19.07 25.78
CA LEU B 127 -4.62 -19.42 26.92
C LEU B 127 -5.49 -19.70 28.14
N ALA B 128 -6.55 -18.90 28.32
CA ALA B 128 -7.49 -19.14 29.41
C ALA B 128 -8.14 -20.52 29.29
N ALA B 129 -8.44 -20.96 28.07
CA ALA B 129 -9.09 -22.25 27.86
C ALA B 129 -8.17 -23.40 28.25
N GLU B 130 -6.89 -23.31 27.92
N GLU B 130 -6.89 -23.29 27.93
CA GLU B 130 -5.94 -24.32 28.35
CA GLU B 130 -5.94 -24.32 28.35
C GLU B 130 -5.91 -24.43 29.87
C GLU B 130 -5.88 -24.43 29.87
N ALA B 131 -5.81 -23.29 30.56
CA ALA B 131 -5.78 -23.32 32.02
C ALA B 131 -7.10 -23.84 32.58
N ALA B 132 -8.23 -23.49 31.95
CA ALA B 132 -9.54 -23.87 32.50
C ALA B 132 -9.76 -25.38 32.39
N GLN B 133 -9.34 -25.99 31.28
CA GLN B 133 -9.43 -27.45 31.17
C GLN B 133 -8.68 -28.13 32.31
N LYS B 134 -7.52 -27.60 32.69
CA LYS B 134 -6.77 -28.19 33.79
C LYS B 134 -7.50 -27.99 35.10
N ALA B 135 -8.04 -26.78 35.32
CA ALA B 135 -8.75 -26.53 36.57
C ALA B 135 -9.98 -27.42 36.68
N ILE B 136 -10.67 -27.61 35.55
CA ILE B 136 -11.87 -28.43 35.57
C ILE B 136 -11.50 -29.88 35.84
N LYS B 137 -10.37 -30.32 35.27
CA LYS B 137 -9.90 -31.67 35.54
C LYS B 137 -9.55 -31.86 37.01
N GLU B 138 -8.89 -30.88 37.65
CA GLU B 138 -8.59 -31.06 39.07
C GLU B 138 -9.86 -31.04 39.90
N TRP B 139 -10.79 -30.13 39.56
CA TRP B 139 -12.08 -30.05 40.23
C TRP B 139 -12.80 -31.39 40.19
N GLY B 140 -12.82 -32.03 39.04
CA GLY B 140 -13.46 -33.32 38.88
C GLY B 140 -14.88 -33.29 38.37
N GLY B 141 -15.51 -32.11 38.33
CA GLY B 141 -16.87 -32.01 37.83
C GLY B 141 -16.95 -31.93 36.31
N ARG B 142 -18.16 -31.69 35.82
CA ARG B 142 -18.40 -31.63 34.39
C ARG B 142 -18.69 -30.19 33.96
N LYS B 143 -18.22 -29.83 32.76
CA LYS B 143 -18.23 -28.43 32.37
C LYS B 143 -19.65 -27.91 32.16
N SER B 144 -20.64 -28.77 31.90
CA SER B 144 -22.01 -28.29 31.82
C SER B 144 -22.57 -27.84 33.16
N ASP B 145 -21.86 -28.13 34.26
CA ASP B 145 -22.22 -27.62 35.58
C ASP B 145 -21.55 -26.29 35.92
N ILE B 146 -20.66 -25.77 35.08
CA ILE B 146 -20.18 -24.41 35.27
C ILE B 146 -21.33 -23.44 35.01
N THR B 147 -21.61 -22.56 35.98
CA THR B 147 -22.71 -21.62 35.88
C THR B 147 -22.29 -20.18 35.64
N HIS B 148 -21.03 -19.82 35.96
CA HIS B 148 -20.57 -18.44 35.81
C HIS B 148 -19.12 -18.41 35.32
N ILE B 149 -18.79 -17.33 34.61
CA ILE B 149 -17.41 -16.96 34.25
C ILE B 149 -17.14 -15.56 34.76
N VAL B 150 -16.05 -15.41 35.52
CA VAL B 150 -15.51 -14.11 35.93
C VAL B 150 -14.10 -14.00 35.35
N PHE B 151 -13.86 -12.97 34.56
CA PHE B 151 -12.70 -12.93 33.67
C PHE B 151 -12.01 -11.57 33.81
N ALA B 152 -10.73 -11.58 34.15
CA ALA B 152 -9.94 -10.36 34.16
C ALA B 152 -8.81 -10.43 33.14
N THR B 153 -8.49 -9.29 32.56
CA THR B 153 -7.34 -9.18 31.68
C THR B 153 -6.95 -7.70 31.62
N THR B 154 -5.73 -7.47 31.17
CA THR B 154 -5.22 -6.15 30.80
C THR B 154 -4.75 -6.16 29.34
N SER B 155 -5.00 -7.24 28.60
CA SER B 155 -4.39 -7.45 27.29
C SER B 155 -5.42 -7.28 26.18
N GLY B 156 -5.79 -6.03 25.90
CA GLY B 156 -6.73 -5.75 24.84
C GLY B 156 -8.17 -5.92 25.24
N VAL B 157 -9.07 -5.51 24.34
CA VAL B 157 -10.51 -5.59 24.57
C VAL B 157 -11.16 -5.97 23.25
N ASN B 158 -12.35 -6.58 23.34
CA ASN B 158 -13.05 -6.99 22.12
C ASN B 158 -14.54 -7.09 22.38
N MET B 159 -15.33 -7.13 21.28
CA MET B 159 -16.76 -7.36 21.35
C MET B 159 -17.15 -8.35 20.27
N PRO B 160 -17.73 -9.51 20.62
CA PRO B 160 -17.97 -10.05 21.97
C PRO B 160 -16.68 -10.16 22.77
N GLY B 161 -16.76 -10.23 24.10
CA GLY B 161 -15.58 -10.22 24.93
C GLY B 161 -14.91 -11.58 25.07
N ALA B 162 -13.74 -11.57 25.72
CA ALA B 162 -12.98 -12.80 25.89
C ALA B 162 -13.77 -13.84 26.67
N ASP B 163 -14.66 -13.39 27.55
CA ASP B 163 -15.51 -14.30 28.31
C ASP B 163 -16.41 -15.10 27.37
N HIS B 164 -17.06 -14.42 26.44
CA HIS B 164 -17.85 -15.11 25.40
C HIS B 164 -16.97 -16.04 24.58
N ALA B 165 -15.77 -15.59 24.20
CA ALA B 165 -14.90 -16.44 23.40
C ALA B 165 -14.51 -17.70 24.18
N LEU B 166 -14.24 -17.53 25.48
CA LEU B 166 -13.83 -18.66 26.30
C LEU B 166 -14.96 -19.66 26.47
N ALA B 167 -16.17 -19.17 26.74
CA ALA B 167 -17.35 -20.03 26.84
C ALA B 167 -17.54 -20.90 25.61
N LYS B 168 -17.30 -20.34 24.41
CA LYS B 168 -17.39 -21.13 23.18
C LYS B 168 -16.25 -22.12 23.08
N LEU B 169 -15.03 -21.70 23.40
CA LEU B 169 -13.89 -22.62 23.35
C LEU B 169 -14.12 -23.82 24.25
N LEU B 170 -14.73 -23.62 25.41
CA LEU B 170 -14.95 -24.72 26.35
C LEU B 170 -16.27 -25.45 26.11
N GLY B 171 -17.14 -24.94 25.26
CA GLY B 171 -18.42 -25.61 25.05
C GLY B 171 -19.34 -25.53 26.24
N LEU B 172 -19.32 -24.42 26.99
CA LEU B 172 -20.19 -24.26 28.13
C LEU B 172 -21.63 -24.03 27.66
N LYS B 173 -22.56 -24.11 28.61
CA LYS B 173 -23.96 -23.91 28.30
C LYS B 173 -24.21 -22.47 27.86
N PRO B 174 -25.19 -22.24 26.99
CA PRO B 174 -25.43 -20.87 26.51
C PRO B 174 -25.92 -19.94 27.60
N THR B 175 -26.39 -20.47 28.71
CA THR B 175 -26.91 -19.69 29.81
C THR B 175 -25.87 -19.33 30.86
N VAL B 176 -24.57 -19.52 30.58
CA VAL B 176 -23.56 -19.19 31.60
C VAL B 176 -23.56 -17.69 31.86
N LYS B 177 -23.56 -17.30 33.13
CA LYS B 177 -23.59 -15.88 33.49
C LYS B 177 -22.17 -15.33 33.58
N ARG B 178 -21.97 -14.12 33.09
CA ARG B 178 -20.63 -13.64 32.78
C ARG B 178 -20.35 -12.26 33.37
N VAL B 179 -19.15 -12.10 33.92
CA VAL B 179 -18.66 -10.81 34.41
C VAL B 179 -17.30 -10.60 33.76
N MET B 180 -17.23 -9.70 32.78
CA MET B 180 -16.00 -9.46 32.05
C MET B 180 -15.37 -8.19 32.60
N MET B 181 -14.18 -8.31 33.16
CA MET B 181 -13.45 -7.17 33.70
C MET B 181 -12.21 -6.92 32.83
N TYR B 182 -12.38 -6.09 31.82
CA TYR B 182 -11.29 -5.66 30.96
C TYR B 182 -10.48 -4.55 31.63
N GLN B 183 -9.19 -4.46 31.25
CA GLN B 183 -8.29 -3.36 31.65
C GLN B 183 -8.05 -3.28 33.15
N THR B 184 -7.97 -4.43 33.84
CA THR B 184 -7.81 -4.36 35.30
C THR B 184 -6.46 -3.81 35.70
N GLY B 185 -5.39 -4.30 35.09
CA GLY B 185 -4.09 -4.10 35.72
C GLY B 185 -3.78 -5.24 36.68
N PHE B 187 -4.14 -5.92 39.76
CA PHE B 187 -4.98 -6.34 40.89
C PHE B 187 -6.11 -7.27 40.42
N GLY B 188 -6.17 -7.56 39.12
CA GLY B 188 -7.34 -8.24 38.56
C GLY B 188 -7.47 -9.70 38.97
N GLY B 189 -6.36 -10.34 39.37
CA GLY B 189 -6.43 -11.70 39.85
C GLY B 189 -7.19 -11.80 41.16
N ALA B 190 -6.93 -10.88 42.09
CA ALA B 190 -7.74 -10.76 43.30
C ALA B 190 -9.17 -10.35 42.98
N SER B 191 -9.35 -9.48 41.97
CA SER B 191 -10.69 -9.04 41.59
C SER B 191 -11.59 -10.21 41.21
N VAL B 192 -11.10 -11.12 40.36
CA VAL B 192 -11.98 -12.21 39.94
C VAL B 192 -12.32 -13.12 41.11
N LEU B 193 -11.39 -13.29 42.06
CA LEU B 193 -11.71 -14.13 43.22
C LEU B 193 -12.73 -13.43 44.11
N ARG B 194 -12.61 -12.11 44.28
CA ARG B 194 -13.61 -11.37 45.05
C ARG B 194 -15.00 -11.46 44.41
N VAL B 195 -15.07 -11.35 43.09
CA VAL B 195 -16.38 -11.45 42.43
C VAL B 195 -16.91 -12.87 42.48
N ALA B 196 -16.03 -13.86 42.24
CA ALA B 196 -16.44 -15.26 42.34
C ALA B 196 -17.02 -15.58 43.72
N LYS B 197 -16.45 -15.00 44.77
CA LYS B 197 -16.94 -15.27 46.12
C LYS B 197 -18.43 -14.97 46.24
N ASP B 198 -18.86 -13.77 45.82
CA ASP B 198 -20.26 -13.41 45.99
C ASP B 198 -21.15 -14.20 45.05
N LEU B 199 -20.68 -14.46 43.83
CA LEU B 199 -21.48 -15.23 42.89
C LEU B 199 -21.66 -16.67 43.37
N ALA B 200 -20.61 -17.26 43.94
CA ALA B 200 -20.71 -18.64 44.40
C ALA B 200 -21.61 -18.72 45.63
N GLU B 201 -21.42 -17.79 46.58
CA GLU B 201 -22.12 -17.88 47.86
C GLU B 201 -23.60 -17.52 47.72
N ASN B 202 -23.94 -16.64 46.77
CA ASN B 202 -25.33 -16.23 46.64
C ASN B 202 -26.15 -17.13 45.72
N ASN B 203 -25.60 -18.25 45.25
CA ASN B 203 -26.30 -19.06 44.25
C ASN B 203 -26.04 -20.55 44.52
N LYS B 204 -27.07 -21.24 45.01
CA LYS B 204 -27.00 -22.67 45.32
C LYS B 204 -26.57 -23.47 44.09
N GLY B 205 -25.55 -24.30 44.28
CA GLY B 205 -25.02 -25.10 43.19
C GLY B 205 -24.12 -24.36 42.22
N ALA B 206 -23.94 -23.05 42.35
CA ALA B 206 -23.14 -22.31 41.38
C ALA B 206 -21.70 -22.78 41.37
N ARG B 207 -21.14 -22.95 40.18
CA ARG B 207 -19.75 -23.30 39.99
C ARG B 207 -19.12 -22.30 39.02
N VAL B 208 -18.15 -21.53 39.52
CA VAL B 208 -17.67 -20.31 38.89
C VAL B 208 -16.29 -20.55 38.31
N LEU B 209 -16.10 -20.23 37.03
CA LEU B 209 -14.75 -20.15 36.48
C LEU B 209 -14.21 -18.75 36.74
N ALA B 210 -13.25 -18.64 37.67
CA ALA B 210 -12.51 -17.41 37.95
C ALA B 210 -11.25 -17.42 37.10
N VAL B 211 -11.14 -16.45 36.18
CA VAL B 211 -10.19 -16.51 35.07
C VAL B 211 -9.37 -15.22 35.03
N ALA B 212 -8.05 -15.37 34.85
CA ALA B 212 -7.18 -14.23 34.55
C ALA B 212 -6.16 -14.69 33.52
N SER B 213 -6.03 -13.93 32.43
CA SER B 213 -5.23 -14.32 31.29
C SER B 213 -4.58 -13.09 30.69
N GLU B 214 -3.27 -13.14 30.51
CA GLU B 214 -2.51 -11.99 30.05
C GLU B 214 -1.54 -12.38 28.93
N VAL B 215 -1.47 -11.54 27.91
CA VAL B 215 -0.56 -11.73 26.78
C VAL B 215 -0.04 -10.36 26.42
N THR B 216 1.28 -10.18 26.46
CA THR B 216 1.88 -8.86 26.51
C THR B 216 1.94 -8.14 25.16
N ALA B 217 1.11 -8.53 24.19
CA ALA B 217 1.22 -7.92 22.87
C ALA B 217 0.69 -6.50 22.83
N VAL B 218 -0.12 -6.09 23.81
CA VAL B 218 -0.62 -4.72 23.81
C VAL B 218 0.35 -3.75 24.50
N THR B 219 1.21 -4.23 25.41
CA THR B 219 2.16 -3.35 26.10
C THR B 219 3.57 -3.37 25.51
N TYR B 220 3.94 -4.43 24.77
CA TYR B 220 5.29 -4.51 24.21
C TYR B 220 5.67 -3.22 23.48
N ARG B 221 6.89 -2.73 23.75
CA ARG B 221 7.28 -1.44 23.19
C ARG B 221 8.80 -1.33 23.10
N ALA B 222 9.28 -0.77 22.00
CA ALA B 222 10.70 -0.51 21.82
C ALA B 222 11.23 0.38 22.95
N PRO B 223 12.44 0.13 23.41
CA PRO B 223 13.00 0.93 24.51
C PRO B 223 13.28 2.36 24.08
N SER B 224 13.26 3.27 25.05
CA SER B 224 13.53 4.67 24.76
C SER B 224 13.98 5.40 26.01
N GLU B 225 15.02 6.21 25.86
CA GLU B 225 15.50 7.09 26.92
C GLU B 225 14.42 8.04 27.43
N ASN B 226 13.41 8.34 26.61
CA ASN B 226 12.28 9.18 26.98
C ASN B 226 11.19 8.42 27.73
N HIS B 227 11.34 7.12 27.92
CA HIS B 227 10.36 6.28 28.61
C HIS B 227 11.12 5.29 29.49
N LEU B 228 11.94 5.84 30.41
CA LEU B 228 12.80 4.99 31.23
C LEU B 228 11.99 4.09 32.14
N ASP B 229 10.85 4.57 32.65
CA ASP B 229 9.97 3.69 33.40
C ASP B 229 9.36 2.60 32.52
N GLY B 230 9.25 2.82 31.21
CA GLY B 230 8.82 1.75 30.32
C GLY B 230 9.81 0.62 30.24
N LEU B 231 11.10 0.91 30.47
CA LEU B 231 12.09 -0.16 30.57
C LEU B 231 11.73 -1.17 31.64
N VAL B 232 11.11 -0.72 32.73
CA VAL B 232 10.78 -1.65 33.81
C VAL B 232 9.75 -2.66 33.33
N GLY B 233 8.64 -2.18 32.76
CA GLY B 233 7.64 -3.08 32.21
C GLY B 233 8.22 -4.06 31.22
N SER B 234 9.13 -3.58 30.35
CA SER B 234 9.73 -4.48 29.36
C SER B 234 10.64 -5.53 29.99
N ALA B 235 11.12 -5.28 31.21
CA ALA B 235 11.94 -6.27 31.91
C ALA B 235 11.11 -7.25 32.74
N LEU B 236 9.91 -6.85 33.17
CA LEU B 236 9.15 -7.66 34.13
C LEU B 236 7.98 -8.43 33.51
N PHE B 237 7.29 -7.85 32.52
CA PHE B 237 6.01 -8.39 32.06
C PHE B 237 6.17 -9.66 31.21
N GLY B 238 5.42 -10.70 31.58
CA GLY B 238 5.40 -11.93 30.80
C GLY B 238 3.95 -12.39 30.60
N ASP B 239 3.75 -13.56 29.97
CA ASP B 239 2.43 -14.04 29.60
C ASP B 239 2.00 -15.21 30.49
N GLY B 240 0.69 -15.31 30.74
CA GLY B 240 0.16 -16.50 31.39
C GLY B 240 -1.30 -16.35 31.73
N ALA B 241 -1.91 -17.49 32.07
CA ALA B 241 -3.31 -17.53 32.47
C ALA B 241 -3.48 -18.46 33.65
N GLY B 242 -4.32 -18.05 34.60
CA GLY B 242 -4.72 -18.94 35.68
C GLY B 242 -6.23 -19.01 35.77
N VAL B 243 -6.73 -20.19 36.17
CA VAL B 243 -8.17 -20.39 36.27
C VAL B 243 -8.46 -21.19 37.53
N TYR B 244 -9.37 -20.70 38.35
CA TYR B 244 -9.87 -21.44 39.50
C TYR B 244 -11.33 -21.81 39.25
N VAL B 245 -11.73 -23.01 39.64
CA VAL B 245 -13.13 -23.37 39.80
C VAL B 245 -13.51 -23.02 41.23
N VAL B 246 -14.51 -22.17 41.40
CA VAL B 246 -14.91 -21.68 42.72
C VAL B 246 -16.35 -22.11 42.98
N GLY B 247 -16.62 -22.55 44.20
CA GLY B 247 -17.99 -22.90 44.55
C GLY B 247 -18.17 -23.13 46.04
N SER B 248 -19.39 -22.88 46.52
CA SER B 248 -19.77 -23.17 47.90
C SER B 248 -20.37 -24.57 48.01
N ASP B 249 -20.36 -25.10 49.23
CA ASP B 249 -20.95 -26.39 49.58
C ASP B 249 -20.43 -27.50 48.70
N PRO B 250 -19.17 -27.89 48.83
CA PRO B 250 -18.65 -28.97 47.99
C PRO B 250 -19.31 -30.29 48.33
N LYS B 251 -19.52 -31.10 47.31
CA LYS B 251 -20.11 -32.42 47.49
C LYS B 251 -19.14 -33.31 48.26
N PRO B 252 -19.50 -33.81 49.44
CA PRO B 252 -18.58 -34.64 50.22
C PRO B 252 -18.19 -35.90 49.44
N GLU B 253 -16.91 -36.26 49.52
CA GLU B 253 -16.30 -37.40 48.84
C GLU B 253 -16.24 -37.23 47.33
N VAL B 254 -16.77 -36.13 46.78
CA VAL B 254 -16.81 -35.90 45.34
C VAL B 254 -15.96 -34.69 44.96
N GLU B 255 -16.15 -33.57 45.65
CA GLU B 255 -15.36 -32.38 45.41
C GLU B 255 -14.42 -32.19 46.60
N LYS B 256 -13.24 -31.67 46.34
CA LYS B 256 -12.26 -31.47 47.41
C LYS B 256 -11.86 -29.99 47.46
N PRO B 257 -12.24 -29.24 48.50
CA PRO B 257 -11.81 -27.84 48.61
C PRO B 257 -10.31 -27.76 48.88
N LEU B 258 -9.62 -26.92 48.10
CA LEU B 258 -8.21 -26.62 48.40
C LEU B 258 -8.06 -25.41 49.31
N PHE B 259 -8.89 -24.38 49.12
CA PHE B 259 -8.89 -23.18 49.94
C PHE B 259 -10.31 -22.70 50.11
N GLU B 260 -10.63 -22.15 51.28
CA GLU B 260 -11.88 -21.45 51.52
C GLU B 260 -11.64 -19.94 51.50
N VAL B 261 -12.55 -19.20 50.89
CA VAL B 261 -12.46 -17.75 50.81
C VAL B 261 -13.31 -17.16 51.93
N HIS B 262 -12.69 -16.50 52.90
CA HIS B 262 -13.46 -15.96 54.02
C HIS B 262 -13.63 -14.46 54.03
N TRP B 263 -12.86 -13.73 53.23
CA TRP B 263 -12.93 -12.27 53.31
C TRP B 263 -12.37 -11.71 52.02
N ALA B 264 -12.98 -10.63 51.54
CA ALA B 264 -12.56 -9.96 50.31
C ALA B 264 -12.80 -8.48 50.51
N GLY B 265 -11.78 -7.67 50.23
CA GLY B 265 -11.88 -6.23 50.40
C GLY B 265 -10.81 -5.56 49.56
N GLU B 266 -10.88 -4.23 49.53
CA GLU B 266 -9.88 -3.47 48.78
C GLU B 266 -9.87 -2.05 49.32
N THR B 267 -8.81 -1.32 48.99
CA THR B 267 -8.70 0.08 49.38
C THR B 267 -7.76 0.80 48.43
N ILE B 268 -8.04 2.09 48.23
CA ILE B 268 -7.07 3.00 47.60
C ILE B 268 -6.06 3.42 48.66
N LEU B 269 -4.77 3.48 48.30
CA LEU B 269 -3.78 3.76 49.34
C LEU B 269 -3.56 5.26 49.52
N PRO B 270 -3.38 5.71 50.77
CA PRO B 270 -3.18 7.15 51.02
C PRO B 270 -2.00 7.72 50.23
N GLU B 271 -2.19 8.93 49.71
CA GLU B 271 -1.17 9.70 49.00
C GLU B 271 -0.64 8.98 47.76
N SER B 272 -1.40 8.03 47.22
CA SER B 272 -0.95 7.22 46.09
C SER B 272 -1.59 7.64 44.77
N ASP B 273 -2.52 8.59 44.80
CA ASP B 273 -3.23 8.99 43.61
C ASP B 273 -2.26 9.41 42.51
N GLY B 274 -2.49 8.91 41.31
CA GLY B 274 -1.61 9.20 40.19
C GLY B 274 -0.36 8.35 40.09
N ALA B 275 -0.21 7.32 40.93
CA ALA B 275 1.01 6.53 40.90
C ALA B 275 1.21 5.85 39.56
N ILE B 276 0.13 5.35 38.94
CA ILE B 276 0.23 4.57 37.72
C ILE B 276 -0.86 5.04 36.77
N ASP B 277 -0.46 5.43 35.55
CA ASP B 277 -1.39 5.71 34.45
C ASP B 277 -1.21 4.65 33.37
N GLY B 278 -2.33 4.18 32.82
CA GLY B 278 -2.26 3.28 31.68
C GLY B 278 -3.13 3.79 30.56
N HIS B 279 -2.52 4.34 29.51
CA HIS B 279 -3.25 4.95 28.41
C HIS B 279 -3.28 3.96 27.25
N LEU B 280 -4.48 3.56 26.85
CA LEU B 280 -4.64 2.76 25.64
C LEU B 280 -4.64 3.71 24.45
N THR B 281 -3.66 3.58 23.58
CA THR B 281 -3.47 4.55 22.51
C THR B 281 -3.47 3.86 21.15
N GLU B 282 -3.38 4.68 20.11
CA GLU B 282 -3.18 4.17 18.76
C GLU B 282 -1.93 3.31 18.65
N ALA B 283 -0.99 3.48 19.58
CA ALA B 283 0.25 2.72 19.63
C ALA B 283 0.24 1.63 20.70
N GLY B 284 -0.93 1.21 21.17
CA GLY B 284 -1.01 0.23 22.24
C GLY B 284 -1.07 0.84 23.64
N LEU B 285 -0.83 0.00 24.63
CA LEU B 285 -0.99 0.41 26.03
C LEU B 285 0.34 0.93 26.58
N ILE B 286 0.32 2.15 27.11
CA ILE B 286 1.50 2.80 27.64
C ILE B 286 1.30 3.03 29.13
N PHE B 287 2.25 2.53 29.94
CA PHE B 287 2.24 2.80 31.37
C PHE B 287 3.16 3.98 31.68
N HIS B 288 2.74 4.81 32.63
CA HIS B 288 3.58 5.85 33.21
C HIS B 288 3.63 5.61 34.72
N LEU B 289 4.83 5.51 35.27
CA LEU B 289 5.00 5.36 36.70
C LEU B 289 5.41 6.71 37.26
N MET B 290 4.59 7.25 38.16
CA MET B 290 4.81 8.61 38.63
C MET B 290 5.17 8.68 40.10
N LYS B 291 5.02 7.58 40.85
CA LYS B 291 5.32 7.54 42.27
C LYS B 291 6.00 6.22 42.60
N ASP B 292 6.48 6.12 43.83
CA ASP B 292 7.25 4.97 44.31
C ASP B 292 6.26 3.91 44.79
N VAL B 293 5.93 2.98 43.89
CA VAL B 293 4.89 1.99 44.15
C VAL B 293 5.29 1.03 45.27
N PRO B 294 6.50 0.45 45.28
CA PRO B 294 6.91 -0.36 46.45
C PRO B 294 6.86 0.40 47.75
N GLY B 295 7.33 1.65 47.78
CA GLY B 295 7.27 2.42 49.00
C GLY B 295 5.85 2.68 49.47
N LEU B 296 4.95 2.98 48.51
CA LEU B 296 3.57 3.27 48.86
C LEU B 296 2.85 2.03 49.39
N ILE B 297 3.10 0.88 48.78
CA ILE B 297 2.47 -0.36 49.27
C ILE B 297 3.04 -0.73 50.64
N SER B 298 4.36 -0.79 50.76
CA SER B 298 4.94 -1.27 52.03
C SER B 298 4.63 -0.31 53.18
N LYS B 299 4.51 0.99 52.90
CA LYS B 299 4.18 1.93 53.96
C LYS B 299 2.74 1.77 54.46
N ASN B 300 1.83 1.34 53.60
CA ASN B 300 0.41 1.37 53.95
C ASN B 300 -0.23 -0.02 54.10
N ILE B 301 0.49 -1.09 53.78
CA ILE B 301 -0.18 -2.39 53.65
C ILE B 301 -0.62 -2.93 55.01
N GLU B 302 0.18 -2.70 56.06
CA GLU B 302 -0.08 -3.37 57.33
C GLU B 302 -1.38 -2.87 57.97
N LYS B 303 -1.63 -1.56 57.89
CA LYS B 303 -2.86 -1.03 58.48
C LYS B 303 -4.11 -1.66 57.86
N PHE B 304 -4.08 -1.93 56.55
CA PHE B 304 -5.22 -2.59 55.91
C PHE B 304 -5.27 -4.07 56.23
N LEU B 305 -4.11 -4.75 56.19
CA LEU B 305 -4.08 -6.18 56.54
C LEU B 305 -4.54 -6.42 57.96
N ASN B 306 -4.33 -5.44 58.84
CA ASN B 306 -4.73 -5.57 60.24
C ASN B 306 -6.23 -5.62 60.39
N GLU B 307 -6.97 -4.90 59.54
CA GLU B 307 -8.43 -5.03 59.52
C GLU B 307 -8.86 -6.36 58.89
N ALA B 308 -8.22 -6.74 57.78
CA ALA B 308 -8.62 -7.95 57.06
C ALA B 308 -8.50 -9.21 57.91
N ARG B 309 -7.50 -9.29 58.80
CA ARG B 309 -7.33 -10.54 59.53
C ARG B 309 -8.24 -10.67 60.74
N LYS B 310 -8.96 -9.61 61.11
CA LYS B 310 -9.79 -9.70 62.30
C LYS B 310 -10.86 -10.78 62.25
N PRO B 311 -11.58 -11.01 61.13
CA PRO B 311 -12.64 -12.03 61.15
C PRO B 311 -12.14 -13.46 61.18
N VAL B 312 -10.85 -13.71 61.06
CA VAL B 312 -10.32 -15.05 61.28
C VAL B 312 -9.46 -15.11 62.55
N GLY B 313 -9.65 -14.17 63.47
CA GLY B 313 -8.98 -14.22 64.75
C GLY B 313 -7.64 -13.52 64.83
N SER B 314 -7.31 -12.70 63.84
CA SER B 314 -6.08 -11.91 63.82
C SER B 314 -4.82 -12.72 64.15
N PRO B 315 -4.53 -13.77 63.39
CA PRO B 315 -3.25 -14.47 63.60
C PRO B 315 -2.09 -13.56 63.27
N ALA B 316 -0.92 -13.89 63.85
CA ALA B 316 0.28 -13.10 63.63
C ALA B 316 0.77 -13.30 62.19
N TRP B 317 1.49 -12.29 61.68
CA TRP B 317 1.91 -12.31 60.28
C TRP B 317 2.65 -13.60 59.95
N ASN B 318 3.53 -14.05 60.83
CA ASN B 318 4.33 -15.23 60.53
C ASN B 318 3.59 -16.53 60.84
N GLU B 319 2.36 -16.46 61.32
CA GLU B 319 1.46 -17.60 61.37
C GLU B 319 0.54 -17.69 60.15
N MET B 320 0.82 -16.95 59.08
CA MET B 320 -0.04 -16.92 57.89
C MET B 320 0.77 -17.22 56.63
N PHE B 321 0.09 -17.64 55.56
CA PHE B 321 0.75 -17.73 54.26
C PHE B 321 0.43 -16.47 53.44
N TRP B 322 1.23 -16.27 52.36
CA TRP B 322 1.36 -14.95 51.69
C TRP B 322 1.41 -15.13 50.18
N ALA B 323 0.24 -15.27 49.56
CA ALA B 323 0.13 -15.31 48.09
C ALA B 323 0.08 -13.87 47.59
N VAL B 324 1.25 -13.27 47.39
CA VAL B 324 1.38 -11.86 47.03
C VAL B 324 1.74 -11.74 45.56
N HIS B 325 1.00 -10.90 44.84
CA HIS B 325 1.30 -10.62 43.45
C HIS B 325 2.77 -10.21 43.28
N PRO B 326 3.55 -10.93 42.47
CA PRO B 326 5.00 -10.56 42.35
C PRO B 326 5.21 -9.46 41.32
N GLY B 327 4.79 -8.24 41.67
CA GLY B 327 4.89 -7.14 40.72
C GLY B 327 6.33 -6.81 40.38
N GLY B 328 7.23 -6.95 41.35
CA GLY B 328 8.65 -6.77 41.15
C GLY B 328 9.36 -7.20 42.41
N PRO B 329 10.67 -7.44 42.34
CA PRO B 329 11.41 -7.78 43.57
C PRO B 329 11.36 -6.69 44.63
N ALA B 330 11.31 -5.41 44.23
CA ALA B 330 11.32 -4.35 45.23
C ALA B 330 10.09 -4.39 46.12
N ILE B 331 8.91 -4.60 45.51
CA ILE B 331 7.68 -4.69 46.31
C ILE B 331 7.76 -5.85 47.28
N LEU B 332 8.21 -7.02 46.80
CA LEU B 332 8.30 -8.18 47.68
C LEU B 332 9.31 -7.94 48.79
N ASP B 333 10.48 -7.39 48.44
CA ASP B 333 11.53 -7.13 49.44
C ASP B 333 11.07 -6.11 50.48
N GLN B 334 10.38 -5.05 50.05
CA GLN B 334 10.03 -4.01 51.02
C GLN B 334 8.84 -4.41 51.89
N VAL B 335 7.87 -5.13 51.33
CA VAL B 335 6.78 -5.65 52.15
C VAL B 335 7.31 -6.67 53.15
N GLU B 336 8.19 -7.55 52.70
CA GLU B 336 8.81 -8.53 53.59
C GLU B 336 9.52 -7.83 54.75
N ALA B 337 10.31 -6.80 54.44
CA ALA B 337 11.08 -6.12 55.48
C ALA B 337 10.16 -5.35 56.42
N LYS B 338 9.13 -4.70 55.88
CA LYS B 338 8.23 -3.89 56.69
C LYS B 338 7.44 -4.74 57.69
N LEU B 339 6.97 -5.91 57.26
CA LEU B 339 6.17 -6.80 58.11
C LEU B 339 7.02 -7.78 58.92
N LYS B 340 8.34 -7.78 58.72
CA LYS B 340 9.26 -8.68 59.41
C LYS B 340 8.90 -10.14 59.20
N LEU B 341 8.57 -10.48 57.95
CA LEU B 341 8.25 -11.86 57.61
C LEU B 341 9.53 -12.69 57.48
N THR B 342 9.44 -13.95 57.90
CA THR B 342 10.54 -14.87 57.62
C THR B 342 10.62 -15.15 56.12
N LYS B 343 11.81 -15.59 55.66
CA LYS B 343 12.09 -15.63 54.22
C LYS B 343 11.19 -16.59 53.46
N ASP B 344 10.69 -17.63 54.11
CA ASP B 344 9.84 -18.59 53.42
C ASP B 344 8.50 -17.99 52.99
N LYS B 345 8.03 -16.94 53.66
CA LYS B 345 6.69 -16.43 53.42
C LYS B 345 6.51 -15.96 51.98
N MET B 346 7.50 -15.24 51.46
CA MET B 346 7.48 -14.74 50.08
C MET B 346 8.05 -15.73 49.08
N GLN B 347 8.40 -16.94 49.49
CA GLN B 347 9.10 -17.80 48.54
C GLN B 347 8.22 -18.19 47.37
N GLY B 348 6.94 -18.49 47.63
CA GLY B 348 6.02 -18.80 46.53
C GLY B 348 5.96 -17.69 45.50
N SER B 349 5.82 -16.45 45.96
CA SER B 349 5.83 -15.31 45.05
C SER B 349 7.15 -15.20 44.31
N ARG B 350 8.26 -15.44 45.00
CA ARG B 350 9.56 -15.29 44.35
C ARG B 350 9.81 -16.42 43.36
N ASP B 351 9.30 -17.62 43.64
CA ASP B 351 9.36 -18.71 42.67
C ASP B 351 8.63 -18.35 41.38
N ILE B 352 7.47 -17.69 41.49
CA ILE B 352 6.70 -17.35 40.30
C ILE B 352 7.39 -16.24 39.52
N LEU B 353 7.88 -15.21 40.22
CA LEU B 353 8.66 -14.15 39.57
C LEU B 353 9.84 -14.74 38.82
N SER B 354 10.52 -15.72 39.42
CA SER B 354 11.71 -16.30 38.81
C SER B 354 11.37 -17.07 37.53
N GLU B 355 10.33 -17.88 37.56
CA GLU B 355 10.07 -18.76 36.43
C GLU B 355 9.09 -18.17 35.42
N PHE B 356 8.37 -17.12 35.77
CA PHE B 356 7.38 -16.56 34.85
C PHE B 356 7.40 -15.04 34.78
N GLY B 357 8.12 -14.34 35.66
CA GLY B 357 7.99 -12.89 35.61
C GLY B 357 6.66 -12.42 36.17
N ASN B 358 6.34 -11.17 35.86
CA ASN B 358 5.08 -10.52 36.25
C ASN B 358 4.07 -10.77 35.13
N MET B 359 3.11 -11.67 35.36
CA MET B 359 2.03 -11.98 34.41
C MET B 359 0.78 -11.18 34.68
N SER B 360 0.93 -9.94 35.14
N SER B 360 0.93 -9.95 35.17
CA SER B 360 -0.16 -9.00 35.49
CA SER B 360 -0.17 -9.02 35.46
C SER B 360 -1.23 -9.72 36.31
C SER B 360 -1.24 -9.74 36.28
N SER B 361 -2.50 -9.70 35.87
CA SER B 361 -3.57 -10.24 36.73
C SER B 361 -3.47 -11.74 36.99
N ALA B 362 -2.86 -12.50 36.09
CA ALA B 362 -2.75 -13.96 36.32
C ALA B 362 -1.77 -14.32 37.44
N SER B 363 -0.81 -13.45 37.76
CA SER B 363 0.35 -13.85 38.55
C SER B 363 -0.05 -14.46 39.89
N VAL B 364 -0.93 -13.78 40.62
CA VAL B 364 -1.22 -14.21 41.99
C VAL B 364 -1.96 -15.54 42.00
N LEU B 365 -2.70 -15.87 40.94
CA LEU B 365 -3.32 -17.19 40.85
C LEU B 365 -2.26 -18.27 40.77
N PHE B 366 -1.18 -18.00 40.02
CA PHE B 366 -0.01 -18.90 40.00
C PHE B 366 0.62 -19.02 41.39
N VAL B 367 0.71 -17.90 42.12
CA VAL B 367 1.40 -17.91 43.41
C VAL B 367 0.70 -18.83 44.40
N LEU B 368 -0.62 -18.70 44.53
CA LEU B 368 -1.35 -19.58 45.43
C LEU B 368 -1.16 -21.05 45.05
N ASP B 369 -1.09 -21.35 43.75
CA ASP B 369 -0.85 -22.72 43.31
C ASP B 369 0.53 -23.20 43.74
N GLN B 370 1.54 -22.32 43.64
CA GLN B 370 2.90 -22.66 44.03
C GLN B 370 3.04 -22.84 45.54
N ILE B 371 2.29 -22.07 46.32
CA ILE B 371 2.27 -22.31 47.76
C ILE B 371 1.70 -23.69 48.06
N ARG B 372 0.64 -24.09 47.32
CA ARG B 372 0.10 -25.43 47.47
C ARG B 372 1.14 -26.49 47.09
N HIS B 373 1.85 -26.26 45.98
CA HIS B 373 2.86 -27.22 45.54
C HIS B 373 3.99 -27.31 46.56
N ARG B 374 4.41 -26.17 47.12
CA ARG B 374 5.48 -26.20 48.12
C ARG B 374 5.03 -26.98 49.35
N SER B 375 3.77 -26.81 49.75
CA SER B 375 3.22 -27.52 50.91
C SER B 375 3.27 -29.03 50.71
N VAL B 376 2.89 -29.49 49.52
CA VAL B 376 2.89 -30.93 49.25
C VAL B 376 4.31 -31.46 49.24
N LYS B 377 5.24 -30.73 48.61
CA LYS B 377 6.61 -31.20 48.51
C LYS B 377 7.28 -31.27 49.89
N MET B 378 7.03 -30.30 50.76
CA MET B 378 7.65 -30.33 52.09
C MET B 378 6.87 -31.18 53.10
N GLY B 379 5.69 -31.67 52.74
CA GLY B 379 4.87 -32.43 53.67
C GLY B 379 4.23 -31.63 54.78
N ALA B 380 3.84 -30.38 54.51
CA ALA B 380 3.26 -29.55 55.56
C ALA B 380 1.84 -30.02 55.90
N SER B 381 1.33 -29.49 57.02
CA SER B 381 0.03 -29.90 57.53
C SER B 381 -1.15 -29.22 56.84
N THR B 382 -0.90 -28.16 56.06
CA THR B 382 -1.94 -27.50 55.27
C THR B 382 -1.37 -27.16 53.90
N LEU B 383 -2.26 -26.81 52.97
CA LEU B 383 -1.84 -26.32 51.64
C LEU B 383 -1.37 -24.88 51.68
N GLY B 384 -1.30 -24.28 52.87
CA GLY B 384 -0.67 -22.99 53.07
C GLY B 384 0.63 -23.12 53.85
N GLU B 385 1.37 -24.21 53.57
CA GLU B 385 2.68 -24.51 54.15
C GLU B 385 2.60 -24.71 55.66
N GLY B 386 1.45 -25.11 56.18
CA GLY B 386 1.26 -25.31 57.61
C GLY B 386 0.47 -24.22 58.29
N SER B 387 0.36 -23.05 57.68
CA SER B 387 -0.50 -21.99 58.20
C SER B 387 -1.97 -22.29 57.92
N GLU B 388 -2.84 -21.88 58.85
CA GLU B 388 -4.27 -22.06 58.61
C GLU B 388 -4.82 -20.99 57.68
N PHE B 389 -4.51 -19.73 57.95
CA PHE B 389 -5.06 -18.62 57.19
C PHE B 389 -3.96 -17.93 56.39
N GLY B 390 -4.35 -17.28 55.30
CA GLY B 390 -3.39 -16.58 54.47
C GLY B 390 -4.05 -15.46 53.69
N PHE B 391 -3.21 -14.62 53.10
CA PHE B 391 -3.64 -13.51 52.28
C PHE B 391 -3.40 -13.87 50.82
N PHE B 392 -4.28 -13.34 49.97
CA PHE B 392 -4.24 -13.42 48.51
C PHE B 392 -4.31 -11.95 48.08
N ILE B 393 -3.21 -11.39 47.57
CA ILE B 393 -3.04 -9.95 47.50
C ILE B 393 -2.68 -9.55 46.08
N GLY B 394 -3.38 -8.54 45.55
CA GLY B 394 -2.99 -7.93 44.30
C GLY B 394 -3.00 -6.42 44.45
N PHE B 395 -2.31 -5.75 43.52
CA PHE B 395 -2.30 -4.30 43.56
C PHE B 395 -2.11 -3.76 42.15
N GLY B 396 -2.49 -2.51 41.97
CA GLY B 396 -2.55 -1.95 40.64
C GLY B 396 -2.91 -0.48 40.67
N PRO B 397 -3.29 0.06 39.51
CA PRO B 397 -3.63 1.49 39.42
C PRO B 397 -4.62 1.93 40.49
N GLY B 398 -4.43 3.15 40.97
CA GLY B 398 -5.27 3.64 42.06
C GLY B 398 -4.58 4.59 43.02
N LEU B 399 -3.56 4.15 43.75
N LEU B 399 -3.58 4.14 43.75
CA LEU B 399 -3.12 2.75 43.81
CA LEU B 399 -3.12 2.75 43.74
C LEU B 399 -4.18 1.92 44.52
C LEU B 399 -4.06 1.87 44.55
N THR B 400 -4.53 0.79 43.93
CA THR B 400 -5.54 -0.10 44.53
C THR B 400 -4.85 -1.30 45.16
N LEU B 401 -5.19 -1.58 46.40
CA LEU B 401 -4.75 -2.77 47.09
C LEU B 401 -5.97 -3.67 47.30
N GLU B 402 -5.95 -4.87 46.71
CA GLU B 402 -7.00 -5.88 46.87
C GLU B 402 -6.51 -7.04 47.72
N VAL B 403 -7.29 -7.43 48.74
CA VAL B 403 -6.89 -8.48 49.69
C VAL B 403 -8.05 -9.45 49.90
N LEU B 404 -7.78 -10.75 49.78
CA LEU B 404 -8.68 -11.78 50.28
C LEU B 404 -7.98 -12.59 51.39
N VAL B 405 -8.78 -13.03 52.36
CA VAL B 405 -8.30 -13.91 53.42
C VAL B 405 -8.82 -15.31 53.14
N LEU B 406 -7.89 -16.26 53.00
CA LEU B 406 -8.18 -17.65 52.68
C LEU B 406 -7.82 -18.54 53.84
N ARG B 407 -8.48 -19.70 53.89
CA ARG B 407 -8.15 -20.78 54.80
C ARG B 407 -7.67 -21.95 53.96
N ALA B 408 -6.48 -22.46 54.27
CA ALA B 408 -5.91 -23.55 53.49
C ALA B 408 -6.44 -24.89 53.99
N ALA B 409 -6.71 -25.81 53.06
CA ALA B 409 -7.20 -27.13 53.44
C ALA B 409 -6.10 -27.95 54.12
N PRO B 410 -6.49 -28.91 54.94
CA PRO B 410 -5.49 -29.80 55.55
C PRO B 410 -4.76 -30.60 54.48
N ASN B 411 -3.53 -30.98 54.81
CA ASN B 411 -2.67 -31.82 53.97
C ASN B 411 -2.13 -32.94 54.86
N SER B 412 -2.31 -34.19 54.44
CA SER B 412 -1.81 -35.33 55.22
C SER B 412 -0.42 -35.78 54.73
N LEU C 19 -21.27 -12.39 -22.50
CA LEU C 19 -20.90 -13.77 -22.84
C LEU C 19 -19.61 -14.17 -22.14
N GLN C 20 -18.78 -13.19 -21.84
CA GLN C 20 -17.51 -13.40 -21.17
C GLN C 20 -17.58 -13.12 -19.68
N VAL C 21 -18.52 -12.25 -19.27
CA VAL C 21 -18.60 -11.79 -17.89
C VAL C 21 -20.06 -11.47 -17.60
N VAL C 22 -20.44 -11.60 -16.33
CA VAL C 22 -21.74 -11.18 -15.81
C VAL C 22 -21.47 -10.22 -14.67
N ASN C 23 -22.28 -9.17 -14.57
CA ASN C 23 -22.09 -8.18 -13.52
C ASN C 23 -22.96 -8.54 -12.32
N VAL C 24 -22.32 -8.82 -11.19
CA VAL C 24 -22.99 -9.26 -9.98
C VAL C 24 -22.72 -8.21 -8.91
N GLU C 25 -23.77 -7.47 -8.54
CA GLU C 25 -23.65 -6.40 -7.54
C GLU C 25 -22.50 -5.44 -7.87
N GLY C 26 -22.26 -5.20 -9.15
CA GLY C 26 -21.17 -4.34 -9.56
C GLY C 26 -19.86 -5.04 -9.87
N ILE C 27 -19.75 -6.32 -9.56
CA ILE C 27 -18.49 -7.06 -9.74
C ILE C 27 -18.59 -7.89 -11.00
N ASP C 28 -17.51 -7.95 -11.77
CA ASP C 28 -17.47 -8.79 -12.96
C ASP C 28 -17.13 -10.23 -12.57
N PHE C 29 -18.04 -11.15 -12.87
CA PHE C 29 -17.84 -12.58 -12.65
C PHE C 29 -17.70 -13.25 -14.00
N ALA C 30 -16.59 -13.95 -14.21
CA ALA C 30 -16.39 -14.68 -15.46
C ALA C 30 -17.49 -15.72 -15.66
N THR C 31 -17.92 -15.89 -16.91
CA THR C 31 -18.90 -16.95 -17.19
C THR C 31 -18.26 -18.33 -17.24
N LYS C 32 -16.99 -18.42 -17.59
CA LYS C 32 -16.23 -19.66 -17.59
C LYS C 32 -14.98 -19.45 -16.75
N PHE C 33 -14.57 -20.50 -16.03
CA PHE C 33 -13.60 -20.31 -14.96
C PHE C 33 -12.98 -21.64 -14.61
N ALA C 34 -11.64 -21.69 -14.63
CA ALA C 34 -10.91 -22.84 -14.14
C ALA C 34 -10.30 -22.49 -12.79
N PRO C 35 -10.80 -23.07 -11.69
CA PRO C 35 -10.29 -22.71 -10.36
C PRO C 35 -8.81 -22.97 -10.24
N PRO C 36 -8.14 -22.36 -9.26
CA PRO C 36 -6.67 -22.44 -9.18
C PRO C 36 -6.19 -23.88 -9.17
N THR C 37 -5.07 -24.11 -9.88
CA THR C 37 -4.41 -25.40 -10.05
C THR C 37 -5.31 -26.44 -10.71
N SER C 38 -6.37 -26.04 -11.40
CA SER C 38 -7.32 -26.97 -11.97
C SER C 38 -7.41 -26.80 -13.48
N SER C 39 -7.43 -27.93 -14.19
CA SER C 39 -7.64 -27.92 -15.62
C SER C 39 -9.12 -27.87 -15.99
N THR C 40 -9.98 -28.45 -15.15
CA THR C 40 -11.40 -28.52 -15.47
C THR C 40 -12.02 -27.13 -15.50
N GLU C 41 -12.70 -26.83 -16.60
CA GLU C 41 -13.34 -25.53 -16.78
C GLU C 41 -14.78 -25.62 -16.30
N LEU C 42 -15.19 -24.64 -15.51
CA LEU C 42 -16.52 -24.60 -14.91
C LEU C 42 -17.33 -23.45 -15.49
N ASP C 43 -18.63 -23.68 -15.64
CA ASP C 43 -19.60 -22.68 -16.09
C ASP C 43 -20.27 -22.01 -14.91
N LEU C 44 -20.48 -20.70 -15.03
CA LEU C 44 -21.30 -19.94 -14.09
C LEU C 44 -22.75 -20.40 -14.21
N ILE C 45 -23.24 -21.10 -13.19
CA ILE C 45 -24.62 -21.59 -13.23
C ILE C 45 -25.59 -20.61 -12.59
N GLY C 46 -25.15 -19.87 -11.56
CA GLY C 46 -25.99 -18.90 -10.90
C GLY C 46 -25.14 -17.91 -10.12
N HIS C 47 -25.76 -16.76 -9.81
CA HIS C 47 -25.05 -15.68 -9.12
C HIS C 47 -26.00 -14.95 -8.18
N GLY C 48 -25.41 -14.21 -7.24
CA GLY C 48 -26.21 -13.54 -6.25
C GLY C 48 -25.39 -12.81 -5.20
N ASN C 49 -25.95 -12.68 -4.01
CA ASN C 49 -25.30 -11.94 -2.94
C ASN C 49 -25.64 -12.59 -1.62
N THR C 50 -24.91 -12.21 -0.57
CA THR C 50 -25.42 -12.26 0.79
C THR C 50 -25.66 -10.85 1.26
N GLY C 51 -26.71 -10.66 2.04
CA GLY C 51 -27.05 -9.33 2.52
C GLY C 51 -28.25 -9.40 3.43
N MET C 52 -28.70 -8.22 3.85
CA MET C 52 -29.88 -8.12 4.68
C MET C 52 -30.40 -6.69 4.63
N GLU C 53 -31.56 -6.48 5.24
CA GLU C 53 -32.08 -5.14 5.48
C GLU C 53 -32.08 -4.88 6.98
N ILE C 54 -31.66 -3.69 7.37
CA ILE C 54 -31.70 -3.30 8.77
C ILE C 54 -32.20 -1.85 8.85
N GLU C 55 -33.33 -1.66 9.53
CA GLU C 55 -33.94 -0.34 9.71
C GLU C 55 -33.94 0.45 8.39
N THR C 56 -34.42 -0.22 7.33
CA THR C 56 -34.73 0.28 5.98
C THR C 56 -33.57 0.25 4.98
N VAL C 57 -32.31 0.14 5.43
CA VAL C 57 -31.19 0.20 4.49
C VAL C 57 -30.78 -1.22 4.08
N GLU C 58 -30.61 -1.43 2.77
CA GLU C 58 -30.12 -2.68 2.24
C GLU C 58 -28.60 -2.77 2.36
N ILE C 59 -28.13 -3.83 3.01
CA ILE C 59 -26.70 -4.11 3.20
C ILE C 59 -26.32 -5.27 2.29
N ARG C 60 -25.20 -5.12 1.58
CA ARG C 60 -24.62 -6.21 0.80
C ARG C 60 -23.31 -6.62 1.45
N PHE C 61 -23.19 -7.91 1.82
CA PHE C 61 -21.97 -8.44 2.40
C PHE C 61 -20.99 -8.95 1.34
N THR C 62 -21.50 -9.71 0.37
CA THR C 62 -20.67 -10.35 -0.64
C THR C 62 -21.45 -10.44 -1.94
N ALA C 63 -20.72 -10.54 -3.04
CA ALA C 63 -21.25 -11.02 -4.30
C ALA C 63 -20.74 -12.44 -4.51
N MET C 64 -21.61 -13.30 -5.04
CA MET C 64 -21.35 -14.74 -5.11
C MET C 64 -21.67 -15.29 -6.49
N GLY C 65 -20.88 -16.24 -6.93
CA GLY C 65 -21.20 -17.04 -8.11
C GLY C 65 -20.94 -18.50 -7.88
N PHE C 66 -21.89 -19.34 -8.31
CA PHE C 66 -21.76 -20.79 -8.25
C PHE C 66 -21.41 -21.34 -9.62
N TYR C 67 -20.33 -22.13 -9.69
CA TYR C 67 -19.76 -22.68 -10.91
C TYR C 67 -19.80 -24.20 -10.85
N ALA C 68 -20.06 -24.83 -12.00
CA ALA C 68 -19.97 -26.29 -12.09
C ALA C 68 -19.66 -26.69 -13.51
N GLU C 69 -19.23 -27.94 -13.66
CA GLU C 69 -19.03 -28.52 -14.98
C GLU C 69 -20.32 -28.44 -15.77
N PRO C 70 -20.25 -28.13 -17.07
CA PRO C 70 -21.50 -27.99 -17.86
C PRO C 70 -22.39 -29.23 -17.88
N SER C 71 -21.86 -30.41 -17.57
CA SER C 71 -22.70 -31.61 -17.55
C SER C 71 -23.70 -31.62 -16.40
N ILE C 72 -23.73 -30.59 -15.56
CA ILE C 72 -24.62 -30.60 -14.40
C ILE C 72 -26.08 -30.65 -14.85
N SER C 73 -26.42 -29.92 -15.90
CA SER C 73 -27.80 -29.90 -16.39
C SER C 73 -28.30 -31.29 -16.73
N GLU C 74 -27.43 -32.12 -17.30
CA GLU C 74 -27.82 -33.48 -17.68
C GLU C 74 -28.16 -34.33 -16.46
N HIS C 75 -27.55 -34.04 -15.31
CA HIS C 75 -27.84 -34.78 -14.08
C HIS C 75 -29.14 -34.35 -13.42
N LEU C 76 -29.66 -33.16 -13.74
CA LEU C 76 -30.85 -32.61 -13.11
C LEU C 76 -31.98 -32.44 -14.14
N GLN C 77 -32.07 -33.38 -15.09
CA GLN C 77 -33.04 -33.28 -16.18
C GLN C 77 -34.47 -33.22 -15.67
N LYS C 78 -34.79 -33.94 -14.59
CA LYS C 78 -36.16 -34.00 -14.10
C LYS C 78 -36.73 -32.61 -13.80
N TRP C 79 -35.89 -31.67 -13.36
CA TRP C 79 -36.39 -30.37 -12.95
C TRP C 79 -36.59 -29.42 -14.12
N LYS C 80 -36.19 -29.80 -15.33
CA LYS C 80 -36.31 -28.91 -16.48
C LYS C 80 -37.77 -28.62 -16.78
N GLY C 81 -38.07 -27.37 -17.10
CA GLY C 81 -39.42 -26.96 -17.41
C GLY C 81 -40.29 -26.70 -16.22
N LYS C 82 -39.84 -27.01 -15.00
CA LYS C 82 -40.63 -26.72 -13.82
C LYS C 82 -40.41 -25.28 -13.38
N ALA C 83 -41.37 -24.77 -12.60
CA ALA C 83 -41.25 -23.43 -12.08
C ALA C 83 -40.20 -23.36 -10.99
N VAL C 84 -39.47 -22.23 -10.93
CA VAL C 84 -38.44 -22.05 -9.91
C VAL C 84 -39.03 -22.19 -8.52
N SER C 85 -40.29 -21.76 -8.35
CA SER C 85 -40.99 -21.95 -7.08
C SER C 85 -40.95 -23.41 -6.63
N GLU C 86 -41.14 -24.34 -7.57
CA GLU C 86 -41.11 -25.76 -7.23
C GLU C 86 -39.72 -26.20 -6.82
N LEU C 87 -38.69 -25.73 -7.51
CA LEU C 87 -37.32 -26.17 -7.18
C LEU C 87 -36.90 -25.68 -5.79
N VAL C 88 -37.12 -24.39 -5.50
CA VAL C 88 -36.58 -23.85 -4.25
C VAL C 88 -37.47 -24.08 -3.04
N GLU C 89 -38.67 -24.61 -3.21
CA GLU C 89 -39.56 -24.79 -2.07
C GLU C 89 -39.03 -25.86 -1.13
N ASP C 90 -39.39 -25.73 0.15
CA ASP C 90 -38.93 -26.70 1.13
C ASP C 90 -39.49 -28.09 0.84
N ASP C 91 -38.64 -29.11 1.03
CA ASP C 91 -38.92 -30.52 0.81
C ASP C 91 -39.10 -30.87 -0.66
N SER C 92 -38.71 -29.99 -1.58
CA SER C 92 -38.74 -30.34 -2.99
C SER C 92 -37.80 -31.49 -3.31
N GLY C 93 -36.66 -31.55 -2.62
CA GLY C 93 -35.60 -32.46 -2.94
C GLY C 93 -34.56 -31.92 -3.90
N PHE C 94 -34.80 -30.75 -4.48
CA PHE C 94 -33.84 -30.20 -5.43
C PHE C 94 -32.52 -29.85 -4.75
N HIS C 95 -32.58 -29.28 -3.55
CA HIS C 95 -31.37 -28.73 -2.91
C HIS C 95 -30.33 -29.82 -2.71
N LYS C 96 -30.73 -30.92 -2.07
CA LYS C 96 -29.79 -32.03 -1.86
C LYS C 96 -29.35 -32.65 -3.18
N GLU C 97 -30.28 -32.80 -4.15
CA GLU C 97 -29.87 -33.35 -5.44
C GLU C 97 -28.78 -32.49 -6.06
N LEU C 98 -28.96 -31.16 -6.04
CA LEU C 98 -27.95 -30.24 -6.54
C LEU C 98 -26.62 -30.41 -5.79
N ILE C 99 -26.68 -30.55 -4.46
CA ILE C 99 -25.47 -30.69 -3.66
C ILE C 99 -24.75 -32.00 -4.01
N GLN C 100 -25.51 -33.07 -4.29
CA GLN C 100 -24.96 -34.40 -4.51
C GLN C 100 -24.51 -34.67 -5.95
N VAL C 101 -24.88 -33.83 -6.91
CA VAL C 101 -24.54 -34.08 -8.32
C VAL C 101 -23.03 -34.31 -8.46
N PRO C 102 -22.61 -35.42 -9.07
CA PRO C 102 -21.18 -35.79 -9.09
C PRO C 102 -20.37 -35.05 -10.15
N VAL C 103 -20.35 -33.73 -10.06
CA VAL C 103 -19.50 -32.90 -10.92
C VAL C 103 -18.69 -31.95 -10.05
N GLU C 104 -17.56 -31.51 -10.58
CA GLU C 104 -16.76 -30.47 -9.93
C GLU C 104 -17.55 -29.17 -9.82
N LYS C 105 -17.43 -28.52 -8.68
CA LYS C 105 -18.18 -27.30 -8.36
C LYS C 105 -17.23 -26.29 -7.73
N ALA C 106 -17.61 -25.02 -7.85
CA ALA C 106 -16.87 -23.96 -7.18
C ALA C 106 -17.81 -22.82 -6.86
N VAL C 107 -17.50 -22.12 -5.77
CA VAL C 107 -18.16 -20.88 -5.42
C VAL C 107 -17.10 -19.81 -5.38
N ARG C 108 -17.39 -18.65 -5.99
CA ARG C 108 -16.54 -17.49 -5.86
C ARG C 108 -17.25 -16.44 -5.01
N ILE C 109 -16.53 -15.86 -4.06
CA ILE C 109 -17.04 -14.85 -3.15
C ILE C 109 -16.18 -13.61 -3.31
N SER C 110 -16.82 -12.49 -3.65
CA SER C 110 -16.17 -11.18 -3.68
C SER C 110 -16.71 -10.37 -2.52
N ILE C 111 -15.82 -9.92 -1.63
CA ILE C 111 -16.25 -9.20 -0.43
C ILE C 111 -16.71 -7.80 -0.80
N ILE C 112 -17.89 -7.43 -0.33
CA ILE C 112 -18.38 -6.07 -0.48
C ILE C 112 -18.21 -5.27 0.81
N LYS C 113 -18.71 -5.79 1.92
CA LYS C 113 -18.51 -5.17 3.22
C LYS C 113 -17.21 -5.72 3.83
N GLY C 114 -16.18 -4.88 3.91
CA GLY C 114 -14.89 -5.32 4.39
C GLY C 114 -14.94 -5.81 5.82
N ILE C 115 -14.35 -6.98 6.09
CA ILE C 115 -14.36 -7.55 7.43
C ILE C 115 -12.99 -8.18 7.69
N LYS C 116 -12.75 -8.52 8.95
CA LYS C 116 -11.53 -9.24 9.32
C LYS C 116 -11.69 -10.75 9.13
N GLY C 117 -10.56 -11.41 8.90
CA GLY C 117 -10.60 -12.85 8.65
C GLY C 117 -11.12 -13.66 9.83
N LEU C 118 -10.84 -13.20 11.05
CA LEU C 118 -11.28 -13.96 12.22
C LEU C 118 -12.79 -13.99 12.35
N PRO C 119 -13.51 -12.85 12.33
CA PRO C 119 -14.98 -12.92 12.32
C PRO C 119 -15.54 -13.74 11.16
N TYR C 120 -14.96 -13.64 9.97
CA TYR C 120 -15.47 -14.40 8.84
C TYR C 120 -15.31 -15.90 9.07
N GLY C 121 -14.10 -16.34 9.42
CA GLY C 121 -13.89 -17.76 9.68
C GLY C 121 -14.72 -18.26 10.84
N SER C 122 -14.86 -17.45 11.88
CA SER C 122 -15.62 -17.84 13.07
C SER C 122 -17.12 -17.93 12.77
N ALA C 123 -17.63 -17.07 11.89
CA ALA C 123 -19.03 -17.15 11.47
C ALA C 123 -19.28 -18.39 10.60
N LEU C 124 -18.36 -18.71 9.69
CA LEU C 124 -18.40 -20.02 9.03
C LEU C 124 -18.49 -21.15 10.03
N GLN C 125 -17.58 -21.15 11.02
CA GLN C 125 -17.52 -22.24 11.99
C GLN C 125 -18.88 -22.50 12.62
N SER C 126 -19.55 -21.44 13.08
CA SER C 126 -20.81 -21.61 13.79
C SER C 126 -21.96 -21.97 12.84
N SER C 127 -21.90 -21.53 11.59
CA SER C 127 -22.95 -21.94 10.63
C SER C 127 -22.81 -23.42 10.28
N LEU C 128 -21.58 -23.86 10.02
CA LEU C 128 -21.36 -25.25 9.66
C LEU C 128 -21.62 -26.16 10.85
N ARG C 129 -21.24 -25.70 12.05
CA ARG C 129 -21.52 -26.47 13.26
C ARG C 129 -23.02 -26.66 13.47
N ASP C 130 -23.82 -25.60 13.26
CA ASP C 130 -25.27 -25.75 13.40
C ASP C 130 -25.81 -26.83 12.47
N ARG C 131 -25.34 -26.83 11.21
CA ARG C 131 -25.86 -27.81 10.25
C ARG C 131 -25.39 -29.22 10.60
N LEU C 132 -24.14 -29.35 11.04
CA LEU C 132 -23.61 -30.67 11.39
C LEU C 132 -24.32 -31.24 12.61
N VAL C 133 -24.54 -30.42 13.64
CA VAL C 133 -25.26 -30.87 14.83
C VAL C 133 -26.66 -31.32 14.46
N ASN C 134 -27.32 -30.59 13.54
CA ASN C 134 -28.68 -30.93 13.17
C ASN C 134 -28.75 -32.27 12.41
N ASP C 135 -27.67 -32.63 11.72
CA ASP C 135 -27.61 -33.89 11.00
C ASP C 135 -26.98 -35.01 11.80
N ASP C 136 -26.76 -34.82 13.10
CA ASP C 136 -26.10 -35.81 13.96
C ASP C 136 -24.71 -36.17 13.42
N LYS C 137 -24.03 -35.18 12.86
CA LYS C 137 -22.73 -35.40 12.24
C LYS C 137 -21.59 -34.63 12.89
N PHE C 138 -21.78 -34.08 14.08
CA PHE C 138 -20.78 -33.19 14.66
C PHE C 138 -20.07 -33.91 15.80
N GLU C 139 -18.90 -34.47 15.50
CA GLU C 139 -18.06 -35.12 16.50
C GLU C 139 -16.72 -34.38 16.58
N GLU C 140 -15.76 -34.98 17.28
CA GLU C 140 -14.50 -34.31 17.55
C GLU C 140 -13.71 -34.08 16.26
N GLU C 141 -13.82 -34.99 15.30
CA GLU C 141 -13.14 -34.81 14.01
C GLU C 141 -13.66 -33.57 13.28
N GLU C 142 -14.98 -33.44 13.14
CA GLU C 142 -15.55 -32.23 12.52
C GLU C 142 -15.23 -30.99 13.35
N GLU C 143 -15.30 -31.10 14.67
CA GLU C 143 -14.97 -29.97 15.53
C GLU C 143 -13.54 -29.48 15.29
N GLU C 144 -12.59 -30.41 15.22
CA GLU C 144 -11.21 -30.03 14.97
C GLU C 144 -11.03 -29.46 13.58
N ALA C 145 -11.74 -30.02 12.59
CA ALA C 145 -11.61 -29.52 11.23
C ALA C 145 -12.07 -28.06 11.12
N LEU C 146 -13.15 -27.71 11.82
CA LEU C 146 -13.61 -26.32 11.80
C LEU C 146 -12.65 -25.40 12.55
N GLU C 147 -12.10 -25.89 13.66
CA GLU C 147 -11.09 -25.11 14.38
C GLU C 147 -9.93 -24.75 13.48
N LYS C 148 -9.45 -25.70 12.67
CA LYS C 148 -8.35 -25.41 11.78
C LYS C 148 -8.77 -24.51 10.63
N LEU C 149 -10.03 -24.58 10.21
CA LEU C 149 -10.52 -23.65 9.19
C LEU C 149 -10.50 -22.22 9.70
N VAL C 150 -11.00 -22.00 10.92
CA VAL C 150 -10.91 -20.67 11.54
C VAL C 150 -9.47 -20.22 11.62
N GLU C 151 -8.56 -21.11 12.03
CA GLU C 151 -7.16 -20.73 12.15
C GLU C 151 -6.53 -20.43 10.80
N PHE C 152 -7.07 -20.97 9.71
CA PHE C 152 -6.61 -20.53 8.40
C PHE C 152 -7.00 -19.07 8.14
N PHE C 153 -8.24 -18.70 8.46
CA PHE C 153 -8.74 -17.38 8.07
C PHE C 153 -8.28 -16.28 9.02
N GLN C 154 -8.00 -16.61 10.28
CA GLN C 154 -7.85 -15.57 11.29
C GLN C 154 -6.67 -14.61 11.07
N PRO C 155 -5.54 -14.98 10.44
CA PRO C 155 -4.52 -13.96 10.19
C PRO C 155 -4.80 -13.07 8.98
N HIS C 156 -5.87 -13.33 8.24
CA HIS C 156 -6.13 -12.57 7.03
C HIS C 156 -7.05 -11.37 7.30
N ASN C 157 -6.95 -10.38 6.42
CA ASN C 157 -7.95 -9.34 6.32
C ASN C 157 -8.76 -9.59 5.05
N LEU C 158 -10.06 -9.32 5.12
CA LEU C 158 -10.97 -9.52 3.98
C LEU C 158 -11.56 -8.16 3.60
N PRO C 159 -10.74 -7.27 3.05
CA PRO C 159 -11.23 -5.94 2.69
C PRO C 159 -12.12 -6.02 1.46
N LYS C 160 -12.86 -4.93 1.24
CA LYS C 160 -13.64 -4.78 0.02
C LYS C 160 -12.81 -5.16 -1.20
N GLY C 161 -13.32 -6.10 -2.00
CA GLY C 161 -12.67 -6.59 -3.19
C GLY C 161 -12.02 -7.95 -3.05
N ALA C 162 -11.68 -8.35 -1.83
CA ALA C 162 -11.03 -9.64 -1.62
C ALA C 162 -11.85 -10.77 -2.24
N ASN C 163 -11.17 -11.74 -2.83
CA ASN C 163 -11.81 -12.90 -3.46
C ASN C 163 -11.48 -14.17 -2.69
N ILE C 164 -12.50 -14.98 -2.45
CA ILE C 164 -12.37 -16.33 -1.90
C ILE C 164 -12.94 -17.29 -2.92
N ILE C 165 -12.18 -18.34 -3.22
CA ILE C 165 -12.62 -19.42 -4.11
C ILE C 165 -12.69 -20.69 -3.29
N TYR C 166 -13.89 -21.29 -3.21
CA TYR C 166 -14.07 -22.64 -2.69
C TYR C 166 -14.25 -23.58 -3.88
N HIS C 167 -13.41 -24.62 -3.95
CA HIS C 167 -13.42 -25.53 -5.09
C HIS C 167 -13.58 -26.96 -4.58
N TRP C 168 -14.73 -27.57 -4.88
CA TRP C 168 -14.99 -29.00 -4.62
C TRP C 168 -14.55 -29.80 -5.84
N ALA C 169 -13.25 -30.15 -5.90
CA ALA C 169 -12.79 -30.98 -7.01
C ALA C 169 -13.29 -32.40 -6.85
N THR C 170 -13.37 -32.89 -5.62
CA THR C 170 -14.13 -34.05 -5.22
C THR C 170 -15.25 -33.58 -4.28
N PRO C 171 -16.29 -34.40 -4.05
CA PRO C 171 -17.34 -33.98 -3.11
C PRO C 171 -16.87 -33.93 -1.66
N ASP C 172 -15.69 -34.47 -1.35
CA ASP C 172 -15.23 -34.65 0.02
C ASP C 172 -14.05 -33.76 0.41
N THR C 173 -13.63 -32.83 -0.46
CA THR C 173 -12.57 -31.89 -0.14
C THR C 173 -12.95 -30.51 -0.65
N VAL C 174 -12.43 -29.47 0.00
CA VAL C 174 -12.61 -28.08 -0.46
C VAL C 174 -11.26 -27.41 -0.54
N LYS C 175 -10.82 -27.09 -1.74
CA LYS C 175 -9.65 -26.25 -1.94
C LYS C 175 -10.04 -24.77 -1.83
N ILE C 176 -9.34 -24.03 -0.97
CA ILE C 176 -9.66 -22.64 -0.71
C ILE C 176 -8.53 -21.77 -1.25
N SER C 177 -8.89 -20.79 -2.09
CA SER C 177 -7.93 -19.82 -2.61
C SER C 177 -8.40 -18.42 -2.23
N LEU C 178 -7.46 -17.55 -1.88
CA LEU C 178 -7.79 -16.27 -1.28
C LEU C 178 -6.84 -15.19 -1.80
N SER C 179 -7.42 -14.05 -2.20
CA SER C 179 -6.64 -12.87 -2.59
C SER C 179 -7.23 -11.65 -1.89
N GLU C 180 -6.52 -11.13 -0.88
CA GLU C 180 -7.00 -9.96 -0.17
C GLU C 180 -7.07 -8.73 -1.07
N GLU C 181 -6.15 -8.62 -2.04
CA GLU C 181 -6.02 -7.45 -2.91
C GLU C 181 -7.01 -7.44 -4.07
N GLY C 182 -7.84 -8.47 -4.23
CA GLY C 182 -8.85 -8.44 -5.26
C GLY C 182 -8.42 -8.97 -6.61
N LYS C 183 -7.21 -9.51 -6.72
CA LYS C 183 -6.87 -10.31 -7.89
C LYS C 183 -7.54 -11.68 -7.78
N ILE C 184 -7.52 -12.43 -8.88
CA ILE C 184 -8.01 -13.80 -8.89
C ILE C 184 -6.85 -14.72 -8.52
N PRO C 185 -6.92 -15.41 -7.39
CA PRO C 185 -5.75 -16.19 -6.94
C PRO C 185 -5.47 -17.36 -7.89
N ASP C 186 -4.18 -17.69 -7.98
CA ASP C 186 -3.69 -18.76 -8.84
C ASP C 186 -3.11 -19.92 -8.04
N GLU C 187 -3.19 -19.87 -6.71
CA GLU C 187 -2.71 -20.93 -5.85
C GLU C 187 -3.77 -21.30 -4.82
N VAL C 188 -3.67 -22.51 -4.30
CA VAL C 188 -4.54 -22.99 -3.24
C VAL C 188 -3.83 -22.75 -1.92
N SER C 189 -4.49 -22.03 -1.02
CA SER C 189 -3.90 -21.69 0.28
C SER C 189 -4.25 -22.69 1.37
N TYR C 190 -5.37 -23.39 1.24
CA TYR C 190 -5.86 -24.27 2.30
C TYR C 190 -6.83 -25.27 1.70
N THR C 191 -6.91 -26.44 2.32
CA THR C 191 -7.78 -27.51 1.85
C THR C 191 -8.52 -28.12 3.03
N ILE C 192 -9.85 -28.07 2.97
CA ILE C 192 -10.70 -28.82 3.90
C ILE C 192 -10.69 -30.29 3.50
N GLU C 193 -10.24 -31.16 4.42
CA GLU C 193 -10.13 -32.59 4.15
C GLU C 193 -11.16 -33.42 4.91
N ASP C 194 -12.19 -32.80 5.47
CA ASP C 194 -13.25 -33.48 6.18
C ASP C 194 -14.49 -33.53 5.31
N ALA C 195 -14.95 -34.75 4.98
CA ALA C 195 -16.04 -34.92 4.03
C ALA C 195 -17.33 -34.28 4.53
N ASN C 196 -17.62 -34.42 5.83
CA ASN C 196 -18.84 -33.84 6.38
C ASN C 196 -18.79 -32.32 6.37
N VAL C 197 -17.65 -31.73 6.74
CA VAL C 197 -17.52 -30.28 6.65
C VAL C 197 -17.68 -29.83 5.20
N ALA C 198 -17.07 -30.56 4.27
CA ALA C 198 -17.15 -30.16 2.87
C ALA C 198 -18.59 -30.15 2.37
N GLU C 199 -19.39 -31.14 2.79
N GLU C 199 -19.38 -31.16 2.77
CA GLU C 199 -20.79 -31.17 2.37
CA GLU C 199 -20.79 -31.17 2.38
C GLU C 199 -21.59 -30.07 3.06
C GLU C 199 -21.54 -30.03 3.04
N ALA C 200 -21.28 -29.79 4.32
CA ALA C 200 -22.01 -28.75 5.05
C ALA C 200 -21.73 -27.38 4.46
N LEU C 201 -20.53 -27.17 3.93
CA LEU C 201 -20.22 -25.90 3.30
C LEU C 201 -21.02 -25.73 2.01
N LEU C 202 -21.20 -26.80 1.23
CA LEU C 202 -22.08 -26.70 0.06
C LEU C 202 -23.52 -26.42 0.49
N ASP C 203 -23.97 -27.07 1.57
CA ASP C 203 -25.29 -26.82 2.11
C ASP C 203 -25.49 -25.38 2.54
N LEU C 204 -24.43 -24.73 3.02
CA LEU C 204 -24.56 -23.36 3.47
C LEU C 204 -25.00 -22.44 2.33
N TYR C 205 -24.60 -22.74 1.09
CA TYR C 205 -24.94 -21.88 -0.04
C TYR C 205 -26.07 -22.42 -0.90
N LEU C 206 -26.31 -23.74 -0.91
CA LEU C 206 -27.29 -24.35 -1.81
C LEU C 206 -28.41 -25.10 -1.09
N GLY C 207 -28.35 -25.22 0.24
CA GLY C 207 -29.34 -25.98 0.98
C GLY C 207 -30.61 -25.18 1.20
N GLU C 208 -31.58 -25.84 1.83
CA GLU C 208 -32.87 -25.21 2.12
C GLU C 208 -32.71 -23.99 3.01
N ASN C 209 -31.69 -23.96 3.86
CA ASN C 209 -31.43 -22.84 4.75
C ASN C 209 -30.25 -22.01 4.27
N THR C 210 -30.10 -21.92 2.94
CA THR C 210 -29.00 -21.20 2.34
C THR C 210 -28.91 -19.77 2.86
N ILE C 211 -27.68 -19.28 3.00
CA ILE C 211 -27.49 -17.88 3.38
C ILE C 211 -27.57 -16.96 2.18
N THR C 212 -27.66 -17.50 0.97
CA THR C 212 -27.83 -16.71 -0.24
C THR C 212 -28.99 -17.29 -1.04
N PRO C 213 -30.23 -17.06 -0.60
CA PRO C 213 -31.38 -17.49 -1.41
C PRO C 213 -31.36 -16.90 -2.82
N SER C 214 -30.67 -15.77 -3.01
CA SER C 214 -30.56 -15.19 -4.34
C SER C 214 -29.71 -16.08 -5.24
N THR C 215 -28.57 -16.56 -4.75
CA THR C 215 -27.74 -17.42 -5.59
C THR C 215 -28.45 -18.74 -5.89
N LEU C 216 -29.15 -19.29 -4.89
CA LEU C 216 -29.86 -20.55 -5.10
C LEU C 216 -30.97 -20.40 -6.13
N SER C 217 -31.74 -19.32 -6.03
CA SER C 217 -32.80 -19.05 -7.02
C SER C 217 -32.22 -18.88 -8.41
N SER C 218 -31.05 -18.26 -8.51
CA SER C 218 -30.40 -18.07 -9.81
C SER C 218 -29.98 -19.41 -10.41
N VAL C 219 -29.35 -20.25 -9.60
CA VAL C 219 -29.03 -21.61 -10.04
C VAL C 219 -30.31 -22.35 -10.47
N ALA C 220 -31.36 -22.24 -9.67
CA ALA C 220 -32.61 -22.95 -9.97
C ALA C 220 -33.19 -22.51 -11.30
N GLU C 221 -33.13 -21.20 -11.59
CA GLU C 221 -33.65 -20.68 -12.84
C GLU C 221 -32.91 -21.27 -14.03
N ALA C 222 -31.59 -21.36 -13.95
CA ALA C 222 -30.80 -21.90 -15.05
C ALA C 222 -31.08 -23.38 -15.26
N ILE C 223 -31.30 -24.12 -14.17
CA ILE C 223 -31.58 -25.54 -14.29
C ILE C 223 -32.94 -25.77 -14.93
N ALA C 224 -33.96 -25.04 -14.47
CA ALA C 224 -35.32 -25.24 -14.93
C ALA C 224 -35.56 -24.63 -16.32
N ALA C 225 -34.68 -23.75 -16.76
CA ALA C 225 -34.77 -23.18 -18.11
C ALA C 225 -34.44 -24.23 -19.16
N GLN D 20 25.10 34.00 34.37
CA GLN D 20 23.85 34.30 33.68
C GLN D 20 22.90 33.10 33.61
N VAL D 21 23.45 31.89 33.54
CA VAL D 21 22.65 30.68 33.32
C VAL D 21 23.21 29.54 34.18
N VAL D 22 22.30 28.77 34.79
CA VAL D 22 22.65 27.56 35.54
C VAL D 22 22.07 26.36 34.80
N ASN D 23 22.83 25.27 34.75
CA ASN D 23 22.39 24.07 34.06
C ASN D 23 21.76 23.10 35.05
N VAL D 24 20.49 22.80 34.84
CA VAL D 24 19.69 21.96 35.74
C VAL D 24 19.23 20.77 34.93
N GLU D 25 19.75 19.58 35.25
CA GLU D 25 19.37 18.36 34.56
C GLU D 25 19.55 18.49 33.05
N GLY D 26 20.53 19.30 32.63
CA GLY D 26 20.79 19.55 31.23
C GLY D 26 19.98 20.66 30.59
N ILE D 27 19.18 21.39 31.36
CA ILE D 27 18.34 22.46 30.84
C ILE D 27 18.85 23.78 31.39
N ASP D 28 18.94 24.78 30.52
CA ASP D 28 19.43 26.10 30.91
C ASP D 28 18.34 26.83 31.69
N PHE D 29 18.65 27.24 32.91
CA PHE D 29 17.79 28.08 33.73
C PHE D 29 18.47 29.43 33.93
N ALA D 30 17.81 30.50 33.50
CA ALA D 30 18.35 31.84 33.72
C ALA D 30 18.54 32.12 35.21
N THR D 31 19.60 32.84 35.54
CA THR D 31 19.83 33.25 36.93
C THR D 31 18.98 34.45 37.32
N LYS D 32 18.40 35.14 36.35
CA LYS D 32 17.62 36.35 36.55
C LYS D 32 16.40 36.26 35.65
N PHE D 33 15.20 36.45 36.20
CA PHE D 33 13.98 36.07 35.50
C PHE D 33 12.82 36.93 35.94
N ALA D 34 12.15 37.58 34.98
CA ALA D 34 10.92 38.28 35.28
C ALA D 34 9.73 37.50 34.74
N PRO D 35 8.84 36.99 35.59
CA PRO D 35 7.75 36.11 35.12
C PRO D 35 6.83 36.86 34.18
N PRO D 36 6.06 36.14 33.36
CA PRO D 36 5.23 36.81 32.33
C PRO D 36 4.38 37.93 32.91
N THR D 37 4.37 39.06 32.19
CA THR D 37 3.64 40.28 32.53
C THR D 37 4.08 40.90 33.84
N SER D 38 5.27 40.57 34.33
CA SER D 38 5.79 41.18 35.54
C SER D 38 6.98 42.08 35.19
N SER D 39 7.10 43.18 35.92
CA SER D 39 8.29 44.02 35.85
C SER D 39 9.31 43.67 36.93
N THR D 40 8.91 42.91 37.94
CA THR D 40 9.83 42.51 39.00
C THR D 40 10.79 41.45 38.51
N GLU D 41 12.08 41.70 38.67
CA GLU D 41 13.06 40.68 38.32
C GLU D 41 13.37 39.83 39.55
N LEU D 42 13.49 38.52 39.32
CA LEU D 42 13.67 37.53 40.37
C LEU D 42 14.99 36.82 40.19
N ASP D 43 15.65 36.51 41.30
CA ASP D 43 16.88 35.73 41.33
C ASP D 43 16.57 34.26 41.50
N LEU D 44 17.31 33.42 40.78
CA LEU D 44 17.26 31.97 40.99
C LEU D 44 17.94 31.63 42.31
N ILE D 45 17.15 31.22 43.30
CA ILE D 45 17.67 30.91 44.62
C ILE D 45 18.12 29.45 44.72
N GLY D 46 17.45 28.53 44.04
CA GLY D 46 17.76 27.12 44.15
C GLY D 46 17.23 26.36 42.94
N HIS D 47 17.80 25.18 42.71
CA HIS D 47 17.39 24.38 41.55
C HIS D 47 17.47 22.91 41.91
N GLY D 48 16.73 22.10 41.15
CA GLY D 48 16.69 20.66 41.38
C GLY D 48 15.78 19.89 40.45
N ASN D 49 15.25 18.77 40.92
CA ASN D 49 14.44 17.94 40.04
C ASN D 49 13.32 17.33 40.84
N THR D 50 12.33 16.78 40.13
CA THR D 50 11.48 15.73 40.65
C THR D 50 11.87 14.44 39.96
N GLY D 51 11.86 13.34 40.71
CA GLY D 51 12.26 12.07 40.12
C GLY D 51 12.14 10.97 41.14
N MET D 52 12.55 9.78 40.73
CA MET D 52 12.52 8.64 41.63
C MET D 52 13.35 7.53 41.01
N GLU D 53 13.60 6.50 41.79
CA GLU D 53 14.31 5.31 41.36
C GLU D 53 13.31 4.15 41.34
N ILE D 54 13.30 3.37 40.28
CA ILE D 54 12.38 2.23 40.22
C ILE D 54 13.14 1.02 39.68
N GLU D 55 13.10 -0.07 40.43
CA GLU D 55 13.78 -1.31 40.06
C GLU D 55 15.13 -1.02 39.39
N THR D 56 15.96 -0.27 40.13
CA THR D 56 17.33 0.17 39.83
C THR D 56 17.48 1.39 38.93
N VAL D 57 16.49 1.71 38.09
CA VAL D 57 16.68 2.79 37.13
C VAL D 57 16.18 4.11 37.71
N GLU D 58 16.95 5.18 37.48
CA GLU D 58 16.61 6.52 37.95
C GLU D 58 15.79 7.27 36.91
N ILE D 59 14.66 7.81 37.32
CA ILE D 59 13.72 8.52 36.46
C ILE D 59 13.72 9.98 36.88
N ARG D 60 13.78 10.88 35.91
CA ARG D 60 13.62 12.30 36.14
C ARG D 60 12.31 12.74 35.51
N PHE D 61 11.42 13.33 36.31
CA PHE D 61 10.16 13.84 35.78
C PHE D 61 10.29 15.27 35.27
N THR D 62 11.00 16.14 36.01
CA THR D 62 11.10 17.56 35.69
C THR D 62 12.44 18.09 36.21
N ALA D 63 12.88 19.21 35.63
CA ALA D 63 13.88 20.07 36.24
C ALA D 63 13.18 21.31 36.76
N MET D 64 13.61 21.81 37.91
CA MET D 64 12.90 22.88 38.58
C MET D 64 13.84 23.97 39.07
N GLY D 65 13.31 25.18 39.14
CA GLY D 65 14.02 26.33 39.65
C GLY D 65 13.13 27.21 40.49
N PHE D 66 13.59 27.57 41.68
CA PHE D 66 12.88 28.49 42.57
C PHE D 66 13.49 29.87 42.44
N TYR D 67 12.65 30.87 42.18
CA TYR D 67 13.03 32.26 41.95
C TYR D 67 12.34 33.15 42.97
N ALA D 68 13.01 34.23 43.37
CA ALA D 68 12.45 35.15 44.35
C ALA D 68 13.17 36.49 44.24
N GLU D 69 12.53 37.52 44.77
CA GLU D 69 13.16 38.82 44.86
C GLU D 69 14.43 38.72 45.69
N PRO D 70 15.52 39.39 45.29
CA PRO D 70 16.79 39.22 46.00
C PRO D 70 16.71 39.53 47.49
N SER D 71 15.75 40.35 47.90
CA SER D 71 15.54 40.70 49.31
C SER D 71 15.23 39.49 50.19
N ILE D 72 14.97 38.31 49.60
CA ILE D 72 14.59 37.13 50.37
C ILE D 72 15.63 36.82 51.45
N SER D 73 16.91 37.04 51.13
CA SER D 73 17.97 36.71 52.08
C SER D 73 17.87 37.55 53.35
N GLU D 74 17.53 38.83 53.22
CA GLU D 74 17.34 39.68 54.40
C GLU D 74 16.32 39.09 55.35
N HIS D 75 15.21 38.55 54.82
CA HIS D 75 14.15 38.02 55.65
C HIS D 75 14.56 36.72 56.35
N LEU D 76 15.51 35.98 55.79
CA LEU D 76 15.94 34.71 56.37
C LEU D 76 17.31 34.87 57.03
N GLN D 77 17.45 35.95 57.80
CA GLN D 77 18.75 36.28 58.40
C GLN D 77 19.17 35.22 59.42
N LYS D 78 18.24 34.76 60.26
CA LYS D 78 18.58 33.82 61.32
C LYS D 78 19.18 32.53 60.78
N TRP D 79 18.93 32.20 59.51
CA TRP D 79 19.43 30.97 58.92
C TRP D 79 20.81 31.13 58.31
N LYS D 80 21.22 32.35 57.98
CA LYS D 80 22.55 32.59 57.44
C LYS D 80 23.62 32.07 58.38
N GLY D 81 24.60 31.35 57.82
CA GLY D 81 25.68 30.78 58.60
C GLY D 81 25.41 29.41 59.17
N LYS D 82 24.15 29.01 59.31
CA LYS D 82 23.86 27.68 59.81
C LYS D 82 24.15 26.62 58.74
N ALA D 83 24.19 25.36 59.19
CA ALA D 83 24.40 24.24 58.28
C ALA D 83 23.07 23.79 57.67
N VAL D 84 23.15 23.31 56.43
CA VAL D 84 21.94 22.97 55.67
C VAL D 84 21.10 21.94 56.42
N SER D 85 21.74 20.99 57.09
CA SER D 85 21.00 19.93 57.77
C SER D 85 20.11 20.50 58.88
N GLU D 86 20.47 21.65 59.45
CA GLU D 86 19.58 22.29 60.41
C GLU D 86 18.36 22.89 59.72
N LEU D 87 18.58 23.56 58.58
CA LEU D 87 17.48 24.20 57.85
C LEU D 87 16.50 23.17 57.34
N VAL D 88 17.00 22.15 56.64
CA VAL D 88 16.15 21.18 55.95
C VAL D 88 15.47 20.20 56.90
N GLU D 89 16.05 20.00 58.09
CA GLU D 89 15.52 19.04 59.04
C GLU D 89 14.05 19.32 59.36
N ASP D 90 13.31 18.25 59.66
CA ASP D 90 11.93 18.41 60.11
C ASP D 90 11.88 19.19 61.42
N ASP D 91 10.83 20.00 61.58
CA ASP D 91 10.56 20.86 62.73
C ASP D 91 11.51 22.04 62.81
N SER D 92 12.34 22.27 61.80
CA SER D 92 13.26 23.40 61.84
C SER D 92 12.53 24.73 61.86
N GLY D 93 11.40 24.80 61.15
CA GLY D 93 10.72 26.04 60.91
C GLY D 93 11.22 26.80 59.71
N PHE D 94 12.30 26.34 59.08
CA PHE D 94 12.78 27.00 57.88
C PHE D 94 11.74 26.91 56.76
N HIS D 95 11.10 25.75 56.62
CA HIS D 95 10.18 25.52 55.50
C HIS D 95 9.05 26.54 55.49
N LYS D 96 8.26 26.60 56.58
CA LYS D 96 7.18 27.57 56.66
C LYS D 96 7.70 29.01 56.56
N GLU D 97 8.82 29.32 57.22
CA GLU D 97 9.38 30.67 57.12
C GLU D 97 9.73 31.03 55.69
N LEU D 98 10.37 30.10 54.97
CA LEU D 98 10.62 30.32 53.55
C LEU D 98 9.32 30.51 52.78
N ILE D 99 8.30 29.71 53.08
CA ILE D 99 7.03 29.78 52.36
C ILE D 99 6.32 31.11 52.62
N GLN D 100 6.43 31.63 53.85
CA GLN D 100 5.67 32.80 54.28
C GLN D 100 6.42 34.12 54.07
N VAL D 101 7.59 34.09 53.43
CA VAL D 101 8.36 35.32 53.25
C VAL D 101 7.60 36.27 52.32
N PRO D 102 7.44 37.53 52.68
CA PRO D 102 6.65 38.46 51.87
C PRO D 102 7.42 39.07 50.70
N VAL D 103 7.83 38.23 49.75
CA VAL D 103 8.39 38.67 48.48
C VAL D 103 7.70 37.89 47.36
N GLU D 104 7.78 38.44 46.15
CA GLU D 104 7.34 37.69 44.98
C GLU D 104 8.22 36.46 44.80
N LYS D 105 7.61 35.35 44.39
CA LYS D 105 8.30 34.10 44.14
C LYS D 105 7.80 33.49 42.84
N ALA D 106 8.63 32.63 42.25
CA ALA D 106 8.21 31.90 41.07
C ALA D 106 8.90 30.55 41.05
N VAL D 107 8.24 29.58 40.42
CA VAL D 107 8.80 28.27 40.14
C VAL D 107 8.71 28.03 38.64
N ARG D 108 9.83 27.68 38.03
CA ARG D 108 9.82 27.19 36.66
C ARG D 108 9.97 25.67 36.66
N ILE D 109 9.08 25.00 35.93
CA ILE D 109 9.13 23.56 35.75
C ILE D 109 9.39 23.30 34.28
N SER D 110 10.47 22.58 34.00
CA SER D 110 10.75 22.10 32.65
C SER D 110 10.47 20.61 32.64
N ILE D 111 9.55 20.18 31.77
CA ILE D 111 9.10 18.78 31.76
C ILE D 111 10.20 17.93 31.13
N ILE D 112 10.63 16.90 31.85
CA ILE D 112 11.55 15.91 31.29
C ILE D 112 10.80 14.67 30.81
N LYS D 113 9.97 14.07 31.66
CA LYS D 113 9.13 12.95 31.25
C LYS D 113 7.79 13.48 30.71
N GLY D 114 7.61 13.44 29.40
CA GLY D 114 6.37 13.88 28.79
C GLY D 114 5.17 13.15 29.36
N ILE D 115 4.15 13.90 29.77
CA ILE D 115 2.90 13.34 30.28
C ILE D 115 1.74 14.17 29.76
N LYS D 116 0.53 13.67 29.95
CA LYS D 116 -0.65 14.38 29.51
C LYS D 116 -1.11 15.39 30.56
N GLY D 117 -1.86 16.39 30.10
CA GLY D 117 -2.27 17.46 31.01
C GLY D 117 -3.21 17.00 32.10
N LEU D 118 -4.15 16.10 31.77
CA LEU D 118 -5.11 15.62 32.76
C LEU D 118 -4.42 14.90 33.93
N PRO D 119 -3.57 13.89 33.71
CA PRO D 119 -2.88 13.28 34.86
C PRO D 119 -2.05 14.27 35.66
N TYR D 120 -1.37 15.22 35.00
CA TYR D 120 -0.60 16.23 35.73
C TYR D 120 -1.50 17.05 36.64
N GLY D 121 -2.60 17.57 36.10
CA GLY D 121 -3.50 18.38 36.91
C GLY D 121 -4.17 17.56 38.00
N SER D 122 -4.55 16.31 37.68
CA SER D 122 -5.21 15.46 38.67
C SER D 122 -4.27 15.12 39.82
N ALA D 123 -2.99 14.89 39.53
CA ALA D 123 -2.03 14.58 40.60
C ALA D 123 -1.73 15.80 41.45
N LEU D 124 -1.65 16.97 40.82
CA LEU D 124 -1.61 18.24 41.55
C LEU D 124 -2.82 18.37 42.47
N GLN D 125 -4.02 18.03 41.96
CA GLN D 125 -5.23 18.13 42.76
C GLN D 125 -5.15 17.26 44.00
N SER D 126 -4.77 15.99 43.85
CA SER D 126 -4.73 15.12 45.01
C SER D 126 -3.62 15.55 45.97
N SER D 127 -2.49 16.03 45.45
CA SER D 127 -1.39 16.46 46.31
C SER D 127 -1.80 17.66 47.17
N LEU D 128 -2.48 18.63 46.55
CA LEU D 128 -2.90 19.82 47.29
C LEU D 128 -4.06 19.49 48.21
N ARG D 129 -4.97 18.61 47.77
N ARG D 129 -4.96 18.60 47.78
CA ARG D 129 -6.07 18.20 48.62
CA ARG D 129 -6.07 18.21 48.63
C ARG D 129 -5.58 17.56 49.92
C ARG D 129 -5.58 17.56 49.92
N ASP D 130 -4.58 16.69 49.83
CA ASP D 130 -4.02 16.06 51.03
C ASP D 130 -3.52 17.10 52.00
N ARG D 131 -2.76 18.07 51.50
CA ARG D 131 -2.21 19.09 52.36
C ARG D 131 -3.31 19.92 53.01
N LEU D 132 -4.32 20.29 52.24
CA LEU D 132 -5.42 21.11 52.77
C LEU D 132 -6.23 20.33 53.80
N VAL D 133 -6.51 19.06 53.53
CA VAL D 133 -7.25 18.24 54.49
C VAL D 133 -6.45 18.10 55.79
N ASN D 134 -5.14 17.92 55.67
CA ASN D 134 -4.29 17.81 56.86
C ASN D 134 -4.31 19.07 57.70
N ASP D 135 -4.46 20.24 57.08
CA ASP D 135 -4.42 21.51 57.80
C ASP D 135 -5.81 22.03 58.17
N ASP D 136 -6.86 21.22 57.96
CA ASP D 136 -8.25 21.62 58.23
C ASP D 136 -8.68 22.80 57.35
N LYS D 137 -8.17 22.84 56.13
CA LYS D 137 -8.43 23.95 55.23
C LYS D 137 -9.07 23.50 53.92
N PHE D 138 -9.69 22.34 53.89
CA PHE D 138 -10.30 21.83 52.65
C PHE D 138 -11.81 21.90 52.79
N GLU D 139 -12.40 22.92 52.21
CA GLU D 139 -13.84 23.11 52.20
C GLU D 139 -14.33 23.17 50.76
N GLU D 140 -15.62 23.45 50.57
CA GLU D 140 -16.19 23.47 49.23
C GLU D 140 -15.53 24.50 48.34
N GLU D 141 -15.08 25.61 48.92
CA GLU D 141 -14.40 26.63 48.12
C GLU D 141 -13.08 26.11 47.58
N GLU D 142 -12.28 25.45 48.44
CA GLU D 142 -10.99 24.93 48.00
C GLU D 142 -11.18 23.76 47.04
N GLU D 143 -12.20 22.93 47.28
CA GLU D 143 -12.51 21.82 46.39
C GLU D 143 -12.84 22.31 44.98
N GLU D 144 -13.67 23.35 44.88
CA GLU D 144 -14.00 23.91 43.58
C GLU D 144 -12.78 24.50 42.90
N ALA D 145 -11.91 25.16 43.67
CA ALA D 145 -10.71 25.75 43.07
C ALA D 145 -9.80 24.68 42.47
N LEU D 146 -9.64 23.55 43.16
CA LEU D 146 -8.83 22.46 42.60
C LEU D 146 -9.49 21.84 41.37
N GLU D 147 -10.83 21.74 41.37
CA GLU D 147 -11.54 21.25 40.19
C GLU D 147 -11.27 22.11 38.97
N LYS D 148 -11.31 23.45 39.14
CA LYS D 148 -11.01 24.34 38.02
C LYS D 148 -9.55 24.25 37.60
N LEU D 149 -8.64 24.05 38.56
CA LEU D 149 -7.24 23.88 38.22
C LEU D 149 -7.03 22.67 37.33
N VAL D 150 -7.69 21.55 37.64
CA VAL D 150 -7.59 20.36 36.80
C VAL D 150 -8.17 20.63 35.43
N GLU D 151 -9.32 21.34 35.39
CA GLU D 151 -9.94 21.64 34.10
C GLU D 151 -9.07 22.57 33.25
N PHE D 152 -8.31 23.48 33.88
CA PHE D 152 -7.33 24.23 33.10
C PHE D 152 -6.30 23.30 32.46
N PHE D 153 -5.78 22.34 33.22
CA PHE D 153 -4.71 21.52 32.70
C PHE D 153 -5.18 20.43 31.75
N GLN D 154 -6.42 19.96 31.89
CA GLN D 154 -6.76 18.70 31.22
C GLN D 154 -6.77 18.74 29.68
N PRO D 155 -7.05 19.87 29.01
CA PRO D 155 -6.96 19.86 27.54
C PRO D 155 -5.52 19.92 27.01
N HIS D 156 -4.55 20.23 27.85
CA HIS D 156 -3.18 20.40 27.41
C HIS D 156 -2.44 19.06 27.34
N ASN D 157 -1.39 19.03 26.51
CA ASN D 157 -0.35 18.02 26.57
C ASN D 157 0.89 18.65 27.18
N LEU D 158 1.65 17.86 27.95
CA LEU D 158 2.90 18.32 28.56
C LEU D 158 4.06 17.45 28.08
N PRO D 159 4.46 17.58 26.81
CA PRO D 159 5.59 16.79 26.31
C PRO D 159 6.91 17.25 26.92
N LYS D 160 7.92 16.40 26.75
CA LYS D 160 9.29 16.77 27.10
C LYS D 160 9.62 18.16 26.58
N GLY D 161 10.18 18.99 27.44
CA GLY D 161 10.55 20.35 27.11
C GLY D 161 9.53 21.40 27.50
N ALA D 162 8.27 21.02 27.68
CA ALA D 162 7.24 21.99 28.05
C ALA D 162 7.62 22.73 29.33
N ASN D 163 7.26 24.01 29.40
CA ASN D 163 7.59 24.84 30.55
C ASN D 163 6.32 25.29 31.25
N ILE D 164 6.31 25.18 32.58
CA ILE D 164 5.24 25.70 33.43
C ILE D 164 5.85 26.73 34.37
N ILE D 165 5.25 27.93 34.41
CA ILE D 165 5.65 28.97 35.36
C ILE D 165 4.50 29.17 36.35
N TYR D 166 4.80 28.99 37.64
CA TYR D 166 3.93 29.42 38.72
C TYR D 166 4.53 30.67 39.34
N HIS D 167 3.70 31.70 39.51
CA HIS D 167 4.16 33.02 39.94
C HIS D 167 3.27 33.52 41.07
N TRP D 168 3.85 33.64 42.26
CA TRP D 168 3.18 34.24 43.43
C TRP D 168 3.51 35.73 43.50
N ALA D 169 2.82 36.52 42.67
CA ALA D 169 2.93 37.98 42.77
C ALA D 169 2.45 38.45 44.13
N THR D 170 1.28 37.99 44.54
CA THR D 170 0.84 38.05 45.91
C THR D 170 0.94 36.65 46.53
N PRO D 171 0.94 36.53 47.86
CA PRO D 171 0.89 35.18 48.46
C PRO D 171 -0.48 34.52 48.30
N ASP D 172 -1.50 35.27 47.87
CA ASP D 172 -2.86 34.77 47.81
C ASP D 172 -3.29 34.36 46.41
N THR D 173 -2.43 34.53 45.40
CA THR D 173 -2.76 34.15 44.03
C THR D 173 -1.57 33.46 43.39
N VAL D 174 -1.85 32.69 42.34
CA VAL D 174 -0.81 32.04 41.53
C VAL D 174 -1.13 32.28 40.07
N LYS D 175 -0.23 32.98 39.38
CA LYS D 175 -0.34 33.12 37.93
C LYS D 175 0.39 31.95 37.28
N ILE D 176 -0.32 31.19 36.45
CA ILE D 176 0.21 30.03 35.76
C ILE D 176 0.41 30.37 34.29
N SER D 177 1.62 30.12 33.79
CA SER D 177 1.93 30.27 32.37
C SER D 177 2.50 28.96 31.85
N LEU D 178 2.16 28.63 30.61
CA LEU D 178 2.46 27.32 30.05
C LEU D 178 2.84 27.43 28.59
N SER D 179 3.96 26.81 28.21
CA SER D 179 4.35 26.66 26.81
C SER D 179 4.58 25.17 26.55
N GLU D 180 3.63 24.53 25.85
CA GLU D 180 3.79 23.12 25.49
C GLU D 180 5.04 22.89 24.64
N GLU D 181 5.34 23.84 23.75
CA GLU D 181 6.43 23.72 22.79
C GLU D 181 7.80 24.05 23.38
N GLY D 182 7.86 24.42 24.65
CA GLY D 182 9.14 24.59 25.32
C GLY D 182 9.77 25.95 25.23
N LYS D 183 9.06 26.96 24.74
CA LYS D 183 9.52 28.33 24.91
C LYS D 183 9.27 28.77 26.34
N ILE D 184 9.69 29.97 26.69
CA ILE D 184 9.30 30.61 27.94
C ILE D 184 8.07 31.46 27.65
N PRO D 185 6.91 31.14 28.22
CA PRO D 185 5.68 31.85 27.85
C PRO D 185 5.75 33.33 28.19
N ASP D 186 5.04 34.13 27.42
CA ASP D 186 4.99 35.58 27.63
C ASP D 186 3.66 36.04 28.18
N GLU D 187 2.70 35.14 28.36
CA GLU D 187 1.35 35.50 28.77
C GLU D 187 0.85 34.52 29.82
N VAL D 188 0.05 35.04 30.75
CA VAL D 188 -0.55 34.23 31.80
C VAL D 188 -1.77 33.51 31.25
N SER D 189 -1.83 32.19 31.44
CA SER D 189 -2.92 31.36 30.93
C SER D 189 -3.99 31.05 31.96
N TYR D 190 -3.65 31.03 33.25
CA TYR D 190 -4.62 30.72 34.30
C TYR D 190 -4.13 31.34 35.59
N THR D 191 -5.07 31.69 36.47
CA THR D 191 -4.75 32.25 37.78
C THR D 191 -5.54 31.50 38.84
N ILE D 192 -4.82 30.94 39.82
CA ILE D 192 -5.43 30.46 41.05
C ILE D 192 -5.77 31.67 41.92
N GLU D 193 -7.04 31.76 42.33
CA GLU D 193 -7.50 32.87 43.14
C GLU D 193 -7.76 32.49 44.58
N ASP D 194 -7.48 31.26 44.97
CA ASP D 194 -7.71 30.80 46.33
C ASP D 194 -6.41 30.86 47.12
N ALA D 195 -6.43 31.60 48.23
CA ALA D 195 -5.22 31.80 49.02
C ALA D 195 -4.73 30.49 49.63
N ASN D 196 -5.64 29.64 50.12
CA ASN D 196 -5.24 28.37 50.72
C ASN D 196 -4.59 27.45 49.69
N VAL D 197 -5.15 27.40 48.48
CA VAL D 197 -4.54 26.62 47.40
C VAL D 197 -3.17 27.19 47.04
N ALA D 198 -3.06 28.52 46.96
CA ALA D 198 -1.78 29.15 46.63
C ALA D 198 -0.69 28.75 47.61
N GLU D 199 -1.01 28.77 48.91
CA GLU D 199 -0.01 28.41 49.90
C GLU D 199 0.28 26.91 49.84
N ALA D 200 -0.74 26.10 49.59
CA ALA D 200 -0.53 24.66 49.49
C ALA D 200 0.38 24.32 48.32
N LEU D 201 0.24 25.06 47.21
CA LEU D 201 1.10 24.81 46.05
C LEU D 201 2.55 25.18 46.37
N LEU D 202 2.77 26.25 47.10
CA LEU D 202 4.12 26.58 47.55
C LEU D 202 4.66 25.49 48.48
N ASP D 203 3.84 25.01 49.41
CA ASP D 203 4.23 23.94 50.31
C ASP D 203 4.56 22.65 49.56
N LEU D 204 3.89 22.40 48.43
CA LEU D 204 4.19 21.22 47.63
C LEU D 204 5.66 21.18 47.23
N TYR D 205 6.27 22.35 47.00
CA TYR D 205 7.66 22.40 46.57
C TYR D 205 8.65 22.76 47.68
N LEU D 206 8.22 23.51 48.71
CA LEU D 206 9.15 23.99 49.73
C LEU D 206 8.84 23.50 51.13
N GLY D 207 7.77 22.74 51.33
CA GLY D 207 7.45 22.21 52.65
C GLY D 207 8.30 21.00 53.02
N GLU D 208 8.06 20.52 54.24
CA GLU D 208 8.83 19.38 54.75
C GLU D 208 8.57 18.12 53.96
N ASN D 209 7.38 17.99 53.36
CA ASN D 209 7.05 16.86 52.50
C ASN D 209 7.15 17.23 51.03
N THR D 210 8.09 18.12 50.70
CA THR D 210 8.26 18.56 49.32
C THR D 210 8.50 17.39 48.38
N ILE D 211 7.94 17.48 47.18
CA ILE D 211 8.21 16.48 46.14
C ILE D 211 9.56 16.68 45.48
N THR D 212 10.28 17.74 45.83
CA THR D 212 11.61 18.01 45.27
C THR D 212 12.58 18.36 46.40
N PRO D 213 12.98 17.37 47.20
CA PRO D 213 13.98 17.65 48.23
C PRO D 213 15.26 18.22 47.66
N SER D 214 15.59 17.92 46.40
CA SER D 214 16.76 18.51 45.77
C SER D 214 16.63 20.04 45.68
N THR D 215 15.51 20.54 45.15
CA THR D 215 15.36 21.99 45.04
C THR D 215 15.40 22.66 46.40
N LEU D 216 14.79 22.03 47.42
CA LEU D 216 14.75 22.63 48.74
C LEU D 216 16.13 22.68 49.38
N SER D 217 16.93 21.64 49.19
CA SER D 217 18.32 21.67 49.65
C SER D 217 19.09 22.77 48.94
N SER D 218 18.88 22.92 47.64
CA SER D 218 19.57 23.94 46.88
C SER D 218 19.23 25.33 47.39
N VAL D 219 17.95 25.56 47.69
CA VAL D 219 17.54 26.84 48.28
C VAL D 219 18.16 27.03 49.65
N ALA D 220 18.05 26.01 50.52
CA ALA D 220 18.60 26.10 51.87
C ALA D 220 20.09 26.39 51.84
N GLU D 221 20.81 25.80 50.89
CA GLU D 221 22.24 26.09 50.75
C GLU D 221 22.47 27.56 50.45
N ALA D 222 21.79 28.10 49.44
CA ALA D 222 22.01 29.49 49.06
C ALA D 222 21.72 30.44 50.21
N ILE D 223 20.72 30.12 51.03
CA ILE D 223 20.40 30.96 52.19
C ILE D 223 21.49 30.83 53.25
N ALA D 224 22.02 29.62 53.45
CA ALA D 224 22.99 29.40 54.51
C ALA D 224 24.36 29.94 54.14
N ALA D 225 24.72 29.91 52.86
CA ALA D 225 26.05 30.29 52.41
C ALA D 225 26.18 31.80 52.24
N GLN D 226 25.85 32.55 53.30
CA GLN D 226 25.98 33.99 53.31
C GLN D 226 26.53 34.42 54.66
N VAL D 227 27.29 35.51 54.66
CA VAL D 227 27.84 36.07 55.90
C VAL D 227 26.73 36.38 56.90
N ALA E 26 47.11 15.47 -46.94
CA ALA E 26 46.54 15.23 -48.26
C ALA E 26 45.06 14.84 -48.17
N ALA E 27 44.19 15.71 -48.68
CA ALA E 27 42.77 15.38 -48.76
C ALA E 27 42.55 14.20 -49.70
N LEU E 28 41.62 13.32 -49.32
CA LEU E 28 41.24 12.17 -50.10
C LEU E 28 39.85 12.39 -50.72
N PRO E 29 39.58 11.88 -51.92
CA PRO E 29 38.22 11.99 -52.46
C PRO E 29 37.25 11.18 -51.61
N ARG E 30 35.99 11.61 -51.64
CA ARG E 30 34.94 10.93 -50.89
C ARG E 30 34.97 9.43 -51.15
N ALA E 31 35.24 8.66 -50.08
CA ALA E 31 35.46 7.22 -50.25
C ALA E 31 34.17 6.50 -50.63
N GLN E 32 33.03 6.90 -50.06
CA GLN E 32 31.73 6.38 -50.47
C GLN E 32 31.06 7.45 -51.30
N PRO E 33 31.03 7.32 -52.63
CA PRO E 33 30.63 8.45 -53.49
C PRO E 33 29.22 8.93 -53.17
N ARG E 34 29.02 10.24 -53.26
CA ARG E 34 27.73 10.85 -53.04
C ARG E 34 26.94 10.88 -54.35
N ALA E 35 25.61 11.04 -54.23
CA ALA E 35 24.74 11.19 -55.38
C ALA E 35 24.63 12.67 -55.76
N GLU E 36 23.86 12.99 -56.80
CA GLU E 36 23.80 14.35 -57.33
C GLU E 36 22.45 15.01 -57.14
N GLY E 37 21.37 14.44 -57.68
CA GLY E 37 20.09 15.11 -57.69
C GLY E 37 19.35 14.96 -56.39
N PRO E 38 18.19 15.59 -56.31
CA PRO E 38 17.38 15.51 -55.09
C PRO E 38 16.87 14.09 -54.85
N ALA E 39 16.60 13.79 -53.59
CA ALA E 39 15.94 12.53 -53.27
C ALA E 39 14.55 12.53 -53.88
N CYS E 40 14.18 11.44 -54.55
CA CYS E 40 12.88 11.31 -55.19
C CYS E 40 12.08 10.18 -54.58
N VAL E 41 10.77 10.36 -54.47
CA VAL E 41 9.88 9.25 -54.17
C VAL E 41 9.69 8.47 -55.47
N LEU E 42 10.11 7.20 -55.46
CA LEU E 42 10.12 6.35 -56.64
C LEU E 42 9.00 5.32 -56.66
N GLY E 43 8.33 5.10 -55.53
CA GLY E 43 7.28 4.11 -55.48
C GLY E 43 6.59 4.18 -54.13
N ILE E 44 5.30 3.92 -54.11
CA ILE E 44 4.49 4.07 -52.90
C ILE E 44 3.65 2.82 -52.70
N GLY E 45 3.60 2.34 -51.47
CA GLY E 45 2.71 1.25 -51.12
C GLY E 45 2.15 1.44 -49.73
N THR E 46 0.91 0.98 -49.54
CA THR E 46 0.24 1.07 -48.25
C THR E 46 -0.46 -0.25 -47.94
N ALA E 47 -0.73 -0.47 -46.65
CA ALA E 47 -1.40 -1.69 -46.23
C ALA E 47 -2.11 -1.47 -44.91
N VAL E 48 -3.23 -2.17 -44.74
CA VAL E 48 -4.03 -2.09 -43.52
C VAL E 48 -4.46 -3.49 -43.13
N PRO E 49 -4.78 -3.71 -41.86
CA PRO E 49 -5.41 -4.97 -41.47
C PRO E 49 -6.77 -5.08 -42.11
N PRO E 50 -7.26 -6.31 -42.34
CA PRO E 50 -8.51 -6.46 -43.11
C PRO E 50 -9.77 -5.99 -42.37
N ALA E 51 -9.85 -6.11 -41.05
CA ALA E 51 -11.13 -5.89 -40.39
C ALA E 51 -11.46 -4.40 -40.29
N GLU E 52 -12.69 -4.04 -40.68
CA GLU E 52 -13.12 -2.65 -40.74
C GLU E 52 -14.12 -2.38 -39.63
N PHE E 53 -13.94 -1.26 -38.96
CA PHE E 53 -14.79 -0.84 -37.84
C PHE E 53 -15.45 0.47 -38.24
N LEU E 54 -16.78 0.42 -38.42
CA LEU E 54 -17.53 1.60 -38.80
C LEU E 54 -17.71 2.50 -37.60
N GLN E 55 -17.40 3.79 -37.77
CA GLN E 55 -17.44 4.69 -36.63
C GLN E 55 -18.86 4.81 -36.07
N SER E 56 -19.89 4.68 -36.93
CA SER E 56 -21.27 4.71 -36.42
C SER E 56 -21.55 3.58 -35.44
N GLU E 57 -20.89 2.43 -35.62
CA GLU E 57 -21.10 1.28 -34.76
C GLU E 57 -20.05 1.13 -33.66
N TYR E 58 -19.00 1.97 -33.66
CA TYR E 58 -17.87 1.71 -32.78
C TYR E 58 -18.20 1.91 -31.30
N PRO E 59 -18.86 3.00 -30.87
CA PRO E 59 -19.13 3.16 -29.44
C PRO E 59 -19.79 1.94 -28.80
N ASP E 60 -20.76 1.32 -29.47
CA ASP E 60 -21.39 0.13 -28.91
C ASP E 60 -20.42 -1.04 -28.83
N PHE E 61 -19.65 -1.27 -29.89
CA PHE E 61 -18.71 -2.40 -29.88
C PHE E 61 -17.62 -2.20 -28.83
N PHE E 62 -17.04 -0.99 -28.80
CA PHE E 62 -15.92 -0.69 -27.91
C PHE E 62 -16.35 -0.75 -26.44
N PHE E 63 -17.42 -0.04 -26.08
CA PHE E 63 -17.86 -0.07 -24.69
C PHE E 63 -18.34 -1.46 -24.27
N ASN E 64 -18.77 -2.29 -25.21
CA ASN E 64 -19.24 -3.62 -24.85
C ASN E 64 -18.07 -4.57 -24.58
N ILE E 65 -17.09 -4.62 -25.48
CA ILE E 65 -16.01 -5.59 -25.35
C ILE E 65 -15.07 -5.23 -24.19
N THR E 66 -15.08 -3.97 -23.72
CA THR E 66 -14.32 -3.59 -22.56
C THR E 66 -15.13 -3.66 -21.27
N ASN E 67 -16.34 -4.23 -21.33
CA ASN E 67 -17.19 -4.42 -20.16
C ASN E 67 -17.54 -3.09 -19.49
N CYS E 68 -17.76 -2.06 -20.31
CA CYS E 68 -18.18 -0.74 -19.85
C CYS E 68 -19.54 -0.37 -20.42
N GLY E 69 -20.36 -1.37 -20.76
CA GLY E 69 -21.64 -1.12 -21.40
C GLY E 69 -22.61 -0.33 -20.54
N GLU E 70 -22.40 -0.32 -19.23
CA GLU E 70 -23.27 0.40 -18.30
C GLU E 70 -22.91 1.88 -18.20
N LYS E 71 -21.71 2.27 -18.62
CA LYS E 71 -21.23 3.64 -18.44
C LYS E 71 -21.89 4.53 -19.50
N GLU E 72 -23.16 4.88 -19.24
CA GLU E 72 -23.96 5.55 -20.26
C GLU E 72 -23.46 6.97 -20.50
N ALA E 73 -23.30 7.75 -19.43
CA ALA E 73 -22.82 9.13 -19.60
C ALA E 73 -21.47 9.15 -20.29
N LEU E 74 -20.53 8.33 -19.82
CA LEU E 74 -19.22 8.21 -20.48
C LEU E 74 -19.39 7.82 -21.95
N LYS E 75 -20.25 6.84 -22.24
CA LYS E 75 -20.44 6.44 -23.62
C LYS E 75 -21.04 7.56 -24.46
N ALA E 76 -21.89 8.40 -23.86
CA ALA E 76 -22.44 9.56 -24.56
C ALA E 76 -21.35 10.54 -24.98
N LYS E 77 -20.37 10.78 -24.09
CA LYS E 77 -19.23 11.61 -24.46
C LYS E 77 -18.46 11.01 -25.63
N PHE E 78 -18.26 9.70 -25.61
CA PHE E 78 -17.50 9.04 -26.67
C PHE E 78 -18.21 9.17 -28.00
N LYS E 79 -19.54 9.00 -28.01
CA LYS E 79 -20.31 9.12 -29.23
C LYS E 79 -20.28 10.55 -29.77
N ARG E 80 -20.31 11.56 -28.89
CA ARG E 80 -20.12 12.93 -29.33
C ARG E 80 -18.79 13.10 -30.03
N ILE E 81 -17.73 12.44 -29.52
CA ILE E 81 -16.41 12.53 -30.15
C ILE E 81 -16.39 11.80 -31.48
N CYS E 82 -16.93 10.56 -31.50
CA CYS E 82 -16.94 9.78 -32.73
C CYS E 82 -17.77 10.47 -33.80
N ASP E 83 -18.89 11.07 -33.42
CA ASP E 83 -19.74 11.74 -34.41
C ASP E 83 -19.06 12.96 -35.01
N LYS E 84 -18.19 13.63 -34.26
CA LYS E 84 -17.47 14.81 -34.75
C LYS E 84 -16.14 14.47 -35.41
N SER E 85 -15.73 13.19 -35.42
CA SER E 85 -14.35 12.85 -35.76
C SER E 85 -14.04 12.94 -37.24
N GLY E 86 -15.04 13.05 -38.11
CA GLY E 86 -14.79 12.93 -39.53
C GLY E 86 -14.29 11.58 -40.00
N ILE E 87 -14.40 10.55 -39.16
CA ILE E 87 -13.97 9.20 -39.49
C ILE E 87 -15.19 8.38 -39.87
N ARG E 88 -15.12 7.69 -41.00
CA ARG E 88 -16.20 6.77 -41.39
C ARG E 88 -15.88 5.34 -40.99
N LYS E 89 -14.64 4.89 -41.22
CA LYS E 89 -14.20 3.59 -40.73
C LYS E 89 -12.71 3.64 -40.38
N ARG E 90 -12.27 2.65 -39.61
CA ARG E 90 -10.86 2.40 -39.34
C ARG E 90 -10.60 0.91 -39.52
N HIS E 91 -9.34 0.57 -39.79
CA HIS E 91 -8.89 -0.82 -39.85
C HIS E 91 -8.17 -1.16 -38.56
N MET E 92 -8.48 -2.32 -37.98
CA MET E 92 -7.81 -2.72 -36.74
C MET E 92 -7.51 -4.21 -36.73
N PHE E 93 -6.29 -4.55 -36.32
CA PHE E 93 -5.95 -5.94 -36.06
C PHE E 93 -6.72 -6.47 -34.85
N LEU E 94 -7.12 -5.59 -33.94
CA LEU E 94 -7.81 -5.99 -32.70
C LEU E 94 -9.28 -6.28 -32.99
N THR E 95 -9.52 -7.46 -33.56
CA THR E 95 -10.87 -7.92 -33.77
C THR E 95 -11.48 -8.44 -32.47
N GLU E 96 -12.78 -8.74 -32.51
CA GLU E 96 -13.44 -9.30 -31.34
C GLU E 96 -12.68 -10.53 -30.83
N GLU E 97 -12.18 -11.35 -31.74
CA GLU E 97 -11.50 -12.60 -31.37
C GLU E 97 -10.17 -12.32 -30.68
N VAL E 98 -9.37 -11.40 -31.22
CA VAL E 98 -8.08 -11.09 -30.61
C VAL E 98 -8.29 -10.50 -29.22
N LEU E 99 -9.27 -9.62 -29.07
CA LEU E 99 -9.49 -8.96 -27.78
C LEU E 99 -9.94 -9.98 -26.73
N LYS E 100 -10.86 -10.88 -27.10
CA LYS E 100 -11.26 -11.93 -26.18
C LYS E 100 -10.09 -12.85 -25.81
N ALA E 101 -9.17 -13.06 -26.75
CA ALA E 101 -7.98 -13.85 -26.46
C ALA E 101 -6.93 -13.11 -25.64
N ASN E 102 -7.12 -11.81 -25.37
CA ASN E 102 -6.18 -11.00 -24.59
C ASN E 102 -6.97 -10.08 -23.68
N PRO E 103 -7.59 -10.62 -22.63
CA PRO E 103 -8.45 -9.78 -21.78
C PRO E 103 -7.70 -8.67 -21.06
N GLY E 104 -6.40 -8.81 -20.83
CA GLY E 104 -5.64 -7.72 -20.23
C GLY E 104 -5.74 -6.43 -21.04
N ILE E 105 -5.75 -6.54 -22.37
CA ILE E 105 -5.85 -5.34 -23.20
C ILE E 105 -7.22 -4.68 -23.04
N CYS E 106 -8.25 -5.45 -22.68
CA CYS E 106 -9.59 -4.92 -22.51
C CYS E 106 -9.82 -4.28 -21.14
N THR E 107 -8.80 -4.15 -20.31
CA THR E 107 -8.94 -3.46 -19.03
C THR E 107 -8.47 -2.01 -19.15
N TYR E 108 -8.71 -1.26 -18.08
CA TYR E 108 -8.19 0.09 -18.00
C TYR E 108 -6.69 0.11 -17.73
N MET E 109 -6.26 -0.51 -16.60
CA MET E 109 -4.86 -0.38 -16.16
C MET E 109 -4.22 -1.67 -15.68
N GLU E 110 -4.78 -2.85 -15.97
CA GLU E 110 -4.13 -4.07 -15.54
C GLU E 110 -2.83 -4.27 -16.33
N PRO E 111 -1.85 -4.96 -15.75
CA PRO E 111 -0.59 -5.20 -16.49
C PRO E 111 -0.87 -5.98 -17.76
N SER E 112 -0.27 -5.52 -18.88
CA SER E 112 -0.65 -6.08 -20.17
C SER E 112 0.41 -5.84 -21.24
N LEU E 113 1.55 -5.25 -20.88
CA LEU E 113 2.50 -4.91 -21.93
C LEU E 113 3.02 -6.16 -22.65
N ASN E 114 3.17 -7.26 -21.92
N ASN E 114 3.18 -7.27 -21.93
CA ASN E 114 3.75 -8.46 -22.52
CA ASN E 114 3.76 -8.46 -22.54
C ASN E 114 2.87 -9.00 -23.64
C ASN E 114 2.86 -9.00 -23.65
N VAL E 115 1.56 -9.13 -23.39
CA VAL E 115 0.66 -9.57 -24.46
C VAL E 115 0.52 -8.52 -25.56
N ARG E 116 0.62 -7.23 -25.20
CA ARG E 116 0.58 -6.20 -26.25
C ARG E 116 1.77 -6.33 -27.19
N HIS E 117 2.97 -6.53 -26.62
CA HIS E 117 4.15 -6.70 -27.46
C HIS E 117 4.09 -7.99 -28.27
N ASP E 118 3.45 -9.05 -27.74
CA ASP E 118 3.34 -10.28 -28.51
C ASP E 118 2.57 -10.05 -29.80
N ILE E 119 1.62 -9.10 -29.78
CA ILE E 119 0.89 -8.73 -30.99
C ILE E 119 1.77 -7.90 -31.91
N VAL E 120 2.33 -6.78 -31.40
CA VAL E 120 2.88 -5.79 -32.32
C VAL E 120 4.25 -6.19 -32.88
N VAL E 121 5.04 -6.97 -32.13
N VAL E 121 5.05 -6.98 -32.16
CA VAL E 121 6.36 -7.38 -32.60
CA VAL E 121 6.38 -7.31 -32.68
C VAL E 121 6.25 -8.13 -33.92
C VAL E 121 6.26 -8.13 -33.95
N VAL E 122 5.15 -8.86 -34.12
CA VAL E 122 4.91 -9.55 -35.38
C VAL E 122 4.16 -8.65 -36.37
N GLN E 123 3.07 -8.01 -35.94
CA GLN E 123 2.19 -7.35 -36.91
C GLN E 123 2.79 -6.09 -37.51
N VAL E 124 3.61 -5.36 -36.77
CA VAL E 124 4.19 -4.09 -37.26
C VAL E 124 5.13 -4.34 -38.44
N PRO E 125 6.13 -5.23 -38.35
CA PRO E 125 6.92 -5.52 -39.56
C PRO E 125 6.15 -6.27 -40.63
N LYS E 126 5.17 -7.11 -40.25
CA LYS E 126 4.39 -7.83 -41.25
C LYS E 126 3.59 -6.85 -42.12
N LEU E 127 2.90 -5.90 -41.48
CA LEU E 127 2.14 -4.90 -42.23
C LEU E 127 3.07 -4.04 -43.08
N ALA E 128 4.26 -3.72 -42.55
CA ALA E 128 5.25 -2.96 -43.31
C ALA E 128 5.73 -3.75 -44.53
N ALA E 129 5.87 -5.07 -44.40
CA ALA E 129 6.32 -5.87 -45.54
C ALA E 129 5.25 -5.94 -46.61
N GLU E 130 3.98 -5.98 -46.22
CA GLU E 130 2.91 -5.94 -47.21
C GLU E 130 2.92 -4.60 -47.98
N ALA E 131 3.09 -3.48 -47.27
CA ALA E 131 3.17 -2.20 -47.96
C ALA E 131 4.44 -2.10 -48.81
N ALA E 132 5.55 -2.67 -48.32
CA ALA E 132 6.83 -2.50 -49.02
C ALA E 132 6.85 -3.27 -50.34
N GLN E 133 6.28 -4.47 -50.37
CA GLN E 133 6.19 -5.17 -51.66
C GLN E 133 5.46 -4.32 -52.70
N LYS E 134 4.41 -3.61 -52.28
CA LYS E 134 3.67 -2.78 -53.23
C LYS E 134 4.49 -1.58 -53.67
N ALA E 135 5.22 -0.96 -52.74
CA ALA E 135 6.09 0.17 -53.10
C ALA E 135 7.17 -0.26 -54.07
N ILE E 136 7.75 -1.43 -53.83
CA ILE E 136 8.82 -1.96 -54.66
C ILE E 136 8.28 -2.30 -56.05
N LYS E 137 7.04 -2.80 -56.12
CA LYS E 137 6.43 -3.09 -57.42
C LYS E 137 6.19 -1.81 -58.22
N GLU E 138 5.65 -0.76 -57.58
CA GLU E 138 5.54 0.52 -58.31
C GLU E 138 6.90 1.05 -58.72
N TRP E 139 7.89 0.97 -57.83
CA TRP E 139 9.24 1.42 -58.13
C TRP E 139 9.79 0.75 -59.38
N GLY E 140 9.68 -0.57 -59.45
CA GLY E 140 10.13 -1.32 -60.60
C GLY E 140 11.52 -1.92 -60.48
N GLY E 141 12.31 -1.52 -59.50
CA GLY E 141 13.61 -2.13 -59.28
C GLY E 141 13.50 -3.48 -58.59
N ARG E 142 14.66 -4.00 -58.18
CA ARG E 142 14.74 -5.29 -57.53
C ARG E 142 15.21 -5.14 -56.09
N LYS E 143 14.73 -6.05 -55.23
CA LYS E 143 14.95 -5.97 -53.78
C LYS E 143 16.41 -5.86 -53.42
N SER E 144 17.27 -6.59 -54.13
CA SER E 144 18.69 -6.62 -53.81
C SER E 144 19.36 -5.27 -54.00
N ASP E 145 18.70 -4.32 -54.66
CA ASP E 145 19.24 -2.97 -54.82
C ASP E 145 18.78 -2.02 -53.73
N ILE E 146 17.93 -2.46 -52.81
CA ILE E 146 17.62 -1.67 -51.63
C ILE E 146 18.84 -1.65 -50.73
N THR E 147 19.31 -0.44 -50.37
CA THR E 147 20.53 -0.29 -49.59
C THR E 147 20.30 0.23 -48.18
N HIS E 148 19.14 0.82 -47.92
CA HIS E 148 18.84 1.38 -46.61
C HIS E 148 17.40 1.13 -46.24
N ILE E 149 17.16 1.01 -44.94
CA ILE E 149 15.83 1.03 -44.33
C ILE E 149 15.81 2.13 -43.28
N VAL E 150 14.81 3.02 -43.38
CA VAL E 150 14.47 3.99 -42.34
C VAL E 150 13.04 3.68 -41.90
N PHE E 151 12.86 3.43 -40.61
CA PHE E 151 11.62 2.84 -40.10
C PHE E 151 11.16 3.61 -38.88
N ALA E 152 9.90 4.06 -38.87
CA ALA E 152 9.31 4.70 -37.69
C ALA E 152 8.06 3.95 -37.23
N THR E 153 7.89 3.88 -35.92
CA THR E 153 6.65 3.34 -35.37
C THR E 153 6.43 3.93 -33.98
N THR E 154 5.20 3.74 -33.49
CA THR E 154 4.87 4.04 -32.10
C THR E 154 4.27 2.82 -31.44
N SER E 155 4.37 1.66 -32.08
CA SER E 155 3.64 0.47 -31.67
C SER E 155 4.64 -0.57 -31.19
N GLY E 156 5.13 -0.37 -29.97
CA GLY E 156 6.04 -1.32 -29.33
C GLY E 156 7.48 -1.14 -29.74
N VAL E 157 8.37 -1.84 -29.03
CA VAL E 157 9.78 -1.91 -29.36
C VAL E 157 10.21 -3.36 -29.18
N ASN E 158 11.32 -3.72 -29.83
CA ASN E 158 11.84 -5.08 -29.73
C ASN E 158 13.31 -5.06 -30.08
N MET E 159 14.00 -6.14 -29.71
CA MET E 159 15.40 -6.37 -30.07
C MET E 159 15.53 -7.80 -30.53
N PRO E 160 15.96 -8.06 -31.78
CA PRO E 160 16.26 -7.10 -32.85
C PRO E 160 15.02 -6.28 -33.20
N GLY E 161 15.18 -5.10 -33.79
CA GLY E 161 14.08 -4.20 -34.03
C GLY E 161 13.23 -4.57 -35.25
N ALA E 162 12.16 -3.80 -35.45
CA ALA E 162 11.24 -4.05 -36.56
C ALA E 162 11.93 -3.87 -37.92
N ASP E 163 12.97 -3.03 -37.97
CA ASP E 163 13.75 -2.87 -39.19
C ASP E 163 14.44 -4.17 -39.60
N HIS E 164 15.07 -4.84 -38.65
CA HIS E 164 15.70 -6.13 -38.92
C HIS E 164 14.67 -7.21 -39.26
N ALA E 165 13.54 -7.23 -38.56
CA ALA E 165 12.49 -8.18 -38.90
C ALA E 165 12.01 -7.95 -40.33
N LEU E 166 11.84 -6.68 -40.71
CA LEU E 166 11.33 -6.35 -42.03
C LEU E 166 12.30 -6.77 -43.12
N ALA E 167 13.60 -6.54 -42.89
CA ALA E 167 14.60 -6.94 -43.86
C ALA E 167 14.62 -8.45 -44.06
N LYS E 168 14.29 -9.21 -43.01
CA LYS E 168 14.19 -10.66 -43.18
C LYS E 168 12.96 -11.03 -43.98
N LEU E 169 11.82 -10.39 -43.69
CA LEU E 169 10.57 -10.71 -44.40
C LEU E 169 10.71 -10.46 -45.90
N LEU E 170 11.41 -9.38 -46.27
CA LEU E 170 11.60 -9.05 -47.67
C LEU E 170 12.80 -9.74 -48.29
N GLY E 171 13.66 -10.36 -47.51
CA GLY E 171 14.85 -11.01 -48.07
C GLY E 171 15.89 -10.05 -48.61
N LEU E 172 16.05 -8.90 -47.96
CA LEU E 172 17.05 -7.94 -48.41
C LEU E 172 18.46 -8.43 -48.14
N LYS E 173 19.44 -7.76 -48.73
CA LYS E 173 20.83 -8.15 -48.53
C LYS E 173 21.22 -7.99 -47.06
N PRO E 174 22.16 -8.81 -46.57
CA PRO E 174 22.54 -8.69 -45.15
C PRO E 174 23.22 -7.37 -44.83
N THR E 175 23.67 -6.64 -45.84
CA THR E 175 24.41 -5.40 -45.67
C THR E 175 23.52 -4.15 -45.73
N VAL E 176 22.20 -4.29 -45.63
CA VAL E 176 21.33 -3.13 -45.69
C VAL E 176 21.56 -2.26 -44.45
N LYS E 177 21.72 -0.96 -44.66
CA LYS E 177 21.94 -0.02 -43.57
C LYS E 177 20.61 0.43 -42.99
N ARG E 178 20.54 0.49 -41.66
CA ARG E 178 19.26 0.60 -41.00
C ARG E 178 19.23 1.77 -40.04
N VAL E 179 18.07 2.42 -39.97
CA VAL E 179 17.82 3.51 -39.04
C VAL E 179 16.45 3.24 -38.45
N MET E 180 16.41 2.75 -37.23
CA MET E 180 15.17 2.39 -36.55
C MET E 180 14.80 3.51 -35.60
N MET E 181 13.63 4.11 -35.82
CA MET E 181 13.14 5.22 -35.00
C MET E 181 11.85 4.77 -34.29
N TYR E 182 12.04 4.18 -33.11
CA TYR E 182 10.97 3.73 -32.22
C TYR E 182 10.37 4.89 -31.43
N GLN E 183 9.09 4.76 -31.08
CA GLN E 183 8.34 5.71 -30.22
C GLN E 183 8.27 7.12 -30.80
N THR E 184 8.16 7.27 -32.13
CA THR E 184 8.20 8.62 -32.69
C THR E 184 6.95 9.42 -32.36
N GLY E 185 5.77 8.80 -32.41
CA GLY E 185 4.55 9.58 -32.35
C GLY E 185 4.17 10.03 -33.75
N PHE E 187 4.68 12.40 -35.79
CA PHE E 187 5.52 13.11 -36.75
C PHE E 187 6.45 12.16 -37.47
N GLY E 188 6.41 10.87 -37.08
CA GLY E 188 7.39 9.90 -37.56
C GLY E 188 7.38 9.69 -39.06
N GLY E 189 6.23 9.89 -39.72
CA GLY E 189 6.17 9.77 -41.16
C GLY E 189 7.05 10.79 -41.87
N ALA E 190 6.99 12.05 -41.44
CA ALA E 190 7.90 13.06 -41.98
C ALA E 190 9.35 12.78 -41.58
N SER E 191 9.58 12.27 -40.37
CA SER E 191 10.95 11.93 -39.93
C SER E 191 11.62 10.95 -40.89
N VAL E 192 10.92 9.86 -41.25
CA VAL E 192 11.57 8.84 -42.10
C VAL E 192 11.91 9.44 -43.46
N LEU E 193 11.05 10.34 -43.96
CA LEU E 193 11.35 10.98 -45.24
C LEU E 193 12.55 11.92 -45.12
N ARG E 194 12.63 12.67 -44.00
CA ARG E 194 13.77 13.54 -43.76
C ARG E 194 15.09 12.77 -43.69
N VAL E 195 15.10 11.63 -42.98
CA VAL E 195 16.32 10.83 -42.90
C VAL E 195 16.65 10.21 -44.25
N ALA E 196 15.62 9.71 -44.96
CA ALA E 196 15.86 9.10 -46.27
C ALA E 196 16.46 10.11 -47.24
N LYS E 197 16.07 11.38 -47.14
CA LYS E 197 16.62 12.41 -48.02
C LYS E 197 18.14 12.47 -47.94
N ASP E 198 18.68 12.57 -46.72
CA ASP E 198 20.15 12.65 -46.58
C ASP E 198 20.81 11.34 -46.96
N LEU E 199 20.19 10.21 -46.59
CA LEU E 199 20.74 8.91 -46.95
C LEU E 199 20.82 8.74 -48.46
N ALA E 200 19.75 9.09 -49.18
CA ALA E 200 19.73 8.94 -50.63
C ALA E 200 20.71 9.89 -51.31
N GLU E 201 20.70 11.16 -50.88
CA GLU E 201 21.53 12.17 -51.55
C GLU E 201 23.03 11.97 -51.27
N ASN E 202 23.39 11.50 -50.09
CA ASN E 202 24.80 11.38 -49.78
C ASN E 202 25.42 10.07 -50.24
N ASN E 203 24.68 9.23 -50.98
CA ASN E 203 25.17 7.90 -51.34
C ASN E 203 24.74 7.55 -52.76
N LYS E 204 25.68 7.61 -53.70
CA LYS E 204 25.40 7.28 -55.10
C LYS E 204 24.78 5.89 -55.24
N GLY E 205 23.61 5.81 -55.87
CA GLY E 205 22.92 4.56 -56.09
C GLY E 205 22.02 4.12 -54.95
N ALA E 206 22.05 4.81 -53.81
CA ALA E 206 21.28 4.37 -52.66
C ALA E 206 19.78 4.31 -53.00
N ARG E 207 19.13 3.23 -52.61
CA ARG E 207 17.69 3.10 -52.73
C ARG E 207 17.15 2.77 -51.35
N VAL E 208 16.37 3.68 -50.79
CA VAL E 208 15.97 3.65 -49.39
C VAL E 208 14.53 3.22 -49.30
N LEU E 209 14.23 2.31 -48.38
CA LEU E 209 12.86 2.05 -47.96
C LEU E 209 12.55 2.95 -46.77
N ALA E 210 11.65 3.91 -46.96
CA ALA E 210 11.14 4.77 -45.91
C ALA E 210 9.81 4.21 -45.43
N VAL E 211 9.77 3.79 -44.17
CA VAL E 211 8.73 2.89 -43.66
C VAL E 211 8.09 3.51 -42.43
N ALA E 212 6.76 3.46 -42.38
CA ALA E 212 6.05 3.84 -41.16
C ALA E 212 4.90 2.87 -41.00
N SER E 213 4.81 2.23 -39.84
CA SER E 213 3.83 1.16 -39.64
C SER E 213 3.31 1.20 -38.21
N GLU E 214 1.99 1.12 -38.05
CA GLU E 214 1.35 1.34 -36.75
C GLU E 214 0.22 0.34 -36.54
N VAL E 215 0.20 -0.27 -35.36
CA VAL E 215 -0.85 -1.17 -34.91
C VAL E 215 -1.21 -0.79 -33.47
N THR E 216 -2.49 -0.53 -33.22
CA THR E 216 -2.94 0.12 -31.99
C THR E 216 -2.95 -0.79 -30.76
N ALA E 217 -2.35 -1.97 -30.81
CA ALA E 217 -2.43 -2.87 -29.64
C ALA E 217 -1.66 -2.35 -28.42
N VAL E 218 -0.71 -1.43 -28.59
CA VAL E 218 -0.02 -0.92 -27.41
C VAL E 218 -0.80 0.20 -26.71
N THR E 219 -1.67 0.94 -27.42
CA THR E 219 -2.40 2.05 -26.81
C THR E 219 -3.84 1.72 -26.47
N TYR E 220 -4.40 0.64 -27.02
CA TYR E 220 -5.81 0.32 -26.79
C TYR E 220 -6.11 0.21 -25.30
N ARG E 221 -7.21 0.83 -24.87
CA ARG E 221 -7.52 0.85 -23.45
C ARG E 221 -9.01 1.00 -23.23
N ALA E 222 -9.52 0.32 -22.19
CA ALA E 222 -10.91 0.54 -21.79
C ALA E 222 -11.14 2.02 -21.46
N PRO E 223 -12.33 2.53 -21.72
CA PRO E 223 -12.62 3.94 -21.47
C PRO E 223 -12.81 4.22 -19.98
N SER E 224 -12.50 5.45 -19.59
CA SER E 224 -12.56 5.80 -18.17
C SER E 224 -12.86 7.30 -18.02
N GLU E 225 -13.71 7.62 -17.04
CA GLU E 225 -13.98 9.01 -16.70
C GLU E 225 -12.73 9.71 -16.17
N ASN E 226 -11.75 8.96 -15.68
CA ASN E 226 -10.50 9.51 -15.19
C ASN E 226 -9.45 9.70 -16.29
N HIS E 227 -9.77 9.33 -17.53
CA HIS E 227 -8.85 9.47 -18.66
C HIS E 227 -9.65 9.98 -19.85
N LEU E 228 -10.29 11.13 -19.68
CA LEU E 228 -11.20 11.64 -20.70
C LEU E 228 -10.47 11.96 -21.99
N ASP E 229 -9.24 12.47 -21.90
CA ASP E 229 -8.48 12.74 -23.11
C ASP E 229 -8.10 11.45 -23.83
N GLY E 230 -8.06 10.32 -23.12
CA GLY E 230 -7.88 9.04 -23.78
C GLY E 230 -9.05 8.62 -24.65
N LEU E 231 -10.25 9.12 -24.36
CA LEU E 231 -11.37 8.90 -25.27
C LEU E 231 -11.08 9.43 -26.67
N VAL E 232 -10.28 10.49 -26.77
CA VAL E 232 -9.94 11.05 -28.08
C VAL E 232 -9.13 10.04 -28.88
N GLY E 233 -8.06 9.51 -28.28
CA GLY E 233 -7.28 8.50 -28.98
C GLY E 233 -8.09 7.29 -29.35
N SER E 234 -8.99 6.86 -28.46
CA SER E 234 -9.84 5.71 -28.75
C SER E 234 -10.80 5.99 -29.90
N ALA E 235 -11.17 7.25 -30.10
CA ALA E 235 -12.04 7.56 -31.23
C ALA E 235 -11.29 7.68 -32.56
N LEU E 236 -10.00 8.03 -32.51
CA LEU E 236 -9.26 8.46 -33.70
C LEU E 236 -8.25 7.45 -34.22
N PHE E 237 -7.56 6.74 -33.33
CA PHE E 237 -6.39 5.96 -33.71
C PHE E 237 -6.77 4.69 -34.47
N GLY E 238 -6.07 4.44 -35.59
CA GLY E 238 -6.28 3.23 -36.38
C GLY E 238 -4.97 2.62 -36.81
N ASP E 239 -5.07 1.55 -37.60
CA ASP E 239 -3.91 0.77 -38.02
C ASP E 239 -3.55 0.99 -39.49
N GLY E 240 -2.26 1.02 -39.79
CA GLY E 240 -1.81 1.00 -41.17
C GLY E 240 -0.33 1.19 -41.28
N ALA E 241 0.16 0.98 -42.51
CA ALA E 241 1.59 1.09 -42.83
C ALA E 241 1.72 1.68 -44.21
N GLY E 242 2.69 2.58 -44.38
CA GLY E 242 3.05 3.05 -45.70
C GLY E 242 4.55 2.92 -45.90
N VAL E 243 4.93 2.74 -47.17
CA VAL E 243 6.34 2.57 -47.52
C VAL E 243 6.60 3.34 -48.81
N TYR E 244 7.67 4.13 -48.82
CA TYR E 244 8.19 4.79 -50.01
C TYR E 244 9.56 4.22 -50.33
N VAL E 245 9.80 3.97 -51.62
CA VAL E 245 11.17 3.81 -52.14
C VAL E 245 11.69 5.20 -52.50
N VAL E 246 12.86 5.56 -51.97
CA VAL E 246 13.44 6.89 -52.11
C VAL E 246 14.86 6.79 -52.65
N GLY E 247 15.18 7.59 -53.65
CA GLY E 247 16.50 7.58 -54.24
C GLY E 247 16.77 8.80 -55.12
N SER E 248 18.04 9.21 -55.21
CA SER E 248 18.47 10.27 -56.10
C SER E 248 18.90 9.68 -57.44
N ASP E 249 18.88 10.54 -58.47
CA ASP E 249 19.36 10.22 -59.80
C ASP E 249 18.58 9.04 -60.38
N PRO E 250 17.26 9.17 -60.57
CA PRO E 250 16.50 8.05 -61.14
C PRO E 250 17.01 7.69 -62.53
N LYS E 251 17.06 6.40 -62.81
CA LYS E 251 17.53 5.92 -64.11
C LYS E 251 16.54 6.33 -65.20
N PRO E 252 16.97 7.07 -66.22
CA PRO E 252 16.01 7.56 -67.21
C PRO E 252 15.32 6.41 -67.92
N GLU E 253 14.01 6.55 -68.08
CA GLU E 253 13.14 5.61 -68.78
C GLU E 253 13.01 4.26 -68.06
N VAL E 254 13.58 4.11 -66.87
CA VAL E 254 13.45 2.89 -66.10
C VAL E 254 12.78 3.16 -64.75
N GLU E 255 13.24 4.18 -64.04
CA GLU E 255 12.60 4.62 -62.80
C GLU E 255 11.84 5.90 -63.09
N LYS E 256 10.71 6.08 -62.39
CA LYS E 256 9.86 7.25 -62.58
C LYS E 256 9.65 7.98 -61.27
N PRO E 257 10.25 9.16 -61.08
CA PRO E 257 10.00 9.95 -59.87
C PRO E 257 8.55 10.42 -59.80
N LEU E 258 7.92 10.19 -58.66
CA LEU E 258 6.60 10.74 -58.37
C LEU E 258 6.68 12.11 -57.69
N PHE E 259 7.61 12.27 -56.74
CA PHE E 259 7.84 13.54 -56.06
C PHE E 259 9.33 13.69 -55.84
N GLU E 260 9.80 14.94 -55.84
CA GLU E 260 11.16 15.28 -55.43
C GLU E 260 11.11 15.95 -54.06
N VAL E 261 12.03 15.58 -53.17
CA VAL E 261 12.18 16.19 -51.85
C VAL E 261 13.21 17.31 -51.95
N HIS E 262 12.78 18.55 -51.67
CA HIS E 262 13.68 19.70 -51.77
C HIS E 262 14.03 20.35 -50.44
N TRP E 263 13.31 20.08 -49.37
CA TRP E 263 13.64 20.71 -48.11
C TRP E 263 13.06 19.88 -46.99
N ALA E 264 13.80 19.76 -45.88
CA ALA E 264 13.30 19.06 -44.71
C ALA E 264 13.78 19.79 -43.49
N GLY E 265 12.87 20.01 -42.55
CA GLY E 265 13.23 20.70 -41.33
C GLY E 265 12.19 20.39 -40.28
N GLU E 266 12.46 20.88 -39.08
CA GLU E 266 11.52 20.72 -37.99
C GLU E 266 11.75 21.85 -37.01
N THR E 267 10.75 22.07 -36.16
CA THR E 267 10.90 23.01 -35.06
C THR E 267 9.98 22.59 -33.94
N ILE E 268 10.42 22.88 -32.71
CA ILE E 268 9.53 22.84 -31.55
C ILE E 268 8.70 24.11 -31.53
N LEU E 269 7.38 24.00 -31.18
CA LEU E 269 6.56 25.20 -31.26
C LEU E 269 6.62 26.00 -29.95
N PRO E 270 6.54 27.33 -30.05
CA PRO E 270 6.58 28.17 -28.85
C PRO E 270 5.40 27.91 -27.92
N GLU E 271 5.71 27.93 -26.61
CA GLU E 271 4.76 27.71 -25.52
C GLU E 271 4.05 26.36 -25.60
N SER E 272 4.57 25.41 -26.38
CA SER E 272 3.94 24.11 -26.52
C SER E 272 4.54 23.04 -25.61
N ASP E 273 5.61 23.35 -24.89
CA ASP E 273 6.25 22.36 -24.04
C ASP E 273 5.24 21.65 -23.13
N GLY E 274 5.31 20.32 -23.10
CA GLY E 274 4.42 19.54 -22.25
C GLY E 274 3.04 19.26 -22.80
N ALA E 275 2.77 19.59 -24.07
CA ALA E 275 1.41 19.43 -24.59
C ALA E 275 0.99 17.97 -24.63
N ILE E 276 1.91 17.07 -24.98
CA ILE E 276 1.63 15.64 -25.13
C ILE E 276 2.69 14.86 -24.38
N ASP E 277 2.28 14.05 -23.41
CA ASP E 277 3.13 13.05 -22.78
C ASP E 277 2.73 11.65 -23.23
N GLY E 278 3.71 10.80 -23.53
CA GLY E 278 3.43 9.41 -23.79
C GLY E 278 4.30 8.50 -22.93
N HIS E 279 3.70 7.84 -21.94
CA HIS E 279 4.42 6.97 -21.02
C HIS E 279 4.22 5.51 -21.42
N LEU E 280 5.31 4.80 -21.68
CA LEU E 280 5.23 3.35 -21.86
C LEU E 280 5.31 2.71 -20.48
N THR E 281 4.24 2.05 -20.07
CA THR E 281 4.08 1.52 -18.72
C THR E 281 3.87 0.01 -18.77
N GLU E 282 3.75 -0.60 -17.58
CA GLU E 282 3.37 -2.01 -17.48
C GLU E 282 2.00 -2.30 -18.08
N ALA E 283 1.17 -1.26 -18.26
CA ALA E 283 -0.17 -1.42 -18.82
C ALA E 283 -0.24 -0.97 -20.28
N GLY E 284 0.89 -0.82 -20.95
CA GLY E 284 0.93 -0.29 -22.30
C GLY E 284 1.27 1.20 -22.34
N LEU E 285 1.08 1.77 -23.54
CA LEU E 285 1.35 3.19 -23.79
C LEU E 285 0.16 4.05 -23.40
N ILE E 286 0.40 5.08 -22.58
CA ILE E 286 -0.63 5.99 -22.10
C ILE E 286 -0.29 7.40 -22.57
N PHE E 287 -1.24 8.03 -23.25
CA PHE E 287 -1.09 9.41 -23.70
C PHE E 287 -1.80 10.35 -22.74
N HIS E 288 -1.17 11.49 -22.46
CA HIS E 288 -1.78 12.58 -21.73
C HIS E 288 -1.74 13.84 -22.60
N LEU E 289 -2.90 14.44 -22.78
CA LEU E 289 -3.04 15.66 -23.56
C LEU E 289 -3.21 16.78 -22.57
N MET E 290 -2.22 17.66 -22.47
CA MET E 290 -2.23 18.71 -21.46
C MET E 290 -2.49 20.10 -22.03
N LYS E 291 -2.41 20.29 -23.35
CA LYS E 291 -2.62 21.61 -23.95
C LYS E 291 -3.40 21.45 -25.24
N ASP E 292 -3.93 22.58 -25.72
CA ASP E 292 -4.72 22.62 -26.94
C ASP E 292 -3.84 22.44 -28.17
N VAL E 293 -3.69 21.19 -28.62
CA VAL E 293 -2.78 20.90 -29.73
C VAL E 293 -3.20 21.57 -31.05
N PRO E 294 -4.45 21.44 -31.53
CA PRO E 294 -4.82 22.17 -32.75
C PRO E 294 -4.55 23.66 -32.66
N GLY E 295 -4.89 24.29 -31.51
CA GLY E 295 -4.64 25.71 -31.35
C GLY E 295 -3.16 26.05 -31.46
N LEU E 296 -2.29 25.21 -30.88
CA LEU E 296 -0.85 25.51 -30.87
C LEU E 296 -0.25 25.35 -32.27
N ILE E 297 -0.69 24.33 -33.02
CA ILE E 297 -0.20 24.16 -34.37
C ILE E 297 -0.67 25.30 -35.27
N SER E 298 -1.96 25.60 -35.23
CA SER E 298 -2.49 26.60 -36.16
C SER E 298 -1.97 27.99 -35.83
N LYS E 299 -1.69 28.27 -34.55
CA LYS E 299 -1.18 29.60 -34.21
C LYS E 299 0.25 29.81 -34.73
N ASN E 300 1.04 28.75 -34.83
CA ASN E 300 2.47 28.90 -35.10
C ASN E 300 2.90 28.39 -36.46
N ILE E 301 2.00 27.79 -37.23
CA ILE E 301 2.48 26.99 -38.36
C ILE E 301 2.94 27.88 -39.51
N GLU E 302 2.31 29.04 -39.69
CA GLU E 302 2.59 29.86 -40.86
C GLU E 302 3.99 30.45 -40.81
N LYS E 303 4.46 30.85 -39.63
CA LYS E 303 5.79 31.44 -39.53
C LYS E 303 6.85 30.44 -39.98
N PHE E 304 6.71 29.17 -39.60
CA PHE E 304 7.67 28.16 -40.03
C PHE E 304 7.51 27.82 -41.52
N LEU E 305 6.28 27.61 -41.98
CA LEU E 305 6.09 27.31 -43.40
C LEU E 305 6.63 28.42 -44.29
N ASN E 306 6.56 29.66 -43.81
CA ASN E 306 7.05 30.81 -44.56
C ASN E 306 8.56 30.75 -44.76
N GLU E 307 9.31 30.21 -43.78
CA GLU E 307 10.72 29.93 -44.02
C GLU E 307 10.91 28.74 -44.94
N ALA E 308 10.12 27.68 -44.74
CA ALA E 308 10.30 26.46 -45.54
C ALA E 308 10.09 26.71 -47.03
N ARG E 309 9.18 27.60 -47.41
CA ARG E 309 8.88 27.75 -48.84
C ARG E 309 9.88 28.62 -49.58
N LYS E 310 10.78 29.32 -48.88
CA LYS E 310 11.70 30.24 -49.55
C LYS E 310 12.63 29.58 -50.56
N PRO E 311 13.21 28.40 -50.32
CA PRO E 311 14.08 27.79 -51.34
C PRO E 311 13.37 27.36 -52.62
N VAL E 312 12.05 27.26 -52.65
CA VAL E 312 11.36 26.95 -53.89
C VAL E 312 10.60 28.18 -54.43
N GLY E 313 11.00 29.37 -54.02
CA GLY E 313 10.45 30.59 -54.57
C GLY E 313 9.26 31.17 -53.85
N SER E 314 8.97 30.69 -52.64
CA SER E 314 7.85 31.18 -51.84
C SER E 314 6.53 31.26 -52.63
N PRO E 315 6.06 30.16 -53.18
CA PRO E 315 4.73 30.17 -53.80
C PRO E 315 3.67 30.51 -52.77
N ALA E 316 2.51 30.99 -53.24
CA ALA E 316 1.43 31.30 -52.31
C ALA E 316 0.83 30.01 -51.75
N TRP E 317 0.20 30.12 -50.57
CA TRP E 317 -0.36 28.92 -49.94
C TRP E 317 -1.27 28.17 -50.90
N ASN E 318 -2.14 28.89 -51.61
CA ASN E 318 -3.09 28.19 -52.45
C ASN E 318 -2.51 27.80 -53.81
N GLU E 319 -1.24 28.10 -54.05
CA GLU E 319 -0.50 27.55 -55.18
C GLU E 319 0.27 26.29 -54.79
N MET E 320 0.01 25.72 -53.61
CA MET E 320 0.71 24.53 -53.13
C MET E 320 -0.27 23.40 -52.81
N PHE E 321 0.23 22.16 -52.83
CA PHE E 321 -0.54 21.03 -52.31
C PHE E 321 -0.11 20.74 -50.86
N TRP E 322 -0.97 19.99 -50.13
CA TRP E 322 -0.95 19.99 -48.65
C TRP E 322 -1.12 18.57 -48.13
N ALA E 323 -0.03 17.81 -48.09
CA ALA E 323 -0.03 16.48 -47.47
C ALA E 323 0.15 16.64 -45.97
N VAL E 324 -0.96 16.90 -45.28
CA VAL E 324 -0.95 17.20 -43.85
C VAL E 324 -1.40 15.99 -43.06
N HIS E 325 -0.62 15.62 -42.05
CA HIS E 325 -0.97 14.53 -41.18
C HIS E 325 -2.38 14.72 -40.60
N PRO E 326 -3.31 13.78 -40.81
CA PRO E 326 -4.68 14.01 -40.29
C PRO E 326 -4.82 13.59 -38.82
N GLY E 327 -4.29 14.43 -37.93
CA GLY E 327 -4.32 14.12 -36.50
C GLY E 327 -5.73 14.03 -35.97
N GLY E 328 -6.58 14.95 -36.38
CA GLY E 328 -7.99 14.95 -36.09
C GLY E 328 -8.62 16.07 -36.90
N PRO E 329 -9.95 16.16 -36.90
CA PRO E 329 -10.59 17.20 -37.73
C PRO E 329 -10.30 18.62 -37.27
N ALA E 330 -10.11 18.85 -35.97
CA ALA E 330 -9.87 20.21 -35.47
C ALA E 330 -8.55 20.78 -35.99
N ILE E 331 -7.51 19.95 -36.09
CA ILE E 331 -6.25 20.43 -36.63
C ILE E 331 -6.41 20.82 -38.10
N LEU E 332 -7.05 19.94 -38.89
CA LEU E 332 -7.20 20.26 -40.31
C LEU E 332 -8.07 21.49 -40.51
N ASP E 333 -9.15 21.62 -39.71
CA ASP E 333 -10.02 22.78 -39.83
C ASP E 333 -9.30 24.07 -39.45
N GLN E 334 -8.55 24.05 -38.34
CA GLN E 334 -7.94 25.31 -37.89
C GLN E 334 -6.80 25.73 -38.78
N VAL E 335 -6.03 24.78 -39.32
CA VAL E 335 -4.94 25.14 -40.21
C VAL E 335 -5.49 25.69 -41.52
N GLU E 336 -6.53 25.06 -42.06
CA GLU E 336 -7.18 25.55 -43.26
C GLU E 336 -7.69 26.98 -43.07
N ALA E 337 -8.34 27.25 -41.94
CA ALA E 337 -8.86 28.58 -41.66
C ALA E 337 -7.74 29.61 -41.49
N LYS E 338 -6.67 29.24 -40.77
CA LYS E 338 -5.57 30.15 -40.54
C LYS E 338 -4.85 30.51 -41.83
N LEU E 339 -4.62 29.53 -42.70
CA LEU E 339 -3.93 29.76 -43.95
C LEU E 339 -4.87 30.19 -45.08
N LYS E 340 -6.18 30.26 -44.82
CA LYS E 340 -7.19 30.63 -45.81
C LYS E 340 -7.09 29.74 -47.05
N LEU E 341 -6.92 28.45 -46.84
CA LEU E 341 -6.81 27.51 -47.94
C LEU E 341 -8.19 27.27 -48.56
N THR E 342 -8.21 27.10 -49.88
CA THR E 342 -9.44 26.62 -50.50
C THR E 342 -9.70 25.18 -50.07
N LYS E 343 -10.97 24.74 -50.16
CA LYS E 343 -11.41 23.51 -49.52
C LYS E 343 -10.80 22.26 -50.13
N ASP E 344 -10.25 22.37 -51.34
CA ASP E 344 -9.61 21.20 -51.95
C ASP E 344 -8.27 20.87 -51.33
N LYS E 345 -7.58 21.87 -50.75
CA LYS E 345 -6.21 21.63 -50.29
C LYS E 345 -6.16 20.51 -49.24
N MET E 346 -7.10 20.51 -48.30
CA MET E 346 -7.15 19.51 -47.24
C MET E 346 -7.94 18.28 -47.62
N GLN E 347 -8.36 18.13 -48.88
CA GLN E 347 -9.27 17.03 -49.18
C GLN E 347 -8.56 15.68 -49.07
N GLY E 348 -7.31 15.59 -49.54
CA GLY E 348 -6.56 14.35 -49.38
C GLY E 348 -6.43 13.92 -47.93
N SER E 349 -6.13 14.86 -47.04
CA SER E 349 -6.01 14.53 -45.61
C SER E 349 -7.36 14.10 -45.04
N ARG E 350 -8.43 14.78 -45.43
CA ARG E 350 -9.75 14.39 -44.94
C ARG E 350 -10.19 13.05 -45.51
N ASP E 351 -9.74 12.69 -46.72
CA ASP E 351 -10.04 11.38 -47.28
C ASP E 351 -9.38 10.27 -46.47
N ILE E 352 -8.12 10.48 -46.08
CA ILE E 352 -7.44 9.49 -45.24
C ILE E 352 -8.11 9.41 -43.88
N LEU E 353 -8.44 10.57 -43.30
CA LEU E 353 -9.12 10.57 -42.01
C LEU E 353 -10.44 9.81 -42.09
N SER E 354 -11.21 10.03 -43.16
CA SER E 354 -12.53 9.40 -43.28
C SER E 354 -12.41 7.89 -43.38
N GLU E 355 -11.47 7.40 -44.19
CA GLU E 355 -11.42 5.98 -44.52
C GLU E 355 -10.47 5.18 -43.62
N PHE E 356 -9.59 5.83 -42.89
CA PHE E 356 -8.59 5.11 -42.10
C PHE E 356 -8.40 5.66 -40.69
N GLY E 357 -8.88 6.87 -40.39
CA GLY E 357 -8.60 7.47 -39.12
C GLY E 357 -7.15 7.90 -39.03
N ASN E 358 -6.71 8.09 -37.79
CA ASN E 358 -5.35 8.55 -37.50
C ASN E 358 -4.49 7.30 -37.33
N MET E 359 -3.69 6.98 -38.35
CA MET E 359 -2.75 5.85 -38.27
C MET E 359 -1.35 6.27 -37.82
N SER E 360 -1.27 7.27 -36.93
N SER E 360 -1.28 7.28 -36.94
CA SER E 360 -0.03 7.80 -36.33
CA SER E 360 -0.04 7.80 -36.34
C SER E 360 1.00 8.06 -37.44
C SER E 360 0.99 8.05 -37.44
N SER E 361 2.25 7.63 -37.28
CA SER E 361 3.30 8.02 -38.22
C SER E 361 3.07 7.56 -39.65
N ALA E 362 2.17 6.60 -39.85
CA ALA E 362 1.87 6.13 -41.20
C ALA E 362 1.00 7.09 -41.99
N SER E 363 0.18 7.90 -41.31
CA SER E 363 -0.95 8.56 -41.96
C SER E 363 -0.51 9.46 -43.11
N VAL E 364 0.55 10.25 -42.91
CA VAL E 364 0.88 11.29 -43.89
C VAL E 364 1.39 10.65 -45.17
N LEU E 365 2.00 9.47 -45.07
CA LEU E 365 2.40 8.74 -46.26
C LEU E 365 1.17 8.34 -47.09
N PHE E 366 0.08 7.94 -46.41
CA PHE E 366 -1.18 7.67 -47.12
C PHE E 366 -1.68 8.93 -47.81
N VAL E 367 -1.58 10.08 -47.13
CA VAL E 367 -2.18 11.32 -47.64
C VAL E 367 -1.54 11.71 -48.97
N LEU E 368 -0.21 11.70 -49.02
CA LEU E 368 0.47 12.03 -50.27
C LEU E 368 0.07 11.10 -51.40
N ASP E 369 -0.02 9.80 -51.10
CA ASP E 369 -0.51 8.86 -52.10
C ASP E 369 -1.92 9.24 -52.56
N GLN E 370 -2.79 9.65 -51.63
CA GLN E 370 -4.17 10.02 -51.99
C GLN E 370 -4.23 11.31 -52.80
N ILE E 371 -3.31 12.25 -52.56
CA ILE E 371 -3.18 13.45 -53.39
C ILE E 371 -2.80 13.06 -54.81
N ARG E 372 -1.88 12.10 -54.94
CA ARG E 372 -1.53 11.57 -56.25
C ARG E 372 -2.74 10.93 -56.93
N HIS E 373 -3.54 10.16 -56.19
CA HIS E 373 -4.71 9.49 -56.77
C HIS E 373 -5.75 10.52 -57.23
N ARG E 374 -6.03 11.51 -56.39
CA ARG E 374 -6.95 12.59 -56.77
C ARG E 374 -6.46 13.30 -58.04
N SER E 375 -5.16 13.56 -58.13
CA SER E 375 -4.58 14.19 -59.31
C SER E 375 -4.86 13.38 -60.58
N VAL E 376 -4.63 12.06 -60.50
CA VAL E 376 -4.86 11.19 -61.65
C VAL E 376 -6.35 11.13 -61.97
N LYS E 377 -7.19 11.01 -60.94
CA LYS E 377 -8.62 10.90 -61.17
C LYS E 377 -9.17 12.16 -61.86
N MET E 378 -8.67 13.34 -61.47
CA MET E 378 -9.19 14.57 -62.03
C MET E 378 -8.43 15.01 -63.28
N GLY E 379 -7.40 14.29 -63.69
CA GLY E 379 -6.58 14.70 -64.81
C GLY E 379 -5.78 15.98 -64.60
N ALA E 380 -5.28 16.21 -63.39
CA ALA E 380 -4.49 17.42 -63.16
C ALA E 380 -3.15 17.34 -63.89
N SER E 381 -2.49 18.48 -63.99
CA SER E 381 -1.20 18.59 -64.68
C SER E 381 -0.01 18.08 -63.85
N THR E 382 -0.16 17.94 -62.54
CA THR E 382 0.88 17.34 -61.68
C THR E 382 0.26 16.34 -60.72
N LEU E 383 1.13 15.54 -60.07
CA LEU E 383 0.68 14.63 -59.02
C LEU E 383 0.39 15.33 -57.70
N GLY E 384 0.45 16.66 -57.67
CA GLY E 384 -0.03 17.46 -56.55
C GLY E 384 -1.23 18.28 -56.94
N GLU E 385 -2.12 17.68 -57.72
CA GLU E 385 -3.41 18.25 -58.12
C GLU E 385 -3.24 19.52 -58.96
N GLY E 386 -2.12 19.64 -59.67
CA GLY E 386 -1.84 20.80 -60.49
C GLY E 386 -0.82 21.76 -59.90
N SER E 387 -0.59 21.70 -58.58
CA SER E 387 0.45 22.51 -57.92
C SER E 387 1.84 21.94 -58.20
N GLU E 388 2.81 22.83 -58.38
CA GLU E 388 4.17 22.35 -58.58
C GLU E 388 4.79 21.93 -57.25
N PHE E 389 4.70 22.78 -56.22
CA PHE E 389 5.33 22.51 -54.92
C PHE E 389 4.26 22.24 -53.85
N GLY E 390 4.66 21.53 -52.81
CA GLY E 390 3.74 21.23 -51.73
C GLY E 390 4.46 20.92 -50.44
N PHE E 391 3.66 20.78 -49.37
CA PHE E 391 4.16 20.46 -48.04
C PHE E 391 3.81 19.02 -47.66
N PHE E 392 4.68 18.42 -46.87
CA PHE E 392 4.53 17.09 -46.31
C PHE E 392 4.76 17.27 -44.82
N ILE E 393 3.70 17.21 -44.03
CA ILE E 393 3.72 17.76 -42.68
C ILE E 393 3.28 16.71 -41.69
N GLY E 394 4.10 16.50 -40.65
CA GLY E 394 3.69 15.73 -39.49
C GLY E 394 3.97 16.53 -38.23
N PHE E 395 3.32 16.13 -37.15
CA PHE E 395 3.50 16.80 -35.88
C PHE E 395 3.22 15.82 -34.75
N GLY E 396 3.86 16.05 -33.61
CA GLY E 396 3.75 15.15 -32.49
C GLY E 396 4.31 15.74 -31.22
N PRO E 397 4.68 14.88 -30.27
CA PRO E 397 5.17 15.35 -28.95
C PRO E 397 6.31 16.35 -29.10
N GLY E 398 6.34 17.33 -28.21
CA GLY E 398 7.30 18.39 -28.32
C GLY E 398 6.84 19.74 -27.82
N LEU E 399 5.86 20.38 -28.47
CA LEU E 399 5.26 19.92 -29.75
C LEU E 399 6.26 20.06 -30.88
N THR E 400 6.45 19.00 -31.64
CA THR E 400 7.36 18.98 -32.76
C THR E 400 6.56 19.11 -34.04
N LEU E 401 6.98 20.01 -34.92
CA LEU E 401 6.41 20.19 -36.24
C LEU E 401 7.47 19.82 -37.26
N GLU E 402 7.23 18.78 -38.05
CA GLU E 402 8.14 18.35 -39.11
C GLU E 402 7.54 18.71 -40.48
N VAL E 403 8.34 19.37 -41.32
CA VAL E 403 7.87 19.85 -42.63
C VAL E 403 8.89 19.44 -43.68
N LEU E 404 8.42 18.84 -44.77
CA LEU E 404 9.23 18.72 -45.97
C LEU E 404 8.54 19.43 -47.12
N VAL E 405 9.34 19.97 -48.04
CA VAL E 405 8.86 20.64 -49.24
C VAL E 405 9.14 19.72 -50.42
N LEU E 406 8.08 19.33 -51.12
CA LEU E 406 8.17 18.43 -52.26
C LEU E 406 7.80 19.17 -53.54
N ARG E 407 8.28 18.63 -54.65
CA ARG E 407 7.87 19.02 -55.98
C ARG E 407 7.16 17.82 -56.61
N ALA E 408 5.96 18.04 -57.13
CA ALA E 408 5.18 16.96 -57.73
C ALA E 408 5.58 16.75 -59.17
N ALA E 409 5.71 15.47 -59.56
CA ALA E 409 5.97 15.13 -60.94
C ALA E 409 4.83 15.57 -61.85
N PRO E 410 5.12 15.85 -63.11
CA PRO E 410 4.04 16.14 -64.08
C PRO E 410 3.14 14.93 -64.28
N ASN E 411 1.89 15.21 -64.63
CA ASN E 411 0.90 14.23 -65.03
C ASN E 411 0.31 14.69 -66.36
N SER E 412 0.33 13.82 -67.37
CA SER E 412 -0.29 14.13 -68.67
C SER E 412 -1.65 13.45 -68.73
N ALA E 413 -2.71 14.26 -68.84
CA ALA E 413 -4.09 13.76 -68.76
C ALA E 413 -4.36 12.59 -69.72
N ARG F 25 10.33 20.51 -67.41
CA ARG F 25 10.62 20.46 -65.97
C ARG F 25 12.13 20.46 -65.73
N ALA F 26 12.71 21.67 -65.67
CA ALA F 26 14.14 21.80 -65.48
C ALA F 26 14.55 21.43 -64.06
N ALA F 27 15.75 20.84 -63.94
CA ALA F 27 16.30 20.55 -62.63
C ALA F 27 16.58 21.86 -61.87
N LEU F 28 16.44 21.79 -60.55
CA LEU F 28 16.75 22.90 -59.66
C LEU F 28 18.03 22.60 -58.89
N PRO F 29 18.79 23.62 -58.51
CA PRO F 29 19.98 23.38 -57.68
C PRO F 29 19.56 22.85 -56.30
N ARG F 30 20.50 22.17 -55.65
CA ARG F 30 20.21 21.61 -54.32
C ARG F 30 19.73 22.73 -53.40
N ALA F 31 18.47 22.67 -52.97
CA ALA F 31 17.90 23.78 -52.21
C ALA F 31 18.52 23.91 -50.81
N GLN F 32 18.92 22.78 -50.21
CA GLN F 32 19.66 22.80 -48.95
C GLN F 32 21.08 22.38 -49.30
N PRO F 33 22.01 23.33 -49.46
CA PRO F 33 23.32 22.99 -50.03
C PRO F 33 24.03 21.93 -49.22
N ARG F 34 24.83 21.13 -49.91
CA ARG F 34 25.58 20.06 -49.28
C ARG F 34 26.99 20.53 -48.94
N ALA F 35 27.68 19.75 -48.10
CA ALA F 35 29.07 20.01 -47.74
C ALA F 35 30.00 19.28 -48.70
N GLU F 36 31.30 19.49 -48.56
CA GLU F 36 32.29 18.90 -49.47
C GLU F 36 33.11 17.79 -48.82
N GLY F 37 33.81 18.09 -47.73
CA GLY F 37 34.77 17.14 -47.19
C GLY F 37 34.12 16.07 -46.35
N PRO F 38 34.93 15.11 -45.92
CA PRO F 38 34.41 14.02 -45.08
C PRO F 38 33.94 14.56 -43.73
N ALA F 39 32.95 13.89 -43.17
CA ALA F 39 32.54 14.21 -41.81
C ALA F 39 33.71 13.99 -40.85
N CYS F 40 33.99 14.99 -40.01
CA CYS F 40 35.07 14.91 -39.02
C CYS F 40 34.51 14.92 -37.61
N VAL F 41 35.20 14.21 -36.72
CA VAL F 41 34.99 14.34 -35.28
C VAL F 41 35.78 15.57 -34.81
N LEU F 42 35.06 16.58 -34.30
CA LEU F 42 35.65 17.87 -33.93
C LEU F 42 35.83 18.04 -32.42
N GLY F 43 35.13 17.24 -31.62
CA GLY F 43 35.26 17.29 -30.18
C GLY F 43 34.60 16.08 -29.53
N ILE F 44 35.11 15.67 -28.37
CA ILE F 44 34.69 14.45 -27.70
C ILE F 44 34.45 14.76 -26.24
N GLY F 45 33.31 14.35 -25.71
CA GLY F 45 33.07 14.39 -24.29
C GLY F 45 32.47 13.08 -23.81
N THR F 46 32.77 12.74 -22.55
CA THR F 46 32.20 11.55 -21.91
C THR F 46 31.76 11.91 -20.50
N ALA F 47 30.87 11.08 -19.94
CA ALA F 47 30.38 11.29 -18.59
C ALA F 47 29.86 9.98 -18.00
N VAL F 48 30.04 9.81 -16.70
CA VAL F 48 29.55 8.62 -16.00
C VAL F 48 28.88 9.08 -14.71
N PRO F 49 27.96 8.28 -14.18
CA PRO F 49 27.47 8.52 -12.84
C PRO F 49 28.64 8.48 -11.85
N PRO F 50 28.53 9.20 -10.73
CA PRO F 50 29.71 9.30 -9.84
C PRO F 50 30.03 8.01 -9.07
N ALA F 51 29.04 7.25 -8.63
CA ALA F 51 29.31 6.11 -7.75
C ALA F 51 30.08 5.01 -8.47
N GLU F 52 31.19 4.58 -7.87
CA GLU F 52 32.04 3.54 -8.44
C GLU F 52 31.79 2.21 -7.73
N PHE F 53 31.68 1.14 -8.52
CA PHE F 53 31.46 -0.21 -8.02
C PHE F 53 32.66 -1.06 -8.39
N LEU F 54 33.49 -1.38 -7.40
CA LEU F 54 34.64 -2.25 -7.65
C LEU F 54 34.16 -3.64 -7.97
N GLN F 55 34.69 -4.22 -9.06
CA GLN F 55 34.28 -5.57 -9.42
C GLN F 55 34.58 -6.58 -8.32
N SER F 56 35.71 -6.39 -7.60
CA SER F 56 36.07 -7.32 -6.53
C SER F 56 35.00 -7.38 -5.44
N GLU F 57 34.24 -6.31 -5.25
CA GLU F 57 33.22 -6.25 -4.21
C GLU F 57 31.81 -6.44 -4.74
N TYR F 58 31.64 -6.51 -6.06
CA TYR F 58 30.29 -6.50 -6.61
C TYR F 58 29.48 -7.76 -6.30
N PRO F 59 30.04 -8.97 -6.42
CA PRO F 59 29.24 -10.16 -6.10
C PRO F 59 28.59 -10.11 -4.73
N ASP F 60 29.33 -9.71 -3.69
CA ASP F 60 28.76 -9.57 -2.36
C ASP F 60 27.65 -8.54 -2.35
N PHE F 61 27.91 -7.35 -2.92
CA PHE F 61 26.92 -6.28 -2.86
C PHE F 61 25.64 -6.66 -3.62
N PHE F 62 25.82 -7.18 -4.84
CA PHE F 62 24.69 -7.47 -5.72
C PHE F 62 23.80 -8.58 -5.16
N PHE F 63 24.41 -9.71 -4.75
CA PHE F 63 23.60 -10.81 -4.22
C PHE F 63 22.91 -10.43 -2.92
N ASN F 64 23.52 -9.53 -2.13
CA ASN F 64 22.90 -9.16 -0.86
C ASN F 64 21.71 -8.24 -1.06
N ILE F 65 21.85 -7.22 -1.89
CA ILE F 65 20.74 -6.27 -2.07
C ILE F 65 19.57 -6.88 -2.85
N THR F 66 19.80 -7.92 -3.64
CA THR F 66 18.68 -8.59 -4.32
C THR F 66 18.11 -9.73 -3.51
N ASN F 67 18.58 -9.92 -2.27
CA ASN F 67 18.07 -10.94 -1.36
C ASN F 67 18.43 -12.35 -1.80
N CYS F 68 19.59 -12.50 -2.44
CA CYS F 68 20.05 -13.80 -2.92
C CYS F 68 21.34 -14.24 -2.24
N GLY F 69 21.62 -13.71 -1.04
CA GLY F 69 22.89 -13.99 -0.38
C GLY F 69 23.11 -15.45 -0.04
N GLU F 70 22.03 -16.19 0.14
CA GLU F 70 22.07 -17.61 0.48
C GLU F 70 22.30 -18.53 -0.72
N LYS F 71 22.17 -18.01 -1.95
CA LYS F 71 22.29 -18.82 -3.16
C LYS F 71 23.77 -19.00 -3.48
N GLU F 72 24.42 -19.92 -2.73
CA GLU F 72 25.87 -19.97 -2.71
C GLU F 72 26.43 -20.50 -4.02
N ALA F 73 25.81 -21.53 -4.58
CA ALA F 73 26.27 -22.06 -5.86
C ALA F 73 26.09 -21.03 -6.97
N LEU F 74 24.95 -20.35 -6.99
CA LEU F 74 24.73 -19.29 -7.98
C LEU F 74 25.78 -18.18 -7.82
N LYS F 75 26.07 -17.79 -6.59
CA LYS F 75 27.07 -16.75 -6.33
C LYS F 75 28.44 -17.19 -6.85
N ALA F 76 28.81 -18.45 -6.61
CA ALA F 76 30.10 -18.93 -7.12
C ALA F 76 30.19 -18.77 -8.64
N LYS F 77 29.12 -19.09 -9.37
CA LYS F 77 29.11 -18.86 -10.82
C LYS F 77 29.32 -17.38 -11.13
N PHE F 78 28.64 -16.49 -10.40
CA PHE F 78 28.79 -15.07 -10.67
C PHE F 78 30.21 -14.59 -10.35
N LYS F 79 30.80 -15.08 -9.25
CA LYS F 79 32.18 -14.68 -8.92
C LYS F 79 33.14 -15.07 -10.04
N ARG F 80 32.93 -16.26 -10.61
CA ARG F 80 33.76 -16.73 -11.70
C ARG F 80 33.65 -15.82 -12.92
N ILE F 81 32.43 -15.42 -13.28
CA ILE F 81 32.25 -14.48 -14.39
C ILE F 81 32.96 -13.16 -14.09
N CYS F 82 32.73 -12.59 -12.91
CA CYS F 82 33.35 -11.31 -12.56
C CYS F 82 34.87 -11.41 -12.54
N ASP F 83 35.42 -12.51 -12.03
CA ASP F 83 36.88 -12.63 -11.96
C ASP F 83 37.51 -12.68 -13.34
N LYS F 84 36.81 -13.23 -14.33
CA LYS F 84 37.31 -13.28 -15.70
C LYS F 84 36.85 -12.08 -16.53
N SER F 85 36.01 -11.21 -15.98
CA SER F 85 35.36 -10.15 -16.78
C SER F 85 36.34 -9.13 -17.34
N GLY F 86 37.50 -8.94 -16.72
CA GLY F 86 38.40 -7.88 -17.16
C GLY F 86 37.99 -6.51 -16.70
N ILE F 87 37.01 -6.42 -15.80
CA ILE F 87 36.49 -5.16 -15.31
C ILE F 87 37.04 -4.95 -13.91
N ARG F 88 37.65 -3.79 -13.67
CA ARG F 88 38.07 -3.34 -12.34
C ARG F 88 36.93 -2.62 -11.60
N LYS F 89 36.24 -1.70 -12.29
CA LYS F 89 35.13 -0.97 -11.72
C LYS F 89 34.11 -0.62 -12.81
N ARG F 90 32.91 -0.30 -12.36
CA ARG F 90 31.87 0.29 -13.20
C ARG F 90 31.24 1.44 -12.45
N HIS F 91 30.63 2.36 -13.19
CA HIS F 91 29.85 3.45 -12.60
C HIS F 91 28.37 3.14 -12.75
N MET F 92 27.60 3.35 -11.69
CA MET F 92 26.18 3.07 -11.75
C MET F 92 25.40 4.13 -10.97
N PHE F 93 24.30 4.58 -11.58
CA PHE F 93 23.32 5.38 -10.89
C PHE F 93 22.56 4.58 -9.83
N LEU F 94 22.51 3.25 -9.97
CA LEU F 94 21.81 2.39 -9.02
C LEU F 94 22.71 2.13 -7.80
N THR F 95 22.79 3.15 -6.95
CA THR F 95 23.42 3.05 -5.65
C THR F 95 22.53 2.24 -4.71
N GLU F 96 23.08 1.93 -3.53
CA GLU F 96 22.28 1.25 -2.52
C GLU F 96 21.01 2.04 -2.21
N GLU F 97 21.14 3.37 -2.11
N GLU F 97 21.14 3.37 -2.10
CA GLU F 97 20.00 4.21 -1.77
CA GLU F 97 20.00 4.22 -1.77
C GLU F 97 18.90 4.12 -2.82
C GLU F 97 18.90 4.09 -2.82
N VAL F 98 19.27 4.18 -4.10
CA VAL F 98 18.27 4.10 -5.16
C VAL F 98 17.64 2.71 -5.22
N LEU F 99 18.45 1.66 -5.06
CA LEU F 99 17.89 0.31 -5.08
C LEU F 99 16.93 0.10 -3.92
N LYS F 100 17.28 0.59 -2.72
CA LYS F 100 16.36 0.42 -1.60
C LYS F 100 15.08 1.22 -1.79
N ALA F 101 15.14 2.34 -2.51
CA ALA F 101 13.94 3.09 -2.80
C ALA F 101 13.10 2.47 -3.93
N ASN F 102 13.60 1.46 -4.63
CA ASN F 102 12.89 0.85 -5.75
C ASN F 102 12.96 -0.67 -5.64
N PRO F 103 12.21 -1.25 -4.70
CA PRO F 103 12.36 -2.70 -4.41
C PRO F 103 11.99 -3.60 -5.57
N GLY F 104 11.09 -3.18 -6.45
CA GLY F 104 10.75 -4.02 -7.60
C GLY F 104 11.93 -4.29 -8.50
N ILE F 105 12.84 -3.31 -8.63
CA ILE F 105 14.04 -3.48 -9.43
C ILE F 105 14.93 -4.58 -8.86
N CYS F 106 14.86 -4.80 -7.55
CA CYS F 106 15.68 -5.81 -6.87
C CYS F 106 15.06 -7.20 -6.87
N THR F 107 13.92 -7.39 -7.52
CA THR F 107 13.32 -8.71 -7.64
C THR F 107 13.80 -9.38 -8.92
N TYR F 108 13.36 -10.62 -9.14
CA TYR F 108 13.70 -11.28 -10.39
C TYR F 108 12.72 -10.90 -11.49
N MET F 109 11.40 -10.92 -11.21
CA MET F 109 10.42 -10.77 -12.27
C MET F 109 9.14 -10.05 -11.82
N GLU F 110 9.18 -9.27 -10.74
CA GLU F 110 8.00 -8.52 -10.36
C GLU F 110 7.81 -7.33 -11.29
N PRO F 111 6.56 -6.88 -11.47
CA PRO F 111 6.32 -5.73 -12.37
C PRO F 111 7.06 -4.50 -11.87
N SER F 112 7.78 -3.87 -12.79
CA SER F 112 8.71 -2.81 -12.37
C SER F 112 9.05 -1.81 -13.46
N LEU F 113 8.50 -1.96 -14.67
CA LEU F 113 8.89 -1.06 -15.75
C LEU F 113 8.59 0.40 -15.41
N ASN F 114 7.50 0.65 -14.66
CA ASN F 114 7.14 2.03 -14.37
C ASN F 114 8.23 2.74 -13.57
N VAL F 115 8.71 2.10 -12.50
CA VAL F 115 9.75 2.76 -11.69
C VAL F 115 11.08 2.77 -12.44
N ARG F 116 11.35 1.78 -13.29
CA ARG F 116 12.57 1.83 -14.08
C ARG F 116 12.57 3.01 -15.03
N HIS F 117 11.44 3.26 -15.71
CA HIS F 117 11.38 4.41 -16.60
C HIS F 117 11.48 5.72 -15.84
N ASP F 118 10.93 5.77 -14.63
CA ASP F 118 11.05 6.99 -13.82
C ASP F 118 12.51 7.36 -13.60
N ILE F 119 13.40 6.37 -13.55
CA ILE F 119 14.83 6.65 -13.40
C ILE F 119 15.44 7.10 -14.72
N VAL F 120 15.29 6.28 -15.77
CA VAL F 120 16.10 6.51 -16.97
C VAL F 120 15.59 7.69 -17.81
N VAL F 121 14.30 8.02 -17.72
N VAL F 121 14.30 8.04 -17.72
CA VAL F 121 13.76 9.14 -18.48
CA VAL F 121 13.83 9.16 -18.55
C VAL F 121 14.50 10.43 -18.12
C VAL F 121 14.51 10.46 -18.12
N VAL F 122 14.91 10.56 -16.85
CA VAL F 122 15.71 11.71 -16.41
C VAL F 122 17.18 11.49 -16.66
N GLN F 123 17.70 10.32 -16.26
CA GLN F 123 19.15 10.18 -16.14
C GLN F 123 19.83 10.01 -17.49
N VAL F 124 19.16 9.39 -18.45
CA VAL F 124 19.76 9.20 -19.76
C VAL F 124 20.07 10.54 -20.43
N PRO F 125 19.11 11.48 -20.59
CA PRO F 125 19.50 12.77 -21.19
C PRO F 125 20.38 13.62 -20.28
N LYS F 126 20.20 13.54 -18.96
CA LYS F 126 21.07 14.27 -18.05
C LYS F 126 22.53 13.91 -18.28
N LEU F 127 22.82 12.61 -18.35
CA LEU F 127 24.19 12.16 -18.54
C LEU F 127 24.70 12.55 -19.92
N ALA F 128 23.82 12.51 -20.92
CA ALA F 128 24.20 12.94 -22.26
C ALA F 128 24.56 14.42 -22.28
N ALA F 129 23.85 15.24 -21.51
CA ALA F 129 24.13 16.67 -21.49
C ALA F 129 25.52 16.95 -20.89
N GLU F 130 25.86 16.27 -19.80
N GLU F 130 25.87 16.26 -19.80
CA GLU F 130 27.19 16.43 -19.23
CA GLU F 130 27.19 16.45 -19.22
C GLU F 130 28.27 16.13 -20.27
C GLU F 130 28.29 16.11 -20.24
N ALA F 131 28.13 15.00 -20.96
CA ALA F 131 29.12 14.65 -21.97
C ALA F 131 29.09 15.63 -23.15
N ALA F 132 27.91 16.15 -23.50
CA ALA F 132 27.81 17.06 -24.63
C ALA F 132 28.45 18.40 -24.31
N GLN F 133 28.27 18.90 -23.09
CA GLN F 133 28.96 20.13 -22.70
C GLN F 133 30.46 20.00 -22.90
N LYS F 134 31.01 18.82 -22.63
CA LYS F 134 32.46 18.65 -22.75
C LYS F 134 32.87 18.56 -24.21
N ALA F 135 32.10 17.82 -25.02
CA ALA F 135 32.37 17.75 -26.45
C ALA F 135 32.32 19.13 -27.08
N ILE F 136 31.34 19.95 -26.67
CA ILE F 136 31.21 21.28 -27.25
C ILE F 136 32.39 22.14 -26.85
N LYS F 137 32.89 21.96 -25.62
CA LYS F 137 34.03 22.75 -25.17
C LYS F 137 35.28 22.42 -25.96
N GLU F 138 35.51 21.12 -26.23
CA GLU F 138 36.69 20.76 -27.02
C GLU F 138 36.54 21.21 -28.46
N TRP F 139 35.35 21.02 -29.04
CA TRP F 139 35.02 21.55 -30.37
C TRP F 139 35.46 23.00 -30.51
N GLY F 140 35.02 23.85 -29.60
CA GLY F 140 35.33 25.25 -29.61
C GLY F 140 34.25 26.12 -30.22
N GLY F 141 33.22 25.52 -30.82
CA GLY F 141 32.14 26.28 -31.39
C GLY F 141 31.12 26.67 -30.34
N ARG F 142 30.02 27.25 -30.79
CA ARG F 142 28.94 27.64 -29.90
C ARG F 142 27.70 26.77 -30.13
N LYS F 143 26.92 26.57 -29.06
CA LYS F 143 25.78 25.66 -29.10
C LYS F 143 24.80 26.02 -30.20
N SER F 144 24.59 27.33 -30.41
CA SER F 144 23.58 27.77 -31.35
C SER F 144 23.88 27.29 -32.77
N ASP F 145 25.12 26.85 -33.02
CA ASP F 145 25.50 26.31 -34.33
C ASP F 145 25.32 24.80 -34.44
N ILE F 146 24.85 24.13 -33.39
CA ILE F 146 24.47 22.73 -33.51
C ILE F 146 23.18 22.64 -34.33
N THR F 147 23.22 21.87 -35.41
CA THR F 147 22.07 21.74 -36.32
C THR F 147 21.35 20.42 -36.23
N HIS F 148 21.97 19.38 -35.64
CA HIS F 148 21.39 18.05 -35.62
C HIS F 148 21.74 17.36 -34.31
N ILE F 149 20.85 16.46 -33.86
CA ILE F 149 21.14 15.48 -32.81
C ILE F 149 20.84 14.10 -33.35
N VAL F 150 21.79 13.18 -33.18
CA VAL F 150 21.62 11.75 -33.44
C VAL F 150 21.90 11.03 -32.13
N PHE F 151 20.91 10.30 -31.62
CA PHE F 151 20.90 9.82 -30.24
C PHE F 151 20.57 8.33 -30.20
N ALA F 152 21.43 7.54 -29.58
CA ALA F 152 21.16 6.12 -29.38
C ALA F 152 21.14 5.80 -27.89
N THR F 153 20.21 4.93 -27.50
CA THR F 153 20.21 4.38 -26.15
C THR F 153 19.55 3.00 -26.18
N THR F 154 19.78 2.25 -25.10
CA THR F 154 19.06 1.01 -24.85
C THR F 154 18.32 1.09 -23.53
N SER F 155 18.24 2.27 -22.93
CA SER F 155 17.80 2.41 -21.54
C SER F 155 16.48 3.14 -21.50
N GLY F 156 15.39 2.42 -21.80
CA GLY F 156 14.06 2.99 -21.70
C GLY F 156 13.68 3.78 -22.95
N VAL F 157 12.39 4.11 -23.03
CA VAL F 157 11.82 4.96 -24.07
C VAL F 157 10.91 5.98 -23.43
N ASN F 158 10.67 7.09 -24.13
CA ASN F 158 9.79 8.13 -23.62
C ASN F 158 9.24 8.93 -24.80
N MET F 159 8.15 9.66 -24.53
CA MET F 159 7.59 10.63 -25.48
C MET F 159 7.23 11.89 -24.71
N PRO F 160 7.83 13.03 -25.05
CA PRO F 160 8.90 13.24 -26.05
C PRO F 160 10.15 12.42 -25.75
N GLY F 161 11.00 12.20 -26.74
CA GLY F 161 12.14 11.33 -26.56
C GLY F 161 13.31 12.02 -25.87
N ALA F 162 14.33 11.22 -25.55
CA ALA F 162 15.53 11.73 -24.89
C ALA F 162 16.25 12.75 -25.73
N ASP F 163 16.09 12.69 -27.06
CA ASP F 163 16.68 13.68 -27.94
C ASP F 163 16.10 15.06 -27.66
N HIS F 164 14.80 15.12 -27.46
CA HIS F 164 14.12 16.37 -27.14
C HIS F 164 14.51 16.85 -25.75
N ALA F 165 14.57 15.94 -24.77
CA ALA F 165 15.00 16.30 -23.43
C ALA F 165 16.40 16.89 -23.47
N LEU F 166 17.28 16.28 -24.27
CA LEU F 166 18.67 16.76 -24.36
C LEU F 166 18.74 18.14 -24.97
N ALA F 167 17.98 18.38 -26.05
CA ALA F 167 17.96 19.70 -26.66
C ALA F 167 17.54 20.78 -25.66
N LYS F 168 16.56 20.48 -24.80
CA LYS F 168 16.15 21.47 -23.80
C LYS F 168 17.26 21.72 -22.78
N LEU F 169 17.91 20.65 -22.31
CA LEU F 169 18.95 20.79 -21.30
C LEU F 169 20.12 21.60 -21.81
N LEU F 170 20.49 21.41 -23.07
CA LEU F 170 21.57 22.19 -23.66
C LEU F 170 21.13 23.58 -24.14
N GLY F 171 19.84 23.86 -24.21
CA GLY F 171 19.37 25.13 -24.75
C GLY F 171 19.64 25.31 -26.23
N LEU F 172 19.54 24.26 -27.03
CA LEU F 172 19.77 24.34 -28.46
C LEU F 172 18.62 25.11 -29.14
N LYS F 173 18.82 25.44 -30.41
CA LYS F 173 17.78 26.13 -31.17
C LYS F 173 16.56 25.21 -31.33
N PRO F 174 15.36 25.78 -31.37
CA PRO F 174 14.17 24.94 -31.52
C PRO F 174 14.09 24.22 -32.87
N THR F 175 14.96 24.57 -33.83
CA THR F 175 14.99 23.98 -35.17
C THR F 175 16.03 22.87 -35.32
N VAL F 176 16.62 22.37 -34.22
CA VAL F 176 17.56 21.28 -34.34
C VAL F 176 16.84 20.05 -34.91
N LYS F 177 17.48 19.42 -35.90
CA LYS F 177 16.93 18.23 -36.53
C LYS F 177 17.40 16.98 -35.77
N ARG F 178 16.50 16.05 -35.54
CA ARG F 178 16.73 15.03 -34.52
C ARG F 178 16.49 13.63 -35.08
N VAL F 179 17.37 12.69 -34.72
CA VAL F 179 17.20 11.27 -35.06
C VAL F 179 17.33 10.49 -33.77
N MET F 180 16.23 9.94 -33.29
CA MET F 180 16.19 9.27 -31.99
C MET F 180 16.13 7.77 -32.22
N MET F 181 17.20 7.06 -31.89
CA MET F 181 17.27 5.61 -32.11
C MET F 181 17.19 4.91 -30.76
N TYR F 182 15.97 4.65 -30.32
CA TYR F 182 15.75 3.90 -29.09
C TYR F 182 15.99 2.40 -29.32
N GLN F 183 16.38 1.70 -28.24
CA GLN F 183 16.53 0.24 -28.19
C GLN F 183 17.55 -0.29 -29.18
N THR F 184 18.70 0.35 -29.30
CA THR F 184 19.68 -0.14 -30.27
C THR F 184 20.41 -1.40 -29.79
N GLY F 185 20.72 -1.49 -28.50
CA GLY F 185 21.71 -2.48 -28.10
C GLY F 185 23.12 -2.00 -28.39
N PHE F 187 25.31 -1.98 -30.67
CA PHE F 187 25.89 -1.43 -31.91
C PHE F 187 25.54 0.06 -32.08
N GLY F 188 24.79 0.61 -31.12
CA GLY F 188 24.21 1.94 -31.34
C GLY F 188 25.22 3.07 -31.42
N GLY F 189 26.41 2.88 -30.84
CA GLY F 189 27.42 3.93 -30.90
C GLY F 189 27.98 4.07 -32.30
N ALA F 190 28.21 2.95 -32.97
CA ALA F 190 28.57 2.99 -34.39
C ALA F 190 27.42 3.54 -35.24
N SER F 191 26.16 3.21 -34.89
CA SER F 191 25.02 3.72 -35.67
C SER F 191 24.95 5.25 -35.63
N VAL F 192 25.16 5.86 -34.47
CA VAL F 192 25.05 7.31 -34.43
C VAL F 192 26.15 7.96 -35.25
N LEU F 193 27.33 7.34 -35.33
CA LEU F 193 28.38 7.91 -36.15
C LEU F 193 28.07 7.72 -37.63
N ARG F 194 27.45 6.58 -37.97
CA ARG F 194 27.03 6.34 -39.36
C ARG F 194 25.96 7.33 -39.79
N VAL F 195 24.99 7.62 -38.93
CA VAL F 195 23.95 8.59 -39.30
C VAL F 195 24.53 9.99 -39.33
N ALA F 196 25.36 10.34 -38.34
CA ALA F 196 25.97 11.68 -38.33
C ALA F 196 26.78 11.91 -39.59
N LYS F 197 27.45 10.86 -40.08
CA LYS F 197 28.23 10.99 -41.30
C LYS F 197 27.39 11.58 -42.43
N ASP F 198 26.23 10.97 -42.71
CA ASP F 198 25.44 11.43 -43.86
C ASP F 198 24.81 12.79 -43.57
N LEU F 199 24.41 13.04 -42.33
CA LEU F 199 23.80 14.32 -42.00
C LEU F 199 24.82 15.46 -42.09
N ALA F 200 26.05 15.21 -41.66
CA ALA F 200 27.08 16.26 -41.76
C ALA F 200 27.48 16.50 -43.20
N GLU F 201 27.71 15.42 -43.97
CA GLU F 201 28.22 15.55 -45.32
C GLU F 201 27.18 16.11 -46.29
N ASN F 202 25.88 15.87 -46.05
CA ASN F 202 24.87 16.32 -47.00
C ASN F 202 24.32 17.72 -46.68
N ASN F 203 24.89 18.41 -45.70
CA ASN F 203 24.32 19.67 -45.21
C ASN F 203 25.46 20.66 -44.94
N LYS F 204 25.59 21.67 -45.81
CA LYS F 204 26.62 22.70 -45.65
C LYS F 204 26.49 23.39 -44.30
N GLY F 205 27.58 23.42 -43.54
CA GLY F 205 27.58 24.05 -42.24
C GLY F 205 27.01 23.23 -41.11
N ALA F 206 26.53 22.02 -41.37
CA ALA F 206 25.89 21.23 -40.33
C ALA F 206 26.90 20.81 -39.25
N ARG F 207 26.50 20.92 -37.99
CA ARG F 207 27.29 20.47 -36.85
C ARG F 207 26.38 19.58 -36.01
N VAL F 208 26.73 18.30 -35.91
CA VAL F 208 25.88 17.25 -35.35
C VAL F 208 26.43 16.80 -34.01
N LEU F 209 25.55 16.68 -33.01
CA LEU F 209 25.85 15.96 -31.79
C LEU F 209 25.48 14.49 -31.98
N ALA F 210 26.49 13.62 -31.97
CA ALA F 210 26.30 12.16 -32.01
C ALA F 210 26.38 11.66 -30.57
N VAL F 211 25.26 11.15 -30.06
CA VAL F 211 25.05 10.93 -28.63
C VAL F 211 24.74 9.46 -28.39
N ALA F 212 25.40 8.86 -27.40
CA ALA F 212 25.02 7.55 -26.90
C ALA F 212 25.11 7.60 -25.39
N SER F 213 24.00 7.30 -24.71
CA SER F 213 23.92 7.44 -23.26
C SER F 213 23.17 6.23 -22.74
N GLU F 214 23.71 5.58 -21.69
CA GLU F 214 23.18 4.33 -21.17
C GLU F 214 23.17 4.33 -19.65
N VAL F 215 22.07 3.89 -19.06
CA VAL F 215 21.92 3.76 -17.61
C VAL F 215 21.21 2.43 -17.36
N THR F 216 21.84 1.54 -16.57
CA THR F 216 21.43 0.13 -16.51
C THR F 216 20.14 -0.11 -15.74
N ALA F 217 19.31 0.88 -15.42
CA ALA F 217 18.16 0.65 -14.56
C ALA F 217 17.03 -0.14 -15.23
N VAL F 218 17.02 -0.29 -16.57
CA VAL F 218 15.93 -1.08 -17.17
C VAL F 218 16.32 -2.55 -17.35
N THR F 219 17.62 -2.88 -17.29
CA THR F 219 18.09 -4.27 -17.38
C THR F 219 18.48 -4.87 -16.04
N TYR F 220 18.69 -4.06 -15.01
CA TYR F 220 19.08 -4.58 -13.71
C TYR F 220 18.08 -5.61 -13.21
N ARG F 221 18.57 -6.76 -12.72
CA ARG F 221 17.70 -7.87 -12.32
C ARG F 221 18.39 -8.77 -11.29
N ALA F 222 17.62 -9.21 -10.30
CA ALA F 222 18.12 -10.19 -9.35
C ALA F 222 18.62 -11.45 -10.07
N PRO F 223 19.68 -12.09 -9.59
CA PRO F 223 20.20 -13.29 -10.28
C PRO F 223 19.30 -14.50 -10.05
N SER F 224 19.35 -15.44 -11.01
CA SER F 224 18.49 -16.62 -10.98
C SER F 224 19.18 -17.79 -11.67
N GLU F 225 19.06 -18.98 -11.07
CA GLU F 225 19.48 -20.20 -11.76
C GLU F 225 18.72 -20.38 -13.07
N ASN F 226 17.51 -19.85 -13.16
CA ASN F 226 16.72 -19.96 -14.37
C ASN F 226 17.08 -18.93 -15.43
N HIS F 227 18.09 -18.09 -15.18
CA HIS F 227 18.49 -17.06 -16.13
C HIS F 227 20.00 -16.90 -16.10
N LEU F 228 20.70 -18.00 -16.38
CA LEU F 228 22.15 -18.04 -16.16
C LEU F 228 22.90 -17.12 -17.13
N ASP F 229 22.42 -16.99 -18.37
CA ASP F 229 23.05 -16.04 -19.28
C ASP F 229 22.87 -14.59 -18.78
N GLY F 230 21.81 -14.34 -18.01
CA GLY F 230 21.63 -13.03 -17.42
C GLY F 230 22.69 -12.65 -16.42
N LEU F 231 23.35 -13.65 -15.79
CA LEU F 231 24.47 -13.36 -14.91
C LEU F 231 25.58 -12.64 -15.65
N VAL F 232 25.76 -12.93 -16.95
CA VAL F 232 26.80 -12.26 -17.72
C VAL F 232 26.51 -10.78 -17.86
N GLY F 233 25.26 -10.43 -18.19
CA GLY F 233 24.90 -9.02 -18.26
C GLY F 233 25.08 -8.30 -16.93
N SER F 234 24.69 -8.96 -15.83
CA SER F 234 24.85 -8.37 -14.51
C SER F 234 26.31 -8.15 -14.14
N ALA F 235 27.22 -8.94 -14.70
CA ALA F 235 28.64 -8.75 -14.44
C ALA F 235 29.29 -7.68 -15.32
N LEU F 236 28.70 -7.36 -16.49
CA LEU F 236 29.40 -6.54 -17.46
C LEU F 236 28.82 -5.14 -17.65
N PHE F 237 27.50 -4.98 -17.55
CA PHE F 237 26.84 -3.74 -17.93
C PHE F 237 27.08 -2.64 -16.89
N GLY F 238 27.62 -1.50 -17.35
CA GLY F 238 27.72 -0.28 -16.57
C GLY F 238 27.06 0.92 -17.26
N ASP F 239 27.18 2.07 -16.60
CA ASP F 239 26.57 3.31 -17.08
C ASP F 239 27.60 4.24 -17.71
N GLY F 240 27.17 5.04 -18.70
CA GLY F 240 28.04 6.03 -19.29
C GLY F 240 27.43 6.72 -20.50
N ALA F 241 28.01 7.85 -20.90
CA ALA F 241 27.55 8.57 -22.08
C ALA F 241 28.75 9.13 -22.82
N GLY F 242 28.73 9.06 -24.13
CA GLY F 242 29.72 9.74 -24.95
C GLY F 242 29.02 10.57 -26.00
N VAL F 243 29.62 11.73 -26.30
CA VAL F 243 29.09 12.67 -27.29
C VAL F 243 30.22 13.13 -28.19
N TYR F 244 30.01 13.06 -29.51
CA TYR F 244 30.94 13.64 -30.47
C TYR F 244 30.26 14.80 -31.20
N VAL F 245 31.00 15.89 -31.40
CA VAL F 245 30.60 16.91 -32.36
C VAL F 245 31.15 16.50 -33.72
N VAL F 246 30.27 16.36 -34.72
CA VAL F 246 30.64 15.85 -36.04
C VAL F 246 30.22 16.90 -37.07
N GLY F 247 31.12 17.19 -38.01
CA GLY F 247 30.85 18.13 -39.09
C GLY F 247 31.90 18.07 -40.17
N SER F 248 31.51 18.38 -41.42
CA SER F 248 32.42 18.49 -42.55
C SER F 248 32.95 19.92 -42.69
N ASP F 249 34.03 20.07 -43.46
CA ASP F 249 34.65 21.34 -43.78
C ASP F 249 34.99 22.13 -42.51
N PRO F 250 35.92 21.67 -41.70
CA PRO F 250 36.25 22.41 -40.48
C PRO F 250 36.87 23.74 -40.81
N LYS F 251 36.51 24.77 -40.06
CA LYS F 251 37.05 26.10 -40.26
C LYS F 251 38.55 26.14 -39.97
N PRO F 252 39.39 26.51 -40.92
CA PRO F 252 40.85 26.43 -40.71
C PRO F 252 41.32 27.29 -39.55
N GLU F 253 42.15 26.70 -38.68
CA GLU F 253 42.72 27.37 -37.52
C GLU F 253 41.67 27.75 -36.47
N VAL F 254 40.40 27.37 -36.67
CA VAL F 254 39.38 27.57 -35.66
C VAL F 254 38.82 26.25 -35.16
N GLU F 255 38.56 25.31 -36.06
CA GLU F 255 38.14 23.97 -35.70
C GLU F 255 39.29 23.01 -35.99
N LYS F 256 39.39 21.97 -35.16
CA LYS F 256 40.46 21.00 -35.27
C LYS F 256 39.85 19.62 -35.41
N PRO F 257 39.94 18.99 -36.57
CA PRO F 257 39.46 17.62 -36.71
C PRO F 257 40.38 16.66 -35.96
N LEU F 258 39.79 15.78 -35.16
CA LEU F 258 40.53 14.70 -34.51
C LEU F 258 40.57 13.45 -35.37
N PHE F 259 39.46 13.12 -36.01
CA PHE F 259 39.35 11.97 -36.91
C PHE F 259 38.44 12.37 -38.07
N GLU F 260 38.71 11.82 -39.25
CA GLU F 260 37.80 11.91 -40.40
C GLU F 260 37.09 10.57 -40.56
N VAL F 261 35.80 10.61 -40.87
CA VAL F 261 35.02 9.40 -41.16
C VAL F 261 35.03 9.21 -42.67
N HIS F 262 35.54 8.07 -43.14
CA HIS F 262 35.61 7.79 -44.56
C HIS F 262 34.68 6.67 -45.03
N TRP F 263 34.13 5.86 -44.13
CA TRP F 263 33.34 4.73 -44.59
C TRP F 263 32.47 4.23 -43.45
N ALA F 264 31.20 3.94 -43.73
CA ALA F 264 30.30 3.37 -42.74
C ALA F 264 29.46 2.29 -43.40
N GLY F 265 29.32 1.15 -42.71
CA GLY F 265 28.53 0.06 -43.23
C GLY F 265 28.18 -0.88 -42.11
N GLU F 266 27.34 -1.86 -42.43
CA GLU F 266 26.93 -2.85 -41.46
C GLU F 266 26.53 -4.13 -42.16
N THR F 267 26.53 -5.23 -41.42
CA THR F 267 26.04 -6.49 -41.97
C THR F 267 25.51 -7.38 -40.86
N ILE F 268 24.50 -8.17 -41.21
CA ILE F 268 24.07 -9.30 -40.39
C ILE F 268 25.06 -10.45 -40.59
N LEU F 269 25.50 -11.07 -39.49
CA LEU F 269 26.50 -12.12 -39.65
C LEU F 269 25.85 -13.46 -40.01
N PRO F 270 26.49 -14.25 -40.88
CA PRO F 270 25.93 -15.54 -41.29
C PRO F 270 25.71 -16.47 -40.10
N GLU F 271 24.61 -17.24 -40.16
CA GLU F 271 24.22 -18.24 -39.16
C GLU F 271 24.13 -17.66 -37.75
N SER F 272 23.91 -16.36 -37.62
CA SER F 272 23.83 -15.71 -36.32
C SER F 272 22.43 -15.35 -35.91
N ASP F 273 21.43 -15.64 -36.76
CA ASP F 273 20.06 -15.26 -36.47
C ASP F 273 19.58 -15.84 -35.14
N GLY F 274 18.94 -15.00 -34.33
CA GLY F 274 18.45 -15.39 -33.04
C GLY F 274 19.49 -15.46 -31.93
N ALA F 275 20.72 -15.01 -32.17
CA ALA F 275 21.75 -15.11 -31.15
C ALA F 275 21.40 -14.29 -29.91
N ILE F 276 20.71 -13.16 -30.06
CA ILE F 276 20.37 -12.26 -28.95
C ILE F 276 18.92 -11.82 -29.10
N ASP F 277 18.11 -12.06 -28.07
CA ASP F 277 16.79 -11.48 -27.93
C ASP F 277 16.77 -10.48 -26.79
N GLY F 278 16.10 -9.36 -26.99
CA GLY F 278 15.85 -8.40 -25.92
C GLY F 278 14.38 -8.04 -25.82
N HIS F 279 13.70 -8.54 -24.78
CA HIS F 279 12.26 -8.34 -24.62
C HIS F 279 12.02 -7.25 -23.58
N LEU F 280 11.38 -6.16 -24.00
CA LEU F 280 10.93 -5.16 -23.04
C LEU F 280 9.60 -5.60 -22.46
N THR F 281 9.57 -5.88 -21.16
CA THR F 281 8.44 -6.52 -20.50
C THR F 281 7.94 -5.66 -19.35
N GLU F 282 6.87 -6.14 -18.72
CA GLU F 282 6.35 -5.54 -17.50
C GLU F 282 7.40 -5.49 -16.39
N ALA F 283 8.42 -6.34 -16.48
CA ALA F 283 9.50 -6.41 -15.49
C ALA F 283 10.80 -5.80 -15.99
N GLY F 284 10.77 -5.05 -17.09
CA GLY F 284 11.98 -4.44 -17.63
C GLY F 284 12.54 -5.18 -18.83
N LEU F 285 13.72 -4.77 -19.26
CA LEU F 285 14.35 -5.39 -20.43
C LEU F 285 15.07 -6.68 -20.04
N ILE F 286 14.78 -7.76 -20.75
CA ILE F 286 15.37 -9.07 -20.48
C ILE F 286 16.12 -9.51 -21.72
N PHE F 287 17.39 -9.84 -21.55
CA PHE F 287 18.19 -10.38 -22.66
C PHE F 287 18.21 -11.89 -22.55
N HIS F 288 18.14 -12.56 -23.71
CA HIS F 288 18.41 -13.99 -23.82
C HIS F 288 19.53 -14.16 -24.83
N LEU F 289 20.60 -14.85 -24.40
CA LEU F 289 21.74 -15.18 -25.26
C LEU F 289 21.57 -16.63 -25.70
N MET F 290 21.36 -16.83 -26.99
CA MET F 290 21.03 -18.17 -27.47
C MET F 290 22.14 -18.79 -28.29
N LYS F 291 23.16 -18.01 -28.64
CA LYS F 291 24.29 -18.50 -29.42
C LYS F 291 25.57 -17.87 -28.92
N ASP F 292 26.68 -18.39 -29.41
CA ASP F 292 28.01 -17.99 -28.96
C ASP F 292 28.44 -16.74 -29.74
N VAL F 293 28.22 -15.58 -29.13
CA VAL F 293 28.44 -14.29 -29.77
C VAL F 293 29.92 -14.03 -30.06
N PRO F 294 30.84 -14.22 -29.10
CA PRO F 294 32.26 -14.03 -29.44
C PRO F 294 32.71 -14.87 -30.62
N GLY F 295 32.26 -16.12 -30.69
CA GLY F 295 32.67 -16.99 -31.79
C GLY F 295 32.07 -16.55 -33.12
N LEU F 296 30.80 -16.15 -33.12
CA LEU F 296 30.17 -15.72 -34.37
C LEU F 296 30.85 -14.46 -34.93
N ILE F 297 31.18 -13.49 -34.05
CA ILE F 297 31.91 -12.30 -34.50
C ILE F 297 33.28 -12.68 -35.05
N SER F 298 34.09 -13.36 -34.24
CA SER F 298 35.47 -13.61 -34.64
C SER F 298 35.54 -14.49 -35.88
N LYS F 299 34.59 -15.41 -36.06
CA LYS F 299 34.61 -16.25 -37.25
C LYS F 299 34.31 -15.44 -38.52
N ASN F 300 33.46 -14.42 -38.44
CA ASN F 300 32.96 -13.72 -39.61
C ASN F 300 33.49 -12.30 -39.80
N ILE F 301 34.29 -11.79 -38.87
CA ILE F 301 34.59 -10.36 -38.90
C ILE F 301 35.61 -10.00 -39.98
N GLU F 302 36.52 -10.92 -40.32
CA GLU F 302 37.61 -10.55 -41.23
C GLU F 302 37.11 -10.36 -42.64
N LYS F 303 36.18 -11.21 -43.10
CA LYS F 303 35.62 -11.05 -44.43
C LYS F 303 34.99 -9.68 -44.58
N PHE F 304 34.28 -9.19 -43.56
CA PHE F 304 33.63 -7.88 -43.69
C PHE F 304 34.64 -6.74 -43.59
N LEU F 305 35.60 -6.85 -42.67
CA LEU F 305 36.59 -5.78 -42.53
C LEU F 305 37.48 -5.69 -43.78
N ASN F 306 37.71 -6.82 -44.45
CA ASN F 306 38.47 -6.82 -45.68
C ASN F 306 37.80 -5.97 -46.75
N GLU F 307 36.47 -5.93 -46.79
CA GLU F 307 35.78 -5.03 -47.69
C GLU F 307 35.87 -3.59 -47.21
N ALA F 308 35.74 -3.37 -45.90
CA ALA F 308 35.68 -2.01 -45.37
C ALA F 308 36.96 -1.23 -45.63
N ARG F 309 38.11 -1.91 -45.59
CA ARG F 309 39.39 -1.22 -45.71
C ARG F 309 39.80 -0.94 -47.15
N LYS F 310 39.13 -1.52 -48.14
CA LYS F 310 39.53 -1.29 -49.52
C LYS F 310 39.58 0.18 -49.92
N PRO F 311 38.60 1.03 -49.58
CA PRO F 311 38.68 2.44 -50.02
C PRO F 311 39.80 3.25 -49.36
N VAL F 312 40.44 2.76 -48.31
CA VAL F 312 41.59 3.47 -47.77
C VAL F 312 42.89 2.75 -48.12
N GLY F 313 42.87 1.93 -49.16
CA GLY F 313 44.07 1.29 -49.65
C GLY F 313 44.39 -0.04 -49.03
N SER F 314 43.44 -0.66 -48.33
CA SER F 314 43.62 -1.96 -47.68
C SER F 314 44.93 -2.06 -46.87
N PRO F 315 45.12 -1.21 -45.87
CA PRO F 315 46.29 -1.38 -45.01
C PRO F 315 46.21 -2.67 -44.20
N ALA F 316 47.37 -3.16 -43.80
CA ALA F 316 47.42 -4.39 -43.01
C ALA F 316 46.77 -4.15 -41.65
N TRP F 317 46.25 -5.24 -41.06
CA TRP F 317 45.55 -5.12 -39.78
C TRP F 317 46.41 -4.43 -38.72
N ASN F 318 47.69 -4.77 -38.66
CA ASN F 318 48.57 -4.17 -37.65
C ASN F 318 49.10 -2.80 -38.06
N GLU F 319 48.71 -2.30 -39.23
CA GLU F 319 48.91 -0.91 -39.61
C GLU F 319 47.70 -0.05 -39.31
N MET F 320 46.68 -0.58 -38.63
CA MET F 320 45.46 0.15 -38.30
C MET F 320 45.28 0.26 -36.78
N PHE F 321 44.48 1.23 -36.36
CA PHE F 321 44.01 1.29 -34.98
C PHE F 321 42.61 0.70 -34.85
N TRP F 322 42.24 0.30 -33.63
CA TRP F 322 41.12 -0.62 -33.43
C TRP F 322 40.24 -0.16 -32.28
N ALA F 323 39.28 0.72 -32.57
CA ALA F 323 38.28 1.17 -31.60
C ALA F 323 37.14 0.16 -31.61
N VAL F 324 37.29 -0.90 -30.83
CA VAL F 324 36.34 -2.00 -30.84
C VAL F 324 35.50 -1.94 -29.58
N HIS F 325 34.18 -2.03 -29.75
CA HIS F 325 33.26 -2.12 -28.63
C HIS F 325 33.69 -3.24 -27.67
N PRO F 326 33.99 -2.92 -26.40
CA PRO F 326 34.40 -3.98 -25.44
C PRO F 326 33.19 -4.68 -24.86
N GLY F 327 32.54 -5.51 -25.68
CA GLY F 327 31.36 -6.22 -25.22
C GLY F 327 31.66 -7.15 -24.05
N GLY F 328 32.79 -7.83 -24.12
CA GLY F 328 33.35 -8.59 -23.02
C GLY F 328 34.75 -9.03 -23.37
N PRO F 329 35.47 -9.64 -22.43
CA PRO F 329 36.84 -10.06 -22.74
C PRO F 329 36.92 -11.10 -23.85
N ALA F 330 35.97 -12.04 -23.93
CA ALA F 330 36.06 -13.11 -24.93
C ALA F 330 36.07 -12.56 -26.36
N ILE F 331 35.21 -11.58 -26.67
CA ILE F 331 35.18 -11.01 -28.00
C ILE F 331 36.51 -10.36 -28.34
N LEU F 332 37.02 -9.52 -27.44
CA LEU F 332 38.31 -8.88 -27.70
C LEU F 332 39.42 -9.93 -27.88
N ASP F 333 39.49 -10.90 -26.97
CA ASP F 333 40.51 -11.96 -27.07
C ASP F 333 40.41 -12.70 -28.40
N GLN F 334 39.21 -13.17 -28.76
CA GLN F 334 39.04 -14.00 -29.95
C GLN F 334 39.22 -13.20 -31.24
N VAL F 335 38.84 -11.92 -31.25
CA VAL F 335 39.08 -11.10 -32.44
C VAL F 335 40.56 -10.85 -32.60
N GLU F 336 41.24 -10.48 -31.50
CA GLU F 336 42.69 -10.26 -31.54
C GLU F 336 43.43 -11.51 -32.01
N ALA F 337 43.00 -12.69 -31.56
CA ALA F 337 43.65 -13.92 -32.00
C ALA F 337 43.42 -14.16 -33.49
N LYS F 338 42.16 -14.12 -33.93
CA LYS F 338 41.83 -14.41 -35.32
C LYS F 338 42.57 -13.50 -36.28
N LEU F 339 42.66 -12.20 -35.97
CA LEU F 339 43.35 -11.26 -36.84
C LEU F 339 44.83 -11.14 -36.54
N LYS F 340 45.33 -11.88 -35.53
CA LYS F 340 46.75 -11.88 -35.16
C LYS F 340 47.27 -10.47 -34.90
N LEU F 341 46.52 -9.69 -34.13
CA LEU F 341 46.90 -8.33 -33.84
C LEU F 341 47.97 -8.28 -32.75
N THR F 342 48.87 -7.31 -32.85
CA THR F 342 49.76 -7.01 -31.74
C THR F 342 48.94 -6.54 -30.54
N LYS F 343 49.47 -6.81 -29.33
CA LYS F 343 48.68 -6.69 -28.12
C LYS F 343 48.30 -5.26 -27.78
N ASP F 344 49.01 -4.28 -28.36
CA ASP F 344 48.63 -2.89 -28.12
C ASP F 344 47.32 -2.50 -28.82
N LYS F 345 46.93 -3.21 -29.88
CA LYS F 345 45.80 -2.75 -30.69
C LYS F 345 44.50 -2.71 -29.86
N MET F 346 44.24 -3.74 -29.07
CA MET F 346 43.06 -3.81 -28.23
C MET F 346 43.22 -3.13 -26.88
N GLN F 347 44.35 -2.45 -26.64
CA GLN F 347 44.57 -1.93 -25.30
C GLN F 347 43.56 -0.84 -24.95
N GLY F 348 43.23 0.03 -25.91
CA GLY F 348 42.21 1.05 -25.64
C GLY F 348 40.87 0.45 -25.26
N SER F 349 40.45 -0.58 -25.98
CA SER F 349 39.20 -1.27 -25.63
C SER F 349 39.29 -1.92 -24.25
N ARG F 350 40.42 -2.56 -23.95
CA ARG F 350 40.59 -3.17 -22.63
C ARG F 350 40.65 -2.13 -21.53
N ASP F 351 41.20 -0.95 -21.83
CA ASP F 351 41.22 0.13 -20.86
C ASP F 351 39.81 0.58 -20.49
N ILE F 352 38.93 0.70 -21.49
CA ILE F 352 37.55 1.07 -21.20
C ILE F 352 36.84 -0.05 -20.44
N LEU F 353 36.99 -1.29 -20.92
CA LEU F 353 36.41 -2.43 -20.20
C LEU F 353 36.86 -2.46 -18.75
N SER F 354 38.15 -2.22 -18.51
CA SER F 354 38.69 -2.24 -17.15
C SER F 354 38.03 -1.19 -16.25
N GLU F 355 37.96 0.06 -16.74
CA GLU F 355 37.54 1.17 -15.90
C GLU F 355 36.05 1.46 -15.95
N PHE F 356 35.34 0.94 -16.95
CA PHE F 356 33.93 1.28 -17.10
C PHE F 356 33.04 0.09 -17.37
N GLY F 357 33.58 -1.09 -17.69
CA GLY F 357 32.71 -2.19 -18.09
C GLY F 357 32.12 -1.97 -19.49
N ASN F 358 31.02 -2.68 -19.74
CA ASN F 358 30.27 -2.58 -21.01
C ASN F 358 29.16 -1.56 -20.83
N MET F 359 29.37 -0.35 -21.35
CA MET F 359 28.36 0.71 -21.31
C MET F 359 27.46 0.72 -22.56
N SER F 360 27.26 -0.44 -23.18
N SER F 360 27.26 -0.44 -23.18
CA SER F 360 26.35 -0.65 -24.32
CA SER F 360 26.34 -0.64 -24.32
C SER F 360 26.73 0.33 -25.43
C SER F 360 26.73 0.33 -25.43
N SER F 361 25.79 1.08 -26.00
CA SER F 361 26.09 1.91 -27.17
C SER F 361 27.15 2.99 -26.92
N ALA F 362 27.35 3.42 -25.67
CA ALA F 362 28.34 4.46 -25.40
C ALA F 362 29.79 3.97 -25.38
N SER F 363 30.01 2.67 -25.14
CA SER F 363 31.36 2.16 -24.89
C SER F 363 32.35 2.56 -26.00
N VAL F 364 31.97 2.36 -27.26
CA VAL F 364 32.95 2.52 -28.33
C VAL F 364 33.32 3.99 -28.49
N LEU F 365 32.42 4.91 -28.13
CA LEU F 365 32.78 6.33 -28.17
C LEU F 365 33.86 6.62 -27.14
N PHE F 366 33.76 6.00 -25.96
CA PHE F 366 34.84 6.05 -24.96
C PHE F 366 36.15 5.47 -25.51
N VAL F 367 36.06 4.37 -26.25
CA VAL F 367 37.27 3.68 -26.72
C VAL F 367 38.06 4.58 -27.67
N LEU F 368 37.40 5.18 -28.65
CA LEU F 368 38.13 6.06 -29.56
C LEU F 368 38.84 7.18 -28.80
N ASP F 369 38.17 7.77 -27.81
CA ASP F 369 38.77 8.82 -27.01
C ASP F 369 40.03 8.33 -26.30
N GLN F 370 39.97 7.11 -25.75
CA GLN F 370 41.12 6.56 -25.02
C GLN F 370 42.28 6.27 -25.95
N ILE F 371 42.01 5.85 -27.18
CA ILE F 371 43.07 5.68 -28.17
C ILE F 371 43.75 7.01 -28.46
N ARG F 372 42.96 8.09 -28.55
CA ARG F 372 43.54 9.42 -28.72
C ARG F 372 44.38 9.81 -27.50
N HIS F 373 43.87 9.55 -26.30
CA HIS F 373 44.62 9.90 -25.09
C HIS F 373 45.90 9.09 -24.99
N ARG F 374 45.85 7.79 -25.34
CA ARG F 374 47.06 6.98 -25.34
C ARG F 374 48.08 7.52 -26.34
N SER F 375 47.60 7.95 -27.51
CA SER F 375 48.47 8.53 -28.53
C SER F 375 49.20 9.76 -27.99
N VAL F 376 48.48 10.68 -27.36
CA VAL F 376 49.08 11.89 -26.85
C VAL F 376 50.06 11.57 -25.73
N LYS F 377 49.69 10.62 -24.87
CA LYS F 377 50.56 10.24 -23.76
C LYS F 377 51.86 9.62 -24.27
N MET F 378 51.79 8.78 -25.30
CA MET F 378 52.97 8.10 -25.81
C MET F 378 53.73 8.90 -26.85
N GLY F 379 53.24 10.09 -27.23
CA GLY F 379 53.87 10.88 -28.28
C GLY F 379 53.83 10.26 -29.66
N ALA F 380 52.68 9.67 -30.04
CA ALA F 380 52.56 9.00 -31.33
C ALA F 380 52.42 10.03 -32.47
N SER F 381 52.66 9.57 -33.69
CA SER F 381 52.60 10.48 -34.83
C SER F 381 51.17 10.81 -35.25
N THR F 382 50.19 10.00 -34.84
CA THR F 382 48.78 10.26 -35.11
C THR F 382 47.98 9.99 -33.84
N LEU F 383 46.72 10.45 -33.83
CA LEU F 383 45.78 10.17 -32.76
C LEU F 383 45.24 8.75 -32.81
N GLY F 384 45.76 7.93 -33.71
CA GLY F 384 45.49 6.50 -33.71
C GLY F 384 46.74 5.72 -33.34
N GLU F 385 47.47 6.22 -32.34
CA GLU F 385 48.70 5.56 -31.86
C GLU F 385 49.68 5.31 -33.00
N GLY F 386 49.75 6.25 -33.95
CA GLY F 386 50.67 6.17 -35.06
C GLY F 386 50.09 5.61 -36.34
N SER F 387 48.95 4.91 -36.27
CA SER F 387 48.30 4.41 -37.47
C SER F 387 47.52 5.51 -38.16
N GLU F 388 47.54 5.52 -39.49
CA GLU F 388 46.74 6.52 -40.21
C GLU F 388 45.26 6.16 -40.17
N PHE F 389 44.91 4.93 -40.52
CA PHE F 389 43.51 4.52 -40.59
C PHE F 389 43.20 3.50 -39.50
N GLY F 390 41.90 3.43 -39.15
CA GLY F 390 41.46 2.51 -38.13
C GLY F 390 39.98 2.24 -38.25
N PHE F 391 39.51 1.25 -37.49
CA PHE F 391 38.12 0.84 -37.46
C PHE F 391 37.45 1.34 -36.18
N PHE F 392 36.14 1.51 -36.27
CA PHE F 392 35.25 1.93 -35.17
C PHE F 392 34.11 0.93 -35.21
N ILE F 393 34.09 -0.03 -34.28
CA ILE F 393 33.31 -1.25 -34.46
C ILE F 393 32.30 -1.41 -33.32
N GLY F 394 31.03 -1.60 -33.69
CA GLY F 394 30.00 -2.01 -32.74
C GLY F 394 29.35 -3.30 -33.18
N PHE F 395 28.67 -3.99 -32.26
CA PHE F 395 27.89 -5.15 -32.64
C PHE F 395 26.80 -5.36 -31.62
N GLY F 396 25.76 -6.10 -32.01
CA GLY F 396 24.59 -6.27 -31.18
C GLY F 396 23.58 -7.19 -31.83
N PRO F 397 22.33 -7.17 -31.36
CA PRO F 397 21.31 -8.10 -31.87
C PRO F 397 21.21 -8.13 -33.39
N GLY F 398 20.95 -9.30 -33.94
CA GLY F 398 21.03 -9.47 -35.37
C GLY F 398 21.44 -10.85 -35.83
N LEU F 399 22.71 -11.23 -35.66
N LEU F 399 22.71 -11.22 -35.65
CA LEU F 399 23.74 -10.36 -35.09
CA LEU F 399 23.71 -10.35 -35.04
C LEU F 399 24.18 -9.31 -36.08
C LEU F 399 24.25 -9.32 -36.04
N THR F 400 24.17 -8.05 -35.66
CA THR F 400 24.55 -6.93 -36.52
C THR F 400 25.98 -6.52 -36.19
N LEU F 401 26.79 -6.36 -37.23
CA LEU F 401 28.15 -5.87 -37.10
C LEU F 401 28.22 -4.52 -37.82
N GLU F 402 28.46 -3.45 -37.05
CA GLU F 402 28.59 -2.10 -37.59
C GLU F 402 30.06 -1.67 -37.60
N VAL F 403 30.54 -1.22 -38.75
CA VAL F 403 31.93 -0.83 -38.94
C VAL F 403 31.99 0.57 -39.56
N LEU F 404 32.85 1.44 -39.02
CA LEU F 404 33.26 2.64 -39.73
C LEU F 404 34.79 2.66 -39.85
N VAL F 405 35.29 3.21 -40.95
CA VAL F 405 36.71 3.39 -41.16
C VAL F 405 37.04 4.88 -40.95
N LEU F 406 37.99 5.14 -40.05
CA LEU F 406 38.36 6.51 -39.70
C LEU F 406 39.82 6.76 -40.08
N ARG F 407 40.14 8.04 -40.23
CA ARG F 407 41.51 8.51 -40.40
C ARG F 407 41.89 9.38 -39.20
N ALA F 408 42.93 8.98 -38.48
CA ALA F 408 43.38 9.76 -37.33
C ALA F 408 44.18 10.97 -37.80
N ALA F 409 43.92 12.11 -37.16
CA ALA F 409 44.70 13.32 -37.41
C ALA F 409 46.15 13.13 -36.95
N PRO F 410 47.09 13.86 -37.54
CA PRO F 410 48.45 13.87 -37.01
C PRO F 410 48.46 14.42 -35.60
N ASN F 411 49.34 13.87 -34.77
CA ASN F 411 49.43 14.31 -33.39
C ASN F 411 50.29 15.56 -33.34
N SER F 412 49.65 16.70 -33.09
CA SER F 412 50.30 18.00 -33.15
C SER F 412 50.00 18.85 -31.89
N GLN G 20 -18.55 28.11 5.21
CA GLN G 20 -17.52 27.23 5.75
C GLN G 20 -16.72 26.54 4.64
N VAL G 21 -17.41 25.98 3.65
CA VAL G 21 -16.77 25.20 2.58
C VAL G 21 -17.47 25.52 1.27
N VAL G 22 -16.67 25.70 0.21
CA VAL G 22 -17.16 25.83 -1.16
C VAL G 22 -16.75 24.59 -1.93
N ASN G 23 -17.64 24.10 -2.78
CA ASN G 23 -17.35 22.93 -3.59
C ASN G 23 -16.87 23.40 -4.96
N VAL G 24 -15.67 22.95 -5.34
CA VAL G 24 -15.01 23.39 -6.56
C VAL G 24 -14.81 22.14 -7.40
N GLU G 25 -15.60 22.02 -8.47
CA GLU G 25 -15.50 20.87 -9.38
C GLU G 25 -15.59 19.54 -8.62
N GLY G 26 -16.40 19.51 -7.55
CA GLY G 26 -16.56 18.31 -6.76
C GLY G 26 -15.72 18.25 -5.50
N ILE G 27 -14.74 19.13 -5.33
CA ILE G 27 -13.79 19.07 -4.22
C ILE G 27 -14.13 20.17 -3.23
N ASP G 28 -14.13 19.83 -1.95
CA ASP G 28 -14.46 20.80 -0.91
C ASP G 28 -13.23 21.66 -0.61
N PHE G 29 -13.39 22.98 -0.72
CA PHE G 29 -12.35 23.94 -0.39
C PHE G 29 -12.81 24.76 0.80
N ALA G 30 -12.09 24.67 1.92
CA ALA G 30 -12.41 25.48 3.09
C ALA G 30 -12.36 26.97 2.75
N THR G 31 -13.31 27.74 3.28
CA THR G 31 -13.29 29.18 3.08
C THR G 31 -12.27 29.89 3.96
N LYS G 32 -11.76 29.22 5.00
CA LYS G 32 -10.72 29.74 5.87
C LYS G 32 -9.61 28.70 5.96
N PHE G 33 -8.36 29.15 5.86
CA PHE G 33 -7.24 28.23 5.62
C PHE G 33 -5.94 28.80 6.17
N ALA G 34 -5.25 28.01 7.00
CA ALA G 34 -3.91 28.34 7.45
C ALA G 34 -2.91 27.42 6.77
N PRO G 35 -2.05 27.92 5.89
CA PRO G 35 -1.10 27.07 5.17
C PRO G 35 -0.18 26.32 6.14
N PRO G 36 0.39 25.19 5.71
CA PRO G 36 1.24 24.41 6.62
C PRO G 36 2.31 25.28 7.27
N THR G 37 2.52 25.03 8.56
CA THR G 37 3.46 25.73 9.43
C THR G 37 3.18 27.23 9.53
N SER G 38 1.94 27.66 9.28
CA SER G 38 1.61 29.07 9.35
C SER G 38 0.49 29.31 10.36
N SER G 39 0.50 30.51 10.95
CA SER G 39 -0.49 30.94 11.91
C SER G 39 -1.31 32.12 11.39
N THR G 40 -1.21 32.42 10.10
CA THR G 40 -2.03 33.45 9.48
C THR G 40 -3.18 32.78 8.74
N GLU G 41 -4.40 33.22 9.03
CA GLU G 41 -5.59 32.62 8.45
C GLU G 41 -5.96 33.36 7.16
N LEU G 42 -6.04 32.63 6.06
CA LEU G 42 -6.37 33.20 4.76
C LEU G 42 -7.80 32.88 4.40
N ASP G 43 -8.44 33.81 3.70
CA ASP G 43 -9.77 33.66 3.16
C ASP G 43 -9.72 33.21 1.71
N LEU G 44 -10.61 32.28 1.37
CA LEU G 44 -10.85 31.94 -0.03
C LEU G 44 -11.42 33.17 -0.74
N ILE G 45 -10.68 33.67 -1.72
CA ILE G 45 -11.09 34.86 -2.47
C ILE G 45 -11.71 34.43 -3.79
N GLY G 46 -11.24 33.31 -4.33
CA GLY G 46 -11.66 32.90 -5.66
C GLY G 46 -11.32 31.45 -5.90
N HIS G 47 -12.12 30.80 -6.74
CA HIS G 47 -11.96 29.38 -7.03
C HIS G 47 -12.23 29.15 -8.51
N GLY G 48 -11.71 28.04 -9.01
CA GLY G 48 -11.81 27.77 -10.43
C GLY G 48 -11.13 26.47 -10.78
N ASN G 49 -10.72 26.35 -12.04
CA ASN G 49 -10.13 25.11 -12.51
C ASN G 49 -9.08 25.43 -13.56
N THR G 50 -8.26 24.44 -13.89
CA THR G 50 -7.55 24.39 -15.16
C THR G 50 -8.14 23.25 -15.97
N GLY G 51 -8.23 23.45 -17.28
CA GLY G 51 -8.86 22.45 -18.11
C GLY G 51 -8.80 22.91 -19.55
N MET G 52 -9.39 22.09 -20.42
CA MET G 52 -9.52 22.46 -21.82
C MET G 52 -10.59 21.59 -22.45
N GLU G 53 -10.86 21.85 -23.72
CA GLU G 53 -11.81 21.06 -24.49
C GLU G 53 -11.09 20.58 -25.74
N ILE G 54 -11.14 19.27 -26.00
CA ILE G 54 -10.55 18.68 -27.19
C ILE G 54 -11.64 17.87 -27.90
N GLU G 55 -11.88 18.19 -29.17
CA GLU G 55 -12.85 17.48 -30.01
C GLU G 55 -14.15 17.19 -29.25
N THR G 56 -14.70 18.23 -28.63
CA THR G 56 -15.98 18.37 -27.93
C THR G 56 -15.96 17.90 -26.46
N VAL G 57 -14.93 17.22 -25.98
CA VAL G 57 -14.98 16.68 -24.62
C VAL G 57 -14.24 17.64 -23.68
N GLU G 58 -14.91 18.00 -22.58
CA GLU G 58 -14.30 18.86 -21.58
C GLU G 58 -13.37 18.04 -20.70
N ILE G 59 -12.13 18.50 -20.58
CA ILE G 59 -11.11 17.87 -19.76
C ILE G 59 -10.79 18.82 -18.61
N ARG G 60 -10.88 18.33 -17.38
CA ARG G 60 -10.49 19.12 -16.22
C ARG G 60 -9.18 18.58 -15.66
N PHE G 61 -8.19 19.46 -15.53
CA PHE G 61 -6.89 19.06 -14.99
C PHE G 61 -6.85 19.18 -13.47
N THR G 62 -7.34 20.29 -12.92
CA THR G 62 -7.22 20.58 -11.50
C THR G 62 -8.42 21.42 -11.07
N ALA G 63 -8.67 21.41 -9.76
CA ALA G 63 -9.50 22.41 -9.10
C ALA G 63 -8.58 23.31 -8.30
N MET G 64 -8.90 24.60 -8.24
CA MET G 64 -7.99 25.57 -7.64
C MET G 64 -8.75 26.57 -6.77
N GLY G 65 -8.12 26.91 -5.65
CA GLY G 65 -8.56 28.03 -4.84
C GLY G 65 -7.41 28.99 -4.57
N PHE G 66 -7.71 30.28 -4.66
CA PHE G 66 -6.79 31.35 -4.30
C PHE G 66 -7.18 31.91 -2.93
N TYR G 67 -6.20 32.02 -2.02
CA TYR G 67 -6.40 32.43 -0.64
C TYR G 67 -5.53 33.64 -0.35
N ALA G 68 -6.04 34.55 0.48
CA ALA G 68 -5.29 35.74 0.87
C ALA G 68 -5.85 36.29 2.18
N GLU G 69 -5.06 37.16 2.82
CA GLU G 69 -5.50 37.79 4.06
C GLU G 69 -6.73 38.65 3.80
N PRO G 70 -7.69 38.67 4.73
CA PRO G 70 -8.92 39.45 4.51
C PRO G 70 -8.67 40.90 4.14
N SER G 71 -7.57 41.49 4.61
CA SER G 71 -7.25 42.87 4.30
C SER G 71 -7.00 43.12 2.82
N ILE G 72 -6.99 42.07 1.99
CA ILE G 72 -6.63 42.22 0.58
C ILE G 72 -7.56 43.22 -0.11
N SER G 73 -8.87 43.15 0.21
CA SER G 73 -9.83 44.02 -0.47
C SER G 73 -9.54 45.49 -0.18
N GLU G 74 -8.91 45.77 0.96
CA GLU G 74 -8.63 47.16 1.32
C GLU G 74 -7.56 47.77 0.43
N HIS G 75 -6.63 46.97 -0.10
CA HIS G 75 -5.61 47.46 -1.01
C HIS G 75 -6.09 47.63 -2.45
N LEU G 76 -7.27 47.12 -2.79
CA LEU G 76 -7.80 47.17 -4.14
C LEU G 76 -9.14 47.90 -4.17
N GLN G 77 -9.27 48.93 -3.33
CA GLN G 77 -10.55 49.61 -3.19
C GLN G 77 -10.98 50.31 -4.47
N LYS G 78 -10.04 50.77 -5.29
CA LYS G 78 -10.39 51.43 -6.53
C LYS G 78 -11.13 50.50 -7.50
N TRP G 79 -11.07 49.19 -7.28
CA TRP G 79 -11.80 48.24 -8.12
C TRP G 79 -13.16 47.88 -7.51
N LYS G 80 -13.47 48.37 -6.31
CA LYS G 80 -14.73 48.03 -5.66
C LYS G 80 -15.90 48.56 -6.47
N GLY G 81 -16.97 47.77 -6.51
CA GLY G 81 -18.14 48.13 -7.31
C GLY G 81 -17.86 48.34 -8.78
N LYS G 82 -16.98 47.53 -9.37
CA LYS G 82 -16.64 47.66 -10.78
C LYS G 82 -17.02 46.38 -11.53
N ALA G 83 -17.21 46.52 -12.83
CA ALA G 83 -17.58 45.36 -13.66
C ALA G 83 -16.40 44.41 -13.78
N VAL G 84 -16.65 43.13 -13.56
CA VAL G 84 -15.58 42.15 -13.63
C VAL G 84 -14.91 42.17 -15.00
N SER G 85 -15.67 42.47 -16.06
CA SER G 85 -15.08 42.58 -17.39
C SER G 85 -14.02 43.67 -17.44
N GLU G 86 -14.24 44.76 -16.70
CA GLU G 86 -13.22 45.80 -16.63
C GLU G 86 -11.97 45.29 -15.95
N LEU G 87 -12.13 44.59 -14.83
CA LEU G 87 -10.97 44.09 -14.09
C LEU G 87 -10.13 43.15 -14.93
N VAL G 88 -10.76 42.11 -15.49
CA VAL G 88 -9.98 41.05 -16.13
C VAL G 88 -9.48 41.44 -17.53
N GLU G 89 -10.01 42.51 -18.11
CA GLU G 89 -9.61 42.92 -19.46
C GLU G 89 -8.11 43.16 -19.55
N ASP G 90 -7.53 42.87 -20.71
CA ASP G 90 -6.12 43.14 -20.93
C ASP G 90 -5.83 44.64 -20.76
N ASP G 91 -4.69 44.93 -20.13
CA ASP G 91 -4.17 46.27 -19.88
C ASP G 91 -4.96 47.02 -18.81
N SER G 92 -5.75 46.31 -17.99
CA SER G 92 -6.47 46.98 -16.93
C SER G 92 -5.56 47.41 -15.79
N GLY G 93 -4.50 46.65 -15.53
CA GLY G 93 -3.66 46.86 -14.38
C GLY G 93 -4.10 46.12 -13.15
N PHE G 94 -5.32 45.59 -13.14
CA PHE G 94 -5.80 44.85 -11.99
C PHE G 94 -4.91 43.63 -11.69
N HIS G 95 -4.42 42.96 -12.74
CA HIS G 95 -3.70 41.69 -12.54
C HIS G 95 -2.43 41.91 -11.73
N LYS G 96 -1.55 42.79 -12.20
CA LYS G 96 -0.30 43.04 -11.49
C LYS G 96 -0.53 43.68 -10.13
N GLU G 97 -1.54 44.56 -10.02
CA GLU G 97 -1.89 45.09 -8.71
C GLU G 97 -2.24 43.96 -7.74
N LEU G 98 -3.05 43.01 -8.21
CA LEU G 98 -3.39 41.86 -7.38
C LEU G 98 -2.16 41.06 -7.01
N ILE G 99 -1.23 40.89 -7.94
CA ILE G 99 -0.01 40.13 -7.68
C ILE G 99 0.87 40.86 -6.68
N GLN G 100 0.92 42.19 -6.75
CA GLN G 100 1.82 42.99 -5.92
C GLN G 100 1.26 43.33 -4.55
N VAL G 101 -0.01 43.01 -4.28
CA VAL G 101 -0.60 43.39 -2.98
C VAL G 101 0.22 42.79 -1.84
N PRO G 102 0.61 43.58 -0.82
CA PRO G 102 1.49 43.07 0.25
C PRO G 102 0.74 42.35 1.37
N VAL G 103 0.13 41.21 1.04
CA VAL G 103 -0.44 40.29 2.04
C VAL G 103 0.01 38.88 1.71
N GLU G 104 -0.06 38.01 2.72
CA GLU G 104 0.20 36.59 2.48
C GLU G 104 -0.84 36.02 1.51
N LYS G 105 -0.40 35.09 0.67
CA LYS G 105 -1.27 34.51 -0.34
C LYS G 105 -0.98 33.03 -0.46
N ALA G 106 -1.98 32.27 -0.85
CA ALA G 106 -1.75 30.86 -1.10
C ALA G 106 -2.65 30.41 -2.24
N VAL G 107 -2.23 29.33 -2.87
CA VAL G 107 -2.99 28.66 -3.90
C VAL G 107 -3.01 27.19 -3.53
N ARG G 108 -4.19 26.60 -3.48
CA ARG G 108 -4.31 25.15 -3.35
C ARG G 108 -4.74 24.56 -4.68
N ILE G 109 -4.07 23.49 -5.08
CA ILE G 109 -4.38 22.77 -6.31
C ILE G 109 -4.77 21.35 -5.94
N SER G 110 -5.97 20.95 -6.32
CA SER G 110 -6.40 19.56 -6.15
C SER G 110 -6.41 18.90 -7.51
N ILE G 111 -5.59 17.86 -7.67
CA ILE G 111 -5.42 17.22 -8.97
C ILE G 111 -6.69 16.47 -9.35
N ILE G 112 -7.16 16.68 -10.57
CA ILE G 112 -8.30 15.94 -11.12
C ILE G 112 -7.82 14.87 -12.10
N LYS G 113 -7.02 15.27 -13.08
CA LYS G 113 -6.43 14.33 -14.03
C LYS G 113 -5.08 13.90 -13.49
N GLY G 114 -4.99 12.66 -13.05
CA GLY G 114 -3.75 12.15 -12.48
C GLY G 114 -2.61 12.20 -13.47
N ILE G 115 -1.45 12.72 -13.03
CA ILE G 115 -0.26 12.83 -13.88
C ILE G 115 0.96 12.53 -13.03
N LYS G 116 2.10 12.37 -13.70
N LYS G 116 2.09 12.35 -13.71
CA LYS G 116 3.36 12.13 -13.02
CA LYS G 116 3.35 12.14 -13.00
C LYS G 116 3.98 13.47 -12.59
C LYS G 116 3.97 13.46 -12.58
N GLY G 117 4.84 13.39 -11.58
CA GLY G 117 5.45 14.61 -11.04
C GLY G 117 6.41 15.27 -12.01
N LEU G 118 7.18 14.48 -12.76
CA LEU G 118 8.11 15.06 -13.71
C LEU G 118 7.43 15.88 -14.80
N PRO G 119 6.39 15.38 -15.50
CA PRO G 119 5.69 16.26 -16.45
C PRO G 119 5.12 17.51 -15.80
N TYR G 120 4.56 17.38 -14.59
CA TYR G 120 4.01 18.55 -13.93
C TYR G 120 5.08 19.60 -13.65
N GLY G 121 6.20 19.19 -13.04
CA GLY G 121 7.26 20.14 -12.76
C GLY G 121 7.87 20.74 -14.02
N SER G 122 8.05 19.90 -15.05
N SER G 122 8.03 19.91 -15.06
CA SER G 122 8.67 20.38 -16.29
CA SER G 122 8.66 20.37 -16.29
C SER G 122 7.77 21.38 -17.01
C SER G 122 7.77 21.35 -17.05
N ALA G 123 6.46 21.13 -17.02
CA ALA G 123 5.54 22.10 -17.62
C ALA G 123 5.52 23.40 -16.83
N LEU G 124 5.63 23.30 -15.50
CA LEU G 124 5.80 24.48 -14.67
C LEU G 124 7.05 25.25 -15.08
N GLN G 125 8.16 24.55 -15.20
CA GLN G 125 9.42 25.17 -15.61
C GLN G 125 9.25 25.97 -16.89
N SER G 126 8.65 25.36 -17.92
CA SER G 126 8.61 26.03 -19.22
C SER G 126 7.65 27.22 -19.19
N SER G 127 6.54 27.08 -18.47
CA SER G 127 5.62 28.21 -18.31
C SER G 127 6.31 29.39 -17.64
N LEU G 128 7.07 29.11 -16.57
CA LEU G 128 7.74 30.19 -15.84
C LEU G 128 8.90 30.74 -16.65
N ARG G 129 9.64 29.87 -17.33
CA ARG G 129 10.71 30.33 -18.20
C ARG G 129 10.18 31.31 -19.25
N ASP G 130 9.06 30.99 -19.89
CA ASP G 130 8.47 31.88 -20.90
C ASP G 130 8.18 33.25 -20.32
N ARG G 131 7.56 33.29 -19.14
CA ARG G 131 7.24 34.58 -18.54
C ARG G 131 8.50 35.36 -18.16
N LEU G 132 9.51 34.67 -17.61
CA LEU G 132 10.73 35.36 -17.20
C LEU G 132 11.49 35.89 -18.40
N VAL G 133 11.59 35.08 -19.45
CA VAL G 133 12.22 35.53 -20.69
C VAL G 133 11.52 36.76 -21.25
N ASN G 134 10.19 36.78 -21.17
CA ASN G 134 9.43 37.91 -21.68
C ASN G 134 9.71 39.18 -20.89
N ASP G 135 10.07 39.06 -19.62
CA ASP G 135 10.33 40.22 -18.77
C ASP G 135 11.81 40.55 -18.66
N ASP G 136 12.65 39.94 -19.49
CA ASP G 136 14.10 40.14 -19.43
C ASP G 136 14.63 39.80 -18.05
N LYS G 137 14.07 38.75 -17.44
CA LYS G 137 14.45 38.35 -16.09
C LYS G 137 14.94 36.91 -16.03
N PHE G 138 15.34 36.31 -17.14
CA PHE G 138 15.75 34.90 -17.12
C PHE G 138 17.28 34.82 -17.30
N GLU G 139 18.00 34.70 -16.19
CA GLU G 139 19.45 34.51 -16.17
C GLU G 139 19.80 33.17 -15.54
N GLU G 140 21.11 32.92 -15.37
CA GLU G 140 21.56 31.64 -14.83
C GLU G 140 20.94 31.36 -13.48
N GLU G 141 20.76 32.40 -12.66
CA GLU G 141 20.17 32.21 -11.34
C GLU G 141 18.74 31.67 -11.44
N GLU G 142 17.88 32.32 -12.23
CA GLU G 142 16.52 31.84 -12.40
C GLU G 142 16.48 30.47 -13.06
N GLU G 143 17.36 30.25 -14.03
CA GLU G 143 17.45 28.94 -14.66
C GLU G 143 17.71 27.85 -13.63
N GLU G 144 18.67 28.09 -12.73
CA GLU G 144 19.00 27.08 -11.74
C GLU G 144 17.85 26.87 -10.77
N ALA G 145 17.16 27.94 -10.38
CA ALA G 145 16.01 27.81 -9.49
C ALA G 145 14.92 26.94 -10.12
N LEU G 146 14.66 27.10 -11.42
CA LEU G 146 13.60 26.28 -12.03
C LEU G 146 14.04 24.82 -12.13
N GLU G 147 15.31 24.58 -12.44
CA GLU G 147 15.84 23.23 -12.47
C GLU G 147 15.70 22.53 -11.11
N LYS G 148 15.91 23.26 -10.01
CA LYS G 148 15.74 22.64 -8.69
C LYS G 148 14.28 22.41 -8.37
N LEU G 149 13.41 23.30 -8.86
CA LEU G 149 11.96 23.08 -8.71
C LEU G 149 11.53 21.79 -9.42
N VAL G 150 12.00 21.57 -10.65
CA VAL G 150 11.65 20.33 -11.34
C VAL G 150 12.18 19.13 -10.57
N GLU G 151 13.41 19.24 -10.04
CA GLU G 151 13.98 18.11 -9.31
C GLU G 151 13.20 17.82 -8.03
N PHE G 152 12.55 18.82 -7.45
CA PHE G 152 11.66 18.55 -6.31
C PHE G 152 10.45 17.73 -6.75
N PHE G 153 9.81 18.10 -7.87
CA PHE G 153 8.58 17.42 -8.26
C PHE G 153 8.82 16.05 -8.88
N GLN G 154 9.96 15.83 -9.50
CA GLN G 154 10.11 14.68 -10.39
C GLN G 154 10.07 13.31 -9.70
N PRO G 155 10.42 13.15 -8.41
CA PRO G 155 10.20 11.84 -7.77
C PRO G 155 8.75 11.60 -7.38
N HIS G 156 7.92 12.62 -7.42
CA HIS G 156 6.56 12.48 -6.92
C HIS G 156 5.61 11.98 -8.01
N ASN G 157 4.53 11.36 -7.56
CA ASN G 157 3.36 11.12 -8.40
C ASN G 157 2.26 12.08 -7.97
N LEU G 158 1.44 12.51 -8.94
CA LEU G 158 0.31 13.39 -8.67
C LEU G 158 -0.99 12.71 -9.10
N PRO G 159 -1.39 11.64 -8.41
CA PRO G 159 -2.65 10.98 -8.75
C PRO G 159 -3.81 11.91 -8.50
N LYS G 160 -4.94 11.57 -9.12
CA LYS G 160 -6.20 12.22 -8.80
C LYS G 160 -6.36 12.31 -7.29
N GLY G 161 -6.70 13.51 -6.81
CA GLY G 161 -6.88 13.77 -5.41
C GLY G 161 -5.70 14.45 -4.75
N ALA G 162 -4.48 14.27 -5.27
CA ALA G 162 -3.29 14.90 -4.68
C ALA G 162 -3.47 16.40 -4.51
N ASN G 163 -2.95 16.94 -3.41
CA ASN G 163 -3.04 18.38 -3.12
C ASN G 163 -1.66 19.02 -3.15
N ILE G 164 -1.58 20.18 -3.79
CA ILE G 164 -0.40 21.04 -3.76
C ILE G 164 -0.81 22.39 -3.21
N ILE G 165 -0.03 22.91 -2.25
CA ILE G 165 -0.25 24.25 -1.73
C ILE G 165 1.00 25.08 -1.99
N TYR G 166 0.82 26.21 -2.65
CA TYR G 166 1.85 27.23 -2.82
C TYR G 166 1.51 28.36 -1.87
N HIS G 167 2.48 28.80 -1.08
CA HIS G 167 2.26 29.79 -0.03
C HIS G 167 3.31 30.88 -0.13
N TRP G 168 2.88 32.09 -0.47
CA TRP G 168 3.74 33.27 -0.51
C TRP G 168 3.67 33.98 0.84
N ALA G 169 4.42 33.45 1.82
CA ALA G 169 4.51 34.08 3.13
C ALA G 169 5.16 35.46 3.03
N THR G 170 6.18 35.59 2.20
CA THR G 170 6.70 36.84 1.69
C THR G 170 6.47 36.86 0.18
N PRO G 171 6.49 38.02 -0.47
CA PRO G 171 6.34 38.03 -1.94
C PRO G 171 7.51 37.38 -2.68
N ASP G 172 8.64 37.16 -2.01
CA ASP G 172 9.83 36.68 -2.69
C ASP G 172 10.18 35.23 -2.35
N THR G 173 9.29 34.52 -1.67
CA THR G 173 9.48 33.07 -1.44
C THR G 173 8.16 32.35 -1.66
N VAL G 174 8.25 31.05 -1.99
CA VAL G 174 7.09 30.20 -2.12
C VAL G 174 7.35 28.92 -1.33
N LYS G 175 6.55 28.69 -0.29
CA LYS G 175 6.56 27.41 0.40
C LYS G 175 5.63 26.45 -0.31
N ILE G 176 6.15 25.28 -0.67
CA ILE G 176 5.40 24.26 -1.41
C ILE G 176 5.15 23.09 -0.48
N SER G 177 3.88 22.71 -0.34
CA SER G 177 3.48 21.56 0.46
C SER G 177 2.69 20.60 -0.42
N LEU G 178 2.93 19.30 -0.26
CA LEU G 178 2.38 18.31 -1.19
C LEU G 178 1.93 17.07 -0.43
N SER G 179 0.70 16.63 -0.72
CA SER G 179 0.16 15.35 -0.24
C SER G 179 -0.35 14.58 -1.45
N GLU G 180 0.31 13.47 -1.77
CA GLU G 180 -0.11 12.66 -2.91
C GLU G 180 -1.43 11.94 -2.65
N GLU G 181 -1.75 11.66 -1.39
CA GLU G 181 -2.93 10.90 -1.03
C GLU G 181 -4.16 11.78 -0.79
N GLY G 182 -4.04 13.09 -0.99
CA GLY G 182 -5.19 13.96 -0.94
C GLY G 182 -5.51 14.56 0.40
N LYS G 183 -4.68 14.34 1.41
CA LYS G 183 -4.76 15.11 2.64
C LYS G 183 -4.32 16.54 2.37
N ILE G 184 -4.59 17.41 3.34
CA ILE G 184 -3.95 18.71 3.42
C ILE G 184 -2.66 18.54 4.22
N PRO G 185 -1.49 18.75 3.62
CA PRO G 185 -0.23 18.49 4.32
C PRO G 185 -0.05 19.44 5.49
N ASP G 186 0.71 18.98 6.48
CA ASP G 186 1.02 19.79 7.65
C ASP G 186 2.47 20.25 7.68
N GLU G 187 3.28 19.88 6.68
CA GLU G 187 4.67 20.30 6.62
C GLU G 187 4.97 20.85 5.24
N VAL G 188 5.94 21.76 5.19
CA VAL G 188 6.46 22.31 3.94
C VAL G 188 7.53 21.36 3.41
N SER G 189 7.45 21.04 2.12
CA SER G 189 8.40 20.12 1.48
C SER G 189 9.54 20.82 0.75
N TYR G 190 9.32 22.02 0.23
CA TYR G 190 10.30 22.69 -0.62
C TYR G 190 9.98 24.17 -0.61
N THR G 191 11.02 24.99 -0.76
CA THR G 191 10.86 26.44 -0.74
C THR G 191 11.55 27.01 -1.97
N ILE G 192 10.79 27.71 -2.79
CA ILE G 192 11.36 28.56 -3.84
C ILE G 192 11.94 29.80 -3.19
N GLU G 193 13.24 30.04 -3.40
CA GLU G 193 13.92 31.17 -2.78
C GLU G 193 14.37 32.22 -3.79
N ASP G 194 13.89 32.14 -5.02
CA ASP G 194 14.17 33.13 -6.06
C ASP G 194 12.97 34.06 -6.20
N ALA G 195 13.20 35.36 -5.94
CA ALA G 195 12.11 36.33 -6.00
C ALA G 195 11.47 36.40 -7.38
N ASN G 196 12.28 36.33 -8.45
CA ASN G 196 11.72 36.45 -9.80
C ASN G 196 10.86 35.24 -10.14
N VAL G 197 11.26 34.04 -9.69
CA VAL G 197 10.45 32.85 -9.88
C VAL G 197 9.16 32.95 -9.08
N ALA G 198 9.27 33.37 -7.81
CA ALA G 198 8.09 33.47 -6.96
C ALA G 198 7.05 34.39 -7.57
N GLU G 199 7.48 35.53 -8.12
CA GLU G 199 6.54 36.43 -8.77
C GLU G 199 5.97 35.81 -10.05
N ALA G 200 6.82 35.12 -10.83
CA ALA G 200 6.35 34.52 -12.07
C ALA G 200 5.30 33.44 -11.82
N LEU G 201 5.43 32.71 -10.70
CA LEU G 201 4.44 31.68 -10.39
C LEU G 201 3.10 32.30 -10.06
N LEU G 202 3.11 33.44 -9.35
CA LEU G 202 1.86 34.15 -9.11
C LEU G 202 1.24 34.62 -10.43
N ASP G 203 2.06 35.18 -11.32
CA ASP G 203 1.59 35.57 -12.64
C ASP G 203 0.95 34.40 -13.39
N LEU G 204 1.47 33.18 -13.21
CA LEU G 204 0.91 32.00 -13.89
C LEU G 204 -0.57 31.84 -13.61
N TYR G 205 -0.98 32.09 -12.36
CA TYR G 205 -2.38 31.97 -11.99
C TYR G 205 -3.15 33.28 -12.04
N LEU G 206 -2.51 34.44 -11.86
CA LEU G 206 -3.26 35.69 -11.76
C LEU G 206 -2.97 36.71 -12.85
N GLY G 207 -2.00 36.45 -13.73
CA GLY G 207 -1.64 37.39 -14.77
C GLY G 207 -2.64 37.40 -15.93
N GLU G 208 -2.39 38.32 -16.87
CA GLU G 208 -3.26 38.45 -18.04
C GLU G 208 -3.28 37.16 -18.85
N ASN G 209 -2.23 36.35 -18.78
CA ASN G 209 -2.15 35.08 -19.51
C ASN G 209 -2.27 33.90 -18.57
N THR G 210 -3.02 34.09 -17.47
CA THR G 210 -3.31 33.04 -16.51
C THR G 210 -3.76 31.75 -17.19
N ILE G 211 -3.26 30.62 -16.66
CA ILE G 211 -3.73 29.31 -17.11
C ILE G 211 -5.07 28.95 -16.52
N THR G 212 -5.56 29.72 -15.54
CA THR G 212 -6.88 29.49 -14.96
C THR G 212 -7.68 30.79 -15.03
N PRO G 213 -8.21 31.11 -16.22
CA PRO G 213 -9.11 32.28 -16.32
C PRO G 213 -10.29 32.20 -15.37
N SER G 214 -10.77 31.00 -15.06
CA SER G 214 -11.90 30.86 -14.15
C SER G 214 -11.56 31.32 -12.73
N THR G 215 -10.42 30.88 -12.18
CA THR G 215 -10.06 31.34 -10.84
C THR G 215 -9.88 32.85 -10.80
N LEU G 216 -9.22 33.42 -11.81
CA LEU G 216 -9.01 34.86 -11.83
C LEU G 216 -10.33 35.61 -11.86
N SER G 217 -11.28 35.13 -12.68
CA SER G 217 -12.58 35.77 -12.77
C SER G 217 -13.31 35.69 -11.44
N SER G 218 -13.19 34.57 -10.74
CA SER G 218 -13.78 34.42 -9.41
C SER G 218 -13.16 35.37 -8.41
N VAL G 219 -11.84 35.58 -8.49
CA VAL G 219 -11.19 36.53 -7.58
C VAL G 219 -11.64 37.94 -7.88
N ALA G 220 -11.64 38.32 -9.16
CA ALA G 220 -12.07 39.66 -9.54
C ALA G 220 -13.51 39.91 -9.07
N GLU G 221 -14.38 38.91 -9.19
CA GLU G 221 -15.76 39.06 -8.71
C GLU G 221 -15.80 39.38 -7.22
N ALA G 222 -15.00 38.67 -6.41
CA ALA G 222 -15.00 38.93 -4.98
C ALA G 222 -14.46 40.30 -4.65
N ILE G 223 -13.43 40.74 -5.40
CA ILE G 223 -12.87 42.07 -5.16
C ILE G 223 -13.86 43.15 -5.54
N ALA G 224 -14.53 42.99 -6.68
CA ALA G 224 -15.44 44.00 -7.20
C ALA G 224 -16.79 44.00 -6.48
N ALA G 225 -17.08 43.00 -5.66
CA ALA G 225 -18.39 42.88 -5.04
C ALA G 225 -18.61 43.94 -3.96
N GLN H 20 11.11 -48.01 -17.44
CA GLN H 20 11.96 -47.23 -16.57
C GLN H 20 12.25 -45.84 -17.15
N VAL H 21 13.18 -45.11 -16.55
CA VAL H 21 13.48 -43.74 -16.95
C VAL H 21 14.99 -43.52 -16.96
N VAL H 22 15.40 -42.49 -17.70
CA VAL H 22 16.76 -41.99 -17.70
C VAL H 22 16.71 -40.54 -17.27
N ASN H 23 17.71 -40.10 -16.53
CA ASN H 23 17.80 -38.71 -16.13
C ASN H 23 18.68 -37.95 -17.12
N VAL H 24 18.08 -36.97 -17.78
CA VAL H 24 18.75 -36.13 -18.76
C VAL H 24 18.69 -34.71 -18.23
N GLU H 25 19.83 -34.20 -17.75
CA GLU H 25 19.93 -32.83 -17.22
C GLU H 25 18.89 -32.60 -16.13
N GLY H 26 18.61 -33.65 -15.33
CA GLY H 26 17.67 -33.54 -14.25
C GLY H 26 16.24 -33.89 -14.60
N ILE H 27 15.96 -34.19 -15.87
CA ILE H 27 14.61 -34.47 -16.33
C ILE H 27 14.51 -35.97 -16.59
N ASP H 28 13.40 -36.57 -16.16
CA ASP H 28 13.15 -37.99 -16.43
C ASP H 28 12.67 -38.14 -17.87
N PHE H 29 13.38 -38.96 -18.64
CA PHE H 29 13.00 -39.34 -19.99
C PHE H 29 12.65 -40.83 -20.01
N ALA H 30 11.44 -41.15 -20.50
CA ALA H 30 11.02 -42.54 -20.58
C ALA H 30 11.90 -43.34 -21.55
N THR H 31 12.24 -44.57 -21.17
CA THR H 31 13.05 -45.40 -22.03
C THR H 31 12.28 -45.95 -23.24
N LYS H 32 10.96 -46.07 -23.13
CA LYS H 32 10.13 -46.43 -24.27
C LYS H 32 8.90 -45.53 -24.27
N PHE H 33 8.42 -45.23 -25.47
CA PHE H 33 7.49 -44.11 -25.62
C PHE H 33 6.79 -44.22 -26.97
N ALA H 34 5.47 -44.17 -26.94
CA ALA H 34 4.67 -44.07 -28.15
C ALA H 34 4.22 -42.63 -28.33
N PRO H 35 4.65 -41.96 -29.40
CA PRO H 35 4.30 -40.54 -29.60
C PRO H 35 2.79 -40.35 -29.63
N PRO H 36 2.32 -39.11 -29.48
CA PRO H 36 0.87 -38.87 -29.44
C PRO H 36 0.18 -39.39 -30.69
N THR H 37 -1.02 -39.95 -30.49
CA THR H 37 -1.86 -40.60 -31.50
C THR H 37 -1.18 -41.79 -32.17
N SER H 38 0.02 -42.15 -31.75
CA SER H 38 0.72 -43.28 -32.36
C SER H 38 0.63 -44.51 -31.47
N SER H 39 0.59 -45.68 -32.11
CA SER H 39 0.62 -46.96 -31.42
C SER H 39 1.98 -47.64 -31.49
N THR H 40 2.85 -47.18 -32.37
CA THR H 40 4.21 -47.73 -32.46
C THR H 40 5.04 -47.26 -31.26
N GLU H 41 5.66 -48.22 -30.57
CA GLU H 41 6.49 -47.90 -29.41
C GLU H 41 7.94 -47.71 -29.85
N LEU H 42 8.59 -46.68 -29.28
CA LEU H 42 9.93 -46.29 -29.67
C LEU H 42 10.88 -46.43 -28.48
N ASP H 43 12.12 -46.80 -28.77
CA ASP H 43 13.17 -46.89 -27.77
C ASP H 43 13.92 -45.57 -27.69
N LEU H 44 14.23 -45.14 -26.47
CA LEU H 44 15.17 -44.05 -26.26
C LEU H 44 16.55 -44.52 -26.71
N ILE H 45 16.99 -44.02 -27.86
CA ILE H 45 18.28 -44.43 -28.41
C ILE H 45 19.43 -43.59 -27.85
N GLY H 46 19.22 -42.28 -27.67
CA GLY H 46 20.24 -41.41 -27.14
C GLY H 46 19.63 -40.17 -26.51
N HIS H 47 20.43 -39.49 -25.70
CA HIS H 47 19.95 -38.31 -24.98
C HIS H 47 21.08 -37.29 -24.87
N GLY H 48 20.71 -36.05 -24.53
CA GLY H 48 21.68 -34.98 -24.50
C GLY H 48 21.05 -33.64 -24.19
N ASN H 49 21.68 -32.58 -24.68
CA ASN H 49 21.21 -31.24 -24.41
C ASN H 49 21.58 -30.32 -25.56
N THR H 50 20.97 -29.13 -25.58
CA THR H 50 21.54 -28.00 -26.28
C THR H 50 21.99 -26.99 -25.25
N GLY H 51 23.09 -26.31 -25.54
CA GLY H 51 23.66 -25.37 -24.57
C GLY H 51 24.94 -24.77 -25.10
N MET H 52 25.62 -24.03 -24.22
CA MET H 52 26.86 -23.37 -24.57
C MET H 52 27.48 -22.82 -23.29
N GLU H 53 28.71 -22.34 -23.40
CA GLU H 53 29.38 -21.64 -22.31
C GLU H 53 29.63 -20.20 -22.71
N ILE H 54 29.36 -19.27 -21.80
CA ILE H 54 29.49 -17.85 -22.08
C ILE H 54 30.19 -17.21 -20.89
N GLU H 55 31.40 -16.68 -21.12
CA GLU H 55 32.20 -16.03 -20.08
C GLU H 55 32.24 -16.86 -18.81
N THR H 56 32.61 -18.14 -18.97
CA THR H 56 32.86 -19.18 -17.97
C THR H 56 31.62 -19.93 -17.47
N VAL H 57 30.41 -19.42 -17.69
CA VAL H 57 29.22 -20.07 -17.14
C VAL H 57 28.58 -20.98 -18.17
N GLU H 58 28.17 -22.17 -17.74
CA GLU H 58 27.53 -23.15 -18.60
C GLU H 58 26.02 -22.91 -18.60
N ILE H 59 25.46 -22.67 -19.78
CA ILE H 59 24.03 -22.50 -19.99
C ILE H 59 23.49 -23.77 -20.62
N ARG H 60 22.33 -24.23 -20.13
CA ARG H 60 21.58 -25.29 -20.78
C ARG H 60 20.27 -24.74 -21.32
N PHE H 61 20.04 -24.90 -22.62
CA PHE H 61 18.80 -24.48 -23.28
C PHE H 61 17.70 -25.52 -23.15
N THR H 62 18.00 -26.79 -23.45
CA THR H 62 16.99 -27.85 -23.46
C THR H 62 17.66 -29.17 -23.08
N ALA H 63 16.85 -30.11 -22.60
CA ALA H 63 17.23 -31.53 -22.53
C ALA H 63 16.56 -32.28 -23.66
N MET H 64 17.29 -33.20 -24.29
CA MET H 64 16.82 -33.83 -25.52
C MET H 64 16.93 -35.35 -25.46
N GLY H 65 16.02 -36.00 -26.19
CA GLY H 65 16.04 -37.43 -26.35
C GLY H 65 15.59 -37.87 -27.72
N PHE H 66 16.38 -38.73 -28.38
CA PHE H 66 16.04 -39.27 -29.68
C PHE H 66 15.49 -40.68 -29.52
N TYR H 67 14.32 -40.92 -30.12
CA TYR H 67 13.62 -42.18 -30.05
C TYR H 67 13.52 -42.77 -31.45
N ALA H 68 13.53 -44.10 -31.51
CA ALA H 68 13.32 -44.80 -32.78
C ALA H 68 12.76 -46.17 -32.49
N GLU H 69 12.18 -46.79 -33.52
CA GLU H 69 11.75 -48.18 -33.40
C GLU H 69 12.96 -49.05 -33.06
N PRO H 70 12.80 -50.03 -32.17
CA PRO H 70 13.97 -50.85 -31.76
C PRO H 70 14.72 -51.45 -32.93
N SER H 71 14.03 -51.71 -34.04
CA SER H 71 14.64 -52.30 -35.23
C SER H 71 15.71 -51.42 -35.86
N ILE H 72 15.92 -50.19 -35.36
CA ILE H 72 16.86 -49.27 -35.99
C ILE H 72 18.26 -49.87 -36.01
N SER H 73 18.68 -50.50 -34.91
CA SER H 73 20.04 -51.01 -34.79
C SER H 73 20.37 -51.97 -35.92
N GLU H 74 19.39 -52.78 -36.34
CA GLU H 74 19.58 -53.70 -37.45
C GLU H 74 20.05 -52.97 -38.70
N HIS H 75 19.47 -51.80 -39.00
CA HIS H 75 19.76 -51.08 -40.23
C HIS H 75 21.15 -50.45 -40.25
N LEU H 76 21.84 -50.36 -39.11
CA LEU H 76 23.14 -49.70 -39.09
C LEU H 76 24.23 -50.66 -38.61
N GLN H 77 24.33 -51.82 -39.26
CA GLN H 77 25.24 -52.86 -38.80
C GLN H 77 26.70 -52.51 -39.02
N LYS H 78 27.02 -51.82 -40.13
CA LYS H 78 28.43 -51.54 -40.44
C LYS H 78 29.10 -50.70 -39.36
N TRP H 79 28.33 -50.09 -38.45
CA TRP H 79 28.91 -49.24 -37.42
C TRP H 79 29.10 -49.96 -36.09
N LYS H 80 28.35 -51.03 -35.83
CA LYS H 80 28.49 -51.78 -34.59
C LYS H 80 29.92 -52.27 -34.41
N GLY H 81 30.46 -52.03 -33.22
CA GLY H 81 31.83 -52.37 -32.91
C GLY H 81 32.84 -51.28 -33.16
N LYS H 82 32.50 -50.28 -33.96
CA LYS H 82 33.44 -49.20 -34.22
C LYS H 82 33.44 -48.20 -33.07
N ALA H 83 34.41 -47.29 -33.11
CA ALA H 83 34.52 -46.26 -32.08
C ALA H 83 33.60 -45.09 -32.40
N VAL H 84 33.04 -44.48 -31.35
CA VAL H 84 32.13 -43.35 -31.53
C VAL H 84 32.80 -42.24 -32.33
N SER H 85 34.10 -42.05 -32.12
CA SER H 85 34.86 -41.06 -32.88
C SER H 85 34.69 -41.27 -34.39
N GLU H 86 34.69 -42.53 -34.83
CA GLU H 86 34.49 -42.81 -36.24
C GLU H 86 33.09 -42.39 -36.69
N LEU H 87 32.07 -42.85 -35.96
CA LEU H 87 30.67 -42.60 -36.36
C LEU H 87 30.36 -41.11 -36.43
N VAL H 88 30.83 -40.32 -35.45
CA VAL H 88 30.49 -38.89 -35.43
C VAL H 88 31.45 -38.03 -36.23
N GLU H 89 32.55 -38.59 -36.74
CA GLU H 89 33.51 -37.84 -37.54
C GLU H 89 32.84 -37.19 -38.75
N ASP H 90 33.46 -36.10 -39.23
CA ASP H 90 32.84 -35.15 -40.15
C ASP H 90 32.58 -35.68 -41.56
N ASP H 91 32.99 -36.90 -41.91
CA ASP H 91 32.54 -37.46 -43.19
C ASP H 91 32.32 -38.95 -43.11
N SER H 92 31.91 -39.46 -41.94
CA SER H 92 31.70 -40.90 -41.79
C SER H 92 30.57 -41.40 -42.68
N GLY H 93 29.56 -40.58 -42.92
CA GLY H 93 28.32 -41.03 -43.53
C GLY H 93 27.30 -41.56 -42.56
N PHE H 94 27.68 -41.81 -41.31
CA PHE H 94 26.74 -42.28 -40.30
C PHE H 94 25.59 -41.29 -40.12
N HIS H 95 25.87 -39.99 -40.21
CA HIS H 95 24.86 -38.97 -39.97
C HIS H 95 23.67 -39.13 -40.91
N LYS H 96 23.92 -38.99 -42.22
CA LYS H 96 22.85 -39.17 -43.19
C LYS H 96 22.26 -40.58 -43.14
N GLU H 97 23.11 -41.60 -42.94
CA GLU H 97 22.59 -42.96 -42.86
C GLU H 97 21.58 -43.09 -41.73
N LEU H 98 21.89 -42.49 -40.58
CA LEU H 98 20.98 -42.48 -39.44
C LEU H 98 19.72 -41.68 -39.75
N ILE H 99 19.87 -40.57 -40.47
CA ILE H 99 18.73 -39.76 -40.86
C ILE H 99 17.80 -40.53 -41.79
N GLN H 100 18.36 -41.32 -42.72
CA GLN H 100 17.58 -41.95 -43.77
C GLN H 100 17.03 -43.33 -43.41
N VAL H 101 17.40 -43.87 -42.24
CA VAL H 101 16.93 -45.19 -41.80
C VAL H 101 15.40 -45.26 -41.89
N PRO H 102 14.84 -46.30 -42.51
CA PRO H 102 13.39 -46.37 -42.70
C PRO H 102 12.63 -46.90 -41.49
N VAL H 103 12.69 -46.15 -40.39
CA VAL H 103 11.89 -46.44 -39.19
C VAL H 103 11.23 -45.16 -38.71
N GLU H 104 10.18 -45.31 -37.90
CA GLU H 104 9.60 -44.18 -37.21
C GLU H 104 10.54 -43.65 -36.13
N LYS H 105 10.70 -42.33 -36.08
CA LYS H 105 11.59 -41.68 -35.14
C LYS H 105 10.88 -40.53 -34.47
N ALA H 106 11.41 -40.14 -33.31
CA ALA H 106 10.85 -39.04 -32.55
C ALA H 106 11.97 -38.37 -31.77
N VAL H 107 11.74 -37.09 -31.46
CA VAL H 107 12.60 -36.30 -30.59
C VAL H 107 11.71 -35.67 -29.54
N ARG H 108 12.11 -35.77 -28.28
CA ARG H 108 11.45 -35.05 -27.20
C ARG H 108 12.39 -33.96 -26.72
N ILE H 109 11.88 -32.73 -26.62
CA ILE H 109 12.64 -31.59 -26.14
C ILE H 109 11.96 -31.09 -24.87
N SER H 110 12.74 -31.01 -23.79
CA SER H 110 12.28 -30.46 -22.53
C SER H 110 12.98 -29.13 -22.31
N ILE H 111 12.20 -28.05 -22.22
CA ILE H 111 12.80 -26.71 -22.14
C ILE H 111 13.43 -26.51 -20.77
N ILE H 112 14.69 -26.12 -20.76
CA ILE H 112 15.36 -25.72 -19.52
C ILE H 112 15.33 -24.21 -19.34
N LYS H 113 15.81 -23.47 -20.34
CA LYS H 113 15.76 -22.02 -20.33
C LYS H 113 14.46 -21.56 -20.98
N GLY H 114 13.52 -21.08 -20.16
CA GLY H 114 12.27 -20.55 -20.65
C GLY H 114 12.48 -19.50 -21.73
N ILE H 115 11.78 -19.64 -22.85
CA ILE H 115 11.86 -18.71 -23.97
C ILE H 115 10.47 -18.60 -24.58
N LYS H 116 10.29 -17.59 -25.43
CA LYS H 116 9.00 -17.36 -26.05
C LYS H 116 8.88 -18.15 -27.35
N GLY H 117 7.62 -18.45 -27.72
CA GLY H 117 7.40 -19.29 -28.90
C GLY H 117 7.93 -18.69 -30.18
N LEU H 118 7.78 -17.37 -30.35
CA LEU H 118 8.24 -16.73 -31.57
C LEU H 118 9.75 -16.78 -31.75
N PRO H 119 10.59 -16.43 -30.75
CA PRO H 119 12.03 -16.62 -30.95
C PRO H 119 12.40 -18.07 -31.23
N TYR H 120 11.74 -19.02 -30.56
CA TYR H 120 12.07 -20.41 -30.80
C TYR H 120 11.77 -20.79 -32.25
N GLY H 121 10.53 -20.58 -32.69
CA GLY H 121 10.17 -20.91 -34.07
C GLY H 121 11.02 -20.16 -35.08
N SER H 122 11.31 -18.88 -34.80
CA SER H 122 12.08 -18.09 -35.75
C SER H 122 13.51 -18.58 -35.85
N ALA H 123 14.08 -19.05 -34.74
CA ALA H 123 15.41 -19.64 -34.78
C ALA H 123 15.39 -20.99 -35.50
N LEU H 124 14.33 -21.78 -35.30
CA LEU H 124 14.12 -22.97 -36.13
C LEU H 124 14.09 -22.60 -37.61
N GLN H 125 13.32 -21.57 -37.96
CA GLN H 125 13.19 -21.18 -39.36
C GLN H 125 14.56 -20.91 -39.98
N SER H 126 15.39 -20.13 -39.29
CA SER H 126 16.65 -19.73 -39.91
C SER H 126 17.65 -20.87 -39.92
N SER H 127 17.59 -21.77 -38.94
CA SER H 127 18.45 -22.96 -38.94
C SER H 127 18.11 -23.87 -40.12
N LEU H 128 16.83 -24.17 -40.29
CA LEU H 128 16.40 -25.03 -41.40
C LEU H 128 16.64 -24.35 -42.74
N ARG H 129 16.42 -23.03 -42.81
CA ARG H 129 16.69 -22.29 -44.02
C ARG H 129 18.15 -22.41 -44.45
N ASP H 130 19.08 -22.22 -43.51
CA ASP H 130 20.50 -22.33 -43.85
C ASP H 130 20.82 -23.70 -44.43
N ARG H 131 20.22 -24.74 -43.88
CA ARG H 131 20.52 -26.10 -44.34
C ARG H 131 19.90 -26.36 -45.70
N LEU H 132 18.68 -25.84 -45.94
CA LEU H 132 18.03 -26.03 -47.23
C LEU H 132 18.72 -25.25 -48.32
N VAL H 133 19.19 -24.04 -48.03
CA VAL H 133 19.92 -23.26 -49.03
C VAL H 133 21.24 -23.95 -49.39
N ASN H 134 21.90 -24.54 -48.39
CA ASN H 134 23.14 -25.26 -48.66
C ASN H 134 22.90 -26.47 -49.56
N ASP H 135 21.74 -27.10 -49.46
CA ASP H 135 21.42 -28.28 -50.24
C ASP H 135 20.70 -27.97 -51.55
N ASP H 136 20.64 -26.69 -51.94
CA ASP H 136 19.92 -26.28 -53.14
C ASP H 136 18.46 -26.75 -53.11
N LYS H 137 17.86 -26.75 -51.91
CA LYS H 137 16.50 -27.22 -51.72
C LYS H 137 15.58 -26.16 -51.17
N PHE H 138 15.94 -24.88 -51.25
CA PHE H 138 15.13 -23.83 -50.65
C PHE H 138 14.44 -23.04 -51.76
N GLU H 139 13.16 -23.35 -52.01
CA GLU H 139 12.33 -22.62 -52.94
C GLU H 139 11.09 -22.10 -52.21
N GLU H 140 10.14 -21.56 -52.98
CA GLU H 140 8.99 -20.90 -52.36
C GLU H 140 8.15 -21.86 -51.55
N GLU H 141 8.11 -23.14 -51.93
CA GLU H 141 7.35 -24.12 -51.16
C GLU H 141 7.96 -24.32 -49.78
N GLU H 142 9.28 -24.49 -49.71
CA GLU H 142 9.94 -24.63 -48.41
C GLU H 142 9.86 -23.33 -47.61
N GLU H 143 10.06 -22.20 -48.27
CA GLU H 143 9.90 -20.91 -47.61
C GLU H 143 8.55 -20.82 -46.92
N GLU H 144 7.48 -21.13 -47.64
CA GLU H 144 6.14 -21.04 -47.08
C GLU H 144 5.96 -22.00 -45.92
N ALA H 145 6.46 -23.24 -46.06
CA ALA H 145 6.38 -24.22 -44.98
C ALA H 145 7.05 -23.71 -43.71
N LEU H 146 8.17 -23.01 -43.84
CA LEU H 146 8.83 -22.47 -42.64
C LEU H 146 8.05 -21.30 -42.03
N GLU H 147 7.48 -20.43 -42.88
CA GLU H 147 6.60 -19.38 -42.36
C GLU H 147 5.45 -19.95 -41.55
N LYS H 148 4.79 -20.99 -42.07
CA LYS H 148 3.69 -21.59 -41.30
C LYS H 148 4.20 -22.25 -40.01
N LEU H 149 5.42 -22.78 -40.02
CA LEU H 149 5.96 -23.36 -38.79
C LEU H 149 6.17 -22.28 -37.72
N VAL H 150 6.73 -21.13 -38.11
CA VAL H 150 6.89 -20.03 -37.16
C VAL H 150 5.52 -19.57 -36.67
N GLU H 151 4.52 -19.51 -37.55
CA GLU H 151 3.20 -19.08 -37.13
C GLU H 151 2.54 -20.09 -36.19
N PHE H 152 2.83 -21.39 -36.33
CA PHE H 152 2.37 -22.33 -35.31
C PHE H 152 2.98 -22.02 -33.94
N PHE H 153 4.28 -21.71 -33.90
CA PHE H 153 4.95 -21.48 -32.61
C PHE H 153 4.73 -20.10 -32.01
N GLN H 154 4.45 -19.08 -32.83
CA GLN H 154 4.49 -17.71 -32.29
C GLN H 154 3.45 -17.41 -31.21
N PRO H 155 2.25 -18.00 -31.16
CA PRO H 155 1.34 -17.69 -30.04
C PRO H 155 1.71 -18.38 -28.74
N HIS H 156 2.58 -19.39 -28.77
CA HIS H 156 2.90 -20.18 -27.59
C HIS H 156 4.01 -19.51 -26.77
N ASN H 157 4.05 -19.87 -25.50
CA ASN H 157 5.18 -19.62 -24.60
C ASN H 157 5.84 -20.95 -24.28
N LEU H 158 7.17 -20.95 -24.18
CA LEU H 158 7.92 -22.17 -23.89
C LEU H 158 8.62 -22.00 -22.55
N PRO H 159 7.88 -22.04 -21.45
CA PRO H 159 8.49 -21.88 -20.14
C PRO H 159 9.30 -23.11 -19.76
N LYS H 160 10.14 -22.95 -18.74
CA LYS H 160 10.85 -24.10 -18.17
C LYS H 160 9.86 -25.22 -17.93
N GLY H 161 10.20 -26.42 -18.41
CA GLY H 161 9.35 -27.60 -18.26
C GLY H 161 8.56 -27.99 -19.49
N ALA H 162 8.30 -27.05 -20.40
CA ALA H 162 7.49 -27.32 -21.59
C ALA H 162 8.11 -28.41 -22.45
N ASN H 163 7.28 -29.26 -23.01
CA ASN H 163 7.71 -30.40 -23.81
C ASN H 163 7.28 -30.24 -25.26
N ILE H 164 8.20 -30.48 -26.19
CA ILE H 164 7.90 -30.55 -27.61
C ILE H 164 8.24 -31.95 -28.09
N ILE H 165 7.31 -32.57 -28.84
CA ILE H 165 7.55 -33.85 -29.49
C ILE H 165 7.56 -33.62 -31.00
N TYR H 166 8.65 -33.99 -31.65
CA TYR H 166 8.71 -34.09 -33.10
C TYR H 166 8.64 -35.57 -33.45
N HIS H 167 7.68 -35.96 -34.28
CA HIS H 167 7.47 -37.37 -34.58
C HIS H 167 7.48 -37.55 -36.10
N TRP H 168 8.48 -38.27 -36.60
CA TRP H 168 8.57 -38.65 -38.01
C TRP H 168 7.94 -40.04 -38.18
N ALA H 169 6.60 -40.05 -38.30
CA ALA H 169 5.88 -41.29 -38.58
C ALA H 169 6.18 -41.78 -39.99
N THR H 170 6.24 -40.87 -40.95
CA THR H 170 6.85 -41.09 -42.24
C THR H 170 8.12 -40.24 -42.29
N PRO H 171 9.04 -40.52 -43.22
CA PRO H 171 10.23 -39.65 -43.32
C PRO H 171 9.91 -38.29 -43.93
N ASP H 172 8.71 -38.11 -44.48
CA ASP H 172 8.34 -36.89 -45.20
C ASP H 172 7.35 -36.02 -44.43
N THR H 173 7.01 -36.37 -43.19
CA THR H 173 6.17 -35.51 -42.37
C THR H 173 6.74 -35.46 -40.96
N VAL H 174 6.34 -34.42 -40.22
CA VAL H 174 6.70 -34.27 -38.80
C VAL H 174 5.44 -33.88 -38.06
N LYS H 175 4.99 -34.74 -37.16
CA LYS H 175 3.91 -34.39 -36.25
C LYS H 175 4.50 -33.72 -35.02
N ILE H 176 4.00 -32.52 -34.72
CA ILE H 176 4.48 -31.70 -33.60
C ILE H 176 3.42 -31.73 -32.50
N SER H 177 3.81 -32.16 -31.31
CA SER H 177 2.97 -32.07 -30.13
C SER H 177 3.69 -31.23 -29.08
N LEU H 178 2.93 -30.47 -28.32
CA LEU H 178 3.51 -29.47 -27.43
C LEU H 178 2.64 -29.28 -26.21
N SER H 179 3.27 -29.36 -25.04
CA SER H 179 2.60 -29.05 -23.77
C SER H 179 3.42 -27.97 -23.05
N GLU H 180 2.86 -26.77 -22.94
CA GLU H 180 3.54 -25.70 -22.22
C GLU H 180 3.71 -26.03 -20.74
N GLU H 181 2.70 -26.64 -20.14
CA GLU H 181 2.69 -26.91 -18.70
C GLU H 181 3.60 -28.06 -18.29
N GLY H 182 4.21 -28.77 -19.24
CA GLY H 182 5.18 -29.77 -18.90
C GLY H 182 4.65 -31.20 -18.79
N LYS H 183 3.38 -31.43 -19.10
CA LYS H 183 2.88 -32.79 -19.23
C LYS H 183 3.35 -33.39 -20.55
N ILE H 184 3.20 -34.71 -20.69
CA ILE H 184 3.46 -35.33 -21.98
C ILE H 184 2.20 -35.18 -22.81
N PRO H 185 2.28 -34.52 -23.96
CA PRO H 185 1.06 -34.24 -24.74
C PRO H 185 0.47 -35.50 -25.33
N ASP H 186 -0.86 -35.54 -25.39
CA ASP H 186 -1.58 -36.71 -25.89
C ASP H 186 -2.21 -36.49 -27.27
N GLU H 187 -1.91 -35.37 -27.93
CA GLU H 187 -2.53 -35.04 -29.20
C GLU H 187 -1.57 -34.19 -30.02
N VAL H 188 -1.63 -34.36 -31.33
CA VAL H 188 -0.79 -33.60 -32.26
C VAL H 188 -1.39 -32.21 -32.44
N SER H 189 -0.55 -31.18 -32.38
CA SER H 189 -0.98 -29.80 -32.56
C SER H 189 -0.71 -29.24 -33.94
N TYR H 190 0.28 -29.77 -34.66
CA TYR H 190 0.70 -29.22 -35.94
C TYR H 190 1.40 -30.33 -36.72
N THR H 191 1.33 -30.26 -38.04
CA THR H 191 2.01 -31.22 -38.88
C THR H 191 2.77 -30.50 -39.99
N ILE H 192 4.08 -30.72 -40.04
CA ILE H 192 4.90 -30.31 -41.17
C ILE H 192 4.67 -31.31 -42.30
N GLU H 193 4.23 -30.81 -43.46
CA GLU H 193 3.90 -31.68 -44.59
C GLU H 193 4.83 -31.43 -45.78
N ASP H 194 6.02 -30.88 -45.54
CA ASP H 194 7.03 -30.66 -46.56
C ASP H 194 8.18 -31.62 -46.31
N ALA H 195 8.52 -32.43 -47.32
CA ALA H 195 9.52 -33.48 -47.11
C ALA H 195 10.91 -32.91 -46.86
N ASN H 196 11.28 -31.85 -47.58
CA ASN H 196 12.62 -31.29 -47.41
C ASN H 196 12.78 -30.67 -46.03
N VAL H 197 11.72 -30.02 -45.52
CA VAL H 197 11.74 -29.47 -44.18
C VAL H 197 11.85 -30.58 -43.16
N ALA H 198 11.05 -31.63 -43.31
CA ALA H 198 11.11 -32.77 -42.39
C ALA H 198 12.51 -33.31 -42.28
N GLU H 199 13.18 -33.52 -43.43
CA GLU H 199 14.55 -34.01 -43.42
C GLU H 199 15.48 -32.99 -42.76
N ALA H 200 15.34 -31.71 -43.13
CA ALA H 200 16.20 -30.68 -42.60
C ALA H 200 16.12 -30.62 -41.07
N LEU H 201 14.92 -30.85 -40.54
CA LEU H 201 14.73 -30.83 -39.09
C LEU H 201 15.46 -31.99 -38.42
N LEU H 202 15.45 -33.17 -39.06
CA LEU H 202 16.23 -34.28 -38.55
C LEU H 202 17.73 -33.96 -38.59
N ASP H 203 18.18 -33.34 -39.67
CA ASP H 203 19.58 -32.93 -39.82
C ASP H 203 19.99 -31.92 -38.76
N LEU H 204 19.05 -31.11 -38.27
CA LEU H 204 19.38 -30.13 -37.25
C LEU H 204 19.89 -30.80 -35.97
N TYR H 205 19.35 -31.98 -35.66
CA TYR H 205 19.72 -32.69 -34.44
C TYR H 205 20.69 -33.83 -34.66
N LEU H 206 20.63 -34.49 -35.81
CA LEU H 206 21.46 -35.67 -36.08
C LEU H 206 22.51 -35.44 -37.14
N GLY H 207 22.53 -34.29 -37.79
CA GLY H 207 23.47 -34.04 -38.85
C GLY H 207 24.86 -33.69 -38.35
N GLU H 208 25.77 -33.51 -39.31
CA GLU H 208 27.15 -33.17 -38.99
C GLU H 208 27.26 -31.85 -38.25
N ASN H 209 26.35 -30.92 -38.51
CA ASN H 209 26.35 -29.62 -37.85
C ASN H 209 25.23 -29.54 -36.83
N THR H 210 24.95 -30.68 -36.20
CA THR H 210 23.92 -30.77 -35.19
C THR H 210 24.07 -29.68 -34.14
N ILE H 211 22.94 -29.15 -33.69
CA ILE H 211 22.97 -28.20 -32.57
C ILE H 211 23.11 -28.90 -31.24
N THR H 212 23.13 -30.24 -31.23
CA THR H 212 23.32 -31.01 -30.01
C THR H 212 24.31 -32.12 -30.27
N PRO H 213 25.60 -31.80 -30.31
CA PRO H 213 26.61 -32.88 -30.40
C PRO H 213 26.53 -33.89 -29.27
N SER H 214 25.92 -33.52 -28.14
CA SER H 214 25.77 -34.48 -27.05
C SER H 214 24.75 -35.57 -27.39
N THR H 215 23.59 -35.19 -27.94
CA THR H 215 22.61 -36.21 -28.30
C THR H 215 23.12 -37.12 -29.41
N LEU H 216 23.84 -36.55 -30.38
CA LEU H 216 24.36 -37.35 -31.48
C LEU H 216 25.36 -38.40 -31.00
N SER H 217 26.35 -37.98 -30.19
CA SER H 217 27.30 -38.93 -29.61
C SER H 217 26.59 -40.03 -28.83
N SER H 218 25.57 -39.68 -28.06
CA SER H 218 24.84 -40.67 -27.27
C SER H 218 24.12 -41.67 -28.16
N VAL H 219 23.57 -41.21 -29.29
CA VAL H 219 22.98 -42.12 -30.26
C VAL H 219 24.05 -43.00 -30.88
N ALA H 220 25.16 -42.38 -31.29
CA ALA H 220 26.29 -43.15 -31.82
C ALA H 220 26.77 -44.23 -30.85
N GLU H 221 26.84 -43.91 -29.55
CA GLU H 221 27.27 -44.90 -28.57
C GLU H 221 26.37 -46.12 -28.58
N ALA H 222 25.05 -45.91 -28.45
CA ALA H 222 24.12 -47.02 -28.41
C ALA H 222 24.17 -47.88 -29.66
N ILE H 223 24.49 -47.26 -30.81
CA ILE H 223 24.60 -48.02 -32.05
C ILE H 223 25.88 -48.84 -32.07
N ALA H 224 27.02 -48.20 -31.84
CA ALA H 224 28.32 -48.86 -31.95
C ALA H 224 28.62 -49.83 -30.80
N ALA H 225 27.75 -49.95 -29.81
CA ALA H 225 27.98 -50.84 -28.68
C ALA H 225 27.14 -52.12 -28.81
#